data_8UT4
#
_entry.id   8UT4
#
_cell.length_a   1.00
_cell.length_b   1.00
_cell.length_c   1.00
_cell.angle_alpha   90.00
_cell.angle_beta   90.00
_cell.angle_gamma   90.00
#
_symmetry.space_group_name_H-M   'P 1'
#
loop_
_entity.id
_entity.type
_entity.pdbx_description
1 polymer 'Hemagglutinin HA1 chain'
2 polymer 'Hemagglutinin HA2 chain'
3 polymer '09-1B12 HC Fv'
4 polymer '09-1B12 LC Fv'
5 non-polymer 2-acetamido-2-deoxy-beta-D-glucopyranose
#
loop_
_entity_poly.entity_id
_entity_poly.type
_entity_poly.pdbx_seq_one_letter_code
_entity_poly.pdbx_strand_id
1 'polypeptide(L)'
;ADTLCIGYHANNSTDTVDTVLEKNVTVTHSVNLLEDKHNGKLCKLRGVAPLHLGKCNIAGWILGNPECESLSTASSWSYI
VETSNSDNGTCYPGDFINYEELREQLSSVSSFERFEIFPKTSSWPNHDSNKGVTAACPHAGAKSFYKNLIWLVKKGNSYP
KLNQSYINDKGKEVLVLWGIHHPSTTADQQSLYQNADAYVFVGTSRYSKKFKPEIATRPKVRDQEGRMNYYWTLVEPGDK
ITFEATGNLVVPRYAFTMERNAGSGIIISDTPVHDCNTTCQTPEGAINTSLPFQNIHPITIGKCPKYVKSTKLRLATGLR
NVPS
;
A,C,E
2 'polypeptide(L)'
;IQSRGLFGAIAGFIEGGWTGMVDGWYGYHHQNEQGSGYAADLKSTQNAIDKITNKVNSVIEKMNTQFTAVGKEFNHLEKR
IENLNKKVDDGFLDIWTYNAELLVLLENERTLDYHDSNVKNLYEKVRNQLKNNAKEIGNGCFEFYHKCDNTCMESVKNGT
YDYPKYSEEAKLNREKIDGVKGALEVLFQGPGSHHHHHHHHLGGSGYIPEAPRDGQAYVRKDGEWVLLSTFLGSGGGLND
IFEAQKIEWH
;
B,D,F
3 'polypeptide(L)'
;QVQLVQSAPEVKRPGASVRLSCKASGYTFNTYGIIWVRQAPGQGLEWMGWISAYTGNTNYAQKVQGRVTMTTDITTSTAY
LELRGLRSDDTAVYYCARGLLQGAVILDSYHYALDFWGQGTTVTVSS
;
I
4 'polypeptide(L)'
;EIVLTQSPGTLSLSPGERATLSCRASQSVTNRFIAWYQHKPGQSPRLLIYGASSRATGIPDRFSGRGSGTDFTLTISRLE
PEDFAVYYCQQYDTSPRWTFGQGTKLEIK
;
H
#
loop_
_chem_comp.id
_chem_comp.type
_chem_comp.name
_chem_comp.formula
NAG D-saccharide, beta linking 2-acetamido-2-deoxy-beta-D-glucopyranose 'C8 H15 N O6'
#
# COMPACT_ATOMS: atom_id res chain seq x y z
N ASP A 2 -24.94 -49.59 -26.76
CA ASP A 2 -24.85 -48.18 -27.06
C ASP A 2 -24.52 -47.40 -25.79
N THR A 3 -23.40 -46.68 -25.79
CA THR A 3 -22.98 -45.88 -24.64
C THR A 3 -22.70 -44.45 -25.08
N LEU A 4 -23.28 -43.49 -24.36
CA LEU A 4 -23.00 -42.07 -24.54
C LEU A 4 -22.24 -41.60 -23.31
N CYS A 5 -21.37 -40.62 -23.49
CA CYS A 5 -20.55 -40.10 -22.39
C CYS A 5 -20.60 -38.58 -22.36
N ILE A 6 -20.42 -38.05 -21.16
CA ILE A 6 -20.23 -36.61 -20.92
C ILE A 6 -18.81 -36.41 -20.41
N GLY A 7 -18.19 -35.34 -20.85
CA GLY A 7 -16.85 -35.02 -20.43
C GLY A 7 -16.57 -33.57 -20.67
N TYR A 8 -15.29 -33.22 -20.68
CA TYR A 8 -14.89 -31.82 -20.83
C TYR A 8 -13.65 -31.73 -21.72
N HIS A 9 -13.52 -30.56 -22.35
CA HIS A 9 -12.43 -30.26 -23.28
C HIS A 9 -11.05 -30.29 -22.64
N ALA A 10 -10.09 -30.86 -23.37
CA ALA A 10 -8.69 -30.84 -23.02
C ALA A 10 -7.90 -30.59 -24.30
N ASN A 11 -6.72 -30.00 -24.17
CA ASN A 11 -5.86 -29.74 -25.32
C ASN A 11 -4.41 -29.64 -24.86
N ASN A 12 -3.52 -29.40 -25.83
CA ASN A 12 -2.08 -29.27 -25.58
C ASN A 12 -1.70 -27.84 -25.16
N SER A 13 -2.29 -27.37 -24.07
CA SER A 13 -1.94 -26.06 -23.52
C SER A 13 -0.81 -26.19 -22.49
N THR A 14 0.07 -25.21 -22.49
CA THR A 14 1.20 -25.16 -21.56
C THR A 14 1.08 -24.02 -20.55
N ASP A 15 -0.04 -23.29 -20.55
CA ASP A 15 -0.24 -22.14 -19.68
C ASP A 15 -0.79 -22.64 -18.36
N THR A 16 -0.16 -22.24 -17.25
CA THR A 16 -0.55 -22.68 -15.91
C THR A 16 -1.04 -21.51 -15.08
N VAL A 17 -1.84 -21.84 -14.06
CA VAL A 17 -2.40 -20.88 -13.11
C VAL A 17 -2.22 -21.38 -11.70
N ASP A 18 -2.33 -20.46 -10.75
CA ASP A 18 -2.36 -20.74 -9.32
C ASP A 18 -3.75 -20.42 -8.79
N THR A 19 -4.13 -21.10 -7.70
CA THR A 19 -5.38 -20.81 -7.00
C THR A 19 -5.10 -20.76 -5.50
N VAL A 20 -6.11 -20.29 -4.74
CA VAL A 20 -5.97 -20.28 -3.29
C VAL A 20 -5.87 -21.68 -2.73
N LEU A 21 -6.49 -22.67 -3.38
CA LEU A 21 -6.47 -24.05 -2.91
C LEU A 21 -5.40 -24.91 -3.59
N GLU A 22 -5.05 -24.63 -4.85
CA GLU A 22 -4.06 -25.42 -5.59
C GLU A 22 -3.12 -24.46 -6.31
N LYS A 23 -1.91 -24.93 -6.57
CA LYS A 23 -0.91 -24.21 -7.33
C LYS A 23 -0.55 -25.00 -8.58
N ASN A 24 -0.12 -24.28 -9.61
CA ASN A 24 0.34 -24.85 -10.87
C ASN A 24 -0.68 -25.81 -11.49
N VAL A 25 -1.85 -25.26 -11.80
CA VAL A 25 -2.92 -26.00 -12.44
C VAL A 25 -2.84 -25.68 -13.93
N THR A 26 -3.40 -26.55 -14.76
CA THR A 26 -3.29 -26.40 -16.22
C THR A 26 -4.64 -25.97 -16.78
N VAL A 27 -4.62 -24.93 -17.61
CA VAL A 27 -5.81 -24.27 -18.14
C VAL A 27 -5.79 -24.33 -19.66
N THR A 28 -6.92 -24.72 -20.26
CA THR A 28 -6.97 -24.86 -21.71
C THR A 28 -6.70 -23.52 -22.40
N HIS A 29 -7.31 -22.43 -21.92
CA HIS A 29 -7.02 -21.08 -22.38
C HIS A 29 -7.02 -20.16 -21.16
N SER A 30 -6.13 -19.18 -21.16
CA SER A 30 -6.05 -18.20 -20.09
C SER A 30 -5.80 -16.82 -20.68
N VAL A 31 -6.32 -15.80 -20.00
CA VAL A 31 -6.10 -14.41 -20.36
C VAL A 31 -5.10 -13.84 -19.38
N ASN A 32 -3.98 -13.35 -19.90
CA ASN A 32 -2.92 -12.78 -19.07
C ASN A 32 -3.32 -11.36 -18.68
N LEU A 33 -3.56 -11.13 -17.39
CA LEU A 33 -3.97 -9.82 -16.91
C LEU A 33 -2.78 -8.91 -16.59
N LEU A 34 -1.55 -9.43 -16.67
CA LEU A 34 -0.34 -8.69 -16.35
C LEU A 34 0.41 -8.42 -17.65
N GLU A 35 0.68 -7.15 -17.93
CA GLU A 35 1.41 -6.77 -19.13
C GLU A 35 2.89 -6.74 -18.77
N ASP A 36 3.68 -7.60 -19.44
CA ASP A 36 5.12 -7.68 -19.23
C ASP A 36 5.91 -7.38 -20.50
N LYS A 37 5.25 -6.92 -21.56
CA LYS A 37 5.89 -6.57 -22.82
C LYS A 37 5.74 -5.08 -23.07
N HIS A 38 6.67 -4.54 -23.84
CA HIS A 38 6.62 -3.15 -24.26
C HIS A 38 7.36 -3.01 -25.58
N ASN A 39 7.21 -1.84 -26.21
CA ASN A 39 7.82 -1.61 -27.52
C ASN A 39 9.33 -1.47 -27.43
N GLY A 40 9.87 -1.07 -26.29
CA GLY A 40 11.28 -0.79 -26.19
C GLY A 40 11.70 0.53 -26.77
N LYS A 41 10.73 1.37 -27.14
CA LYS A 41 10.96 2.65 -27.77
C LYS A 41 10.04 3.68 -27.14
N LEU A 42 10.49 4.93 -27.09
CA LEU A 42 9.65 6.01 -26.61
C LEU A 42 8.83 6.50 -27.81
N CYS A 43 7.57 6.84 -27.57
CA CYS A 43 6.68 7.24 -28.66
C CYS A 43 5.82 8.43 -28.26
N LYS A 44 4.91 8.78 -29.17
CA LYS A 44 4.00 9.90 -28.95
C LYS A 44 2.97 9.52 -27.91
N LEU A 45 2.68 10.44 -26.99
CA LEU A 45 1.71 10.24 -25.93
C LEU A 45 0.51 11.14 -26.18
N ARG A 46 -0.67 10.52 -26.26
CA ARG A 46 -1.94 11.19 -26.59
C ARG A 46 -1.89 11.91 -27.93
N GLY A 47 -1.11 11.38 -28.87
CA GLY A 47 -1.03 11.94 -30.21
C GLY A 47 -0.08 13.11 -30.38
N VAL A 48 0.59 13.54 -29.32
CA VAL A 48 1.51 14.68 -29.36
C VAL A 48 2.90 14.14 -29.03
N ALA A 49 3.88 14.48 -29.86
CA ALA A 49 5.21 13.98 -29.64
C ALA A 49 5.80 14.54 -28.34
N PRO A 50 6.67 13.81 -27.67
CA PRO A 50 7.39 14.38 -26.53
C PRO A 50 8.46 15.37 -26.97
N LEU A 51 8.88 16.18 -26.01
CA LEU A 51 10.07 17.00 -26.17
C LEU A 51 11.24 16.11 -25.76
N HIS A 52 12.10 15.78 -26.70
CA HIS A 52 13.23 14.90 -26.46
C HIS A 52 14.48 15.77 -26.37
N LEU A 53 15.10 15.78 -25.20
CA LEU A 53 16.25 16.63 -24.97
C LEU A 53 17.55 15.96 -25.39
N GLY A 54 17.57 14.64 -25.49
CA GLY A 54 18.73 13.94 -26.02
C GLY A 54 19.88 13.97 -25.04
N LYS A 55 20.53 15.13 -24.97
CA LYS A 55 21.66 15.37 -24.07
C LYS A 55 21.41 16.44 -23.02
N CYS A 56 20.38 17.26 -23.19
CA CYS A 56 20.17 18.45 -22.36
C CYS A 56 19.35 18.18 -21.10
N ASN A 57 19.67 18.93 -20.06
CA ASN A 57 18.90 19.00 -18.84
C ASN A 57 17.78 20.03 -19.02
N ILE A 58 16.77 19.95 -18.14
CA ILE A 58 15.69 20.95 -18.20
C ILE A 58 16.26 22.35 -18.02
N ALA A 59 17.18 22.52 -17.08
CA ALA A 59 17.80 23.83 -16.88
C ALA A 59 18.54 24.26 -18.14
N GLY A 60 19.26 23.33 -18.77
CA GLY A 60 19.98 23.67 -19.99
C GLY A 60 19.06 24.12 -21.10
N TRP A 61 18.05 23.30 -21.41
CA TRP A 61 17.14 23.62 -22.50
C TRP A 61 16.37 24.91 -22.25
N ILE A 62 15.80 25.09 -21.06
CA ILE A 62 14.95 26.26 -20.86
C ILE A 62 15.80 27.52 -20.73
N LEU A 63 17.00 27.43 -20.14
CA LEU A 63 17.92 28.57 -20.12
C LEU A 63 18.63 28.78 -21.44
N GLY A 64 18.81 27.73 -22.25
CA GLY A 64 19.50 27.91 -23.51
C GLY A 64 21.00 27.67 -23.45
N ASN A 65 21.40 26.59 -22.78
CA ASN A 65 22.81 26.22 -22.68
C ASN A 65 23.44 26.19 -24.08
N PRO A 66 24.65 26.78 -24.27
CA PRO A 66 25.24 26.76 -25.63
C PRO A 66 25.34 25.41 -26.30
N GLU A 67 25.53 24.33 -25.55
CA GLU A 67 25.58 23.02 -26.17
C GLU A 67 24.20 22.46 -26.44
N CYS A 68 23.13 23.19 -26.11
CA CYS A 68 21.77 22.75 -26.28
C CYS A 68 21.05 23.48 -27.41
N GLU A 69 21.76 24.34 -28.14
CA GLU A 69 21.14 25.11 -29.23
C GLU A 69 20.70 24.24 -30.40
N SER A 70 21.24 23.03 -30.53
CA SER A 70 20.90 22.19 -31.67
C SER A 70 19.54 21.53 -31.58
N LEU A 71 18.85 21.61 -30.44
CA LEU A 71 17.54 20.98 -30.33
C LEU A 71 16.50 21.83 -31.04
N SER A 72 15.49 21.15 -31.58
CA SER A 72 14.37 21.85 -32.19
C SER A 72 13.50 22.45 -31.10
N THR A 73 12.65 23.41 -31.48
CA THR A 73 11.71 24.04 -30.57
C THR A 73 10.31 23.55 -30.93
N ALA A 74 9.76 22.70 -30.06
CA ALA A 74 8.43 22.15 -30.27
C ALA A 74 7.38 23.18 -29.92
N SER A 75 6.28 23.17 -30.67
CA SER A 75 5.16 24.04 -30.32
C SER A 75 4.37 23.46 -29.16
N SER A 76 4.40 22.14 -28.99
CA SER A 76 3.75 21.48 -27.87
C SER A 76 4.43 20.14 -27.65
N TRP A 77 4.27 19.61 -26.45
CA TRP A 77 4.77 18.27 -26.16
C TRP A 77 3.92 17.67 -25.05
N SER A 78 3.87 16.34 -25.02
CA SER A 78 3.13 15.65 -23.97
C SER A 78 3.99 15.50 -22.73
N TYR A 79 5.25 15.08 -22.91
CA TYR A 79 6.17 14.82 -21.80
C TYR A 79 7.58 15.12 -22.26
N ILE A 80 8.50 15.22 -21.30
CA ILE A 80 9.90 15.54 -21.55
C ILE A 80 10.75 14.32 -21.24
N VAL A 81 11.71 14.06 -22.12
CA VAL A 81 12.64 12.94 -22.03
C VAL A 81 14.04 13.47 -21.77
N GLU A 82 14.69 12.96 -20.72
CA GLU A 82 16.06 13.28 -20.37
C GLU A 82 16.89 12.01 -20.47
N THR A 83 18.17 12.18 -20.76
CA THR A 83 19.10 11.06 -20.76
C THR A 83 19.76 10.91 -19.39
N SER A 84 20.45 9.79 -19.21
CA SER A 84 21.20 9.58 -17.98
C SER A 84 22.45 10.45 -17.91
N ASN A 85 22.86 11.05 -19.04
CA ASN A 85 24.04 11.92 -19.10
C ASN A 85 23.67 13.40 -19.13
N SER A 86 22.44 13.74 -18.73
CA SER A 86 21.94 15.11 -18.80
C SER A 86 22.55 15.99 -17.71
N ASP A 87 23.87 16.16 -17.79
CA ASP A 87 24.60 17.00 -16.85
C ASP A 87 24.76 18.42 -17.41
N ASN A 88 24.45 18.63 -18.70
CA ASN A 88 24.54 19.95 -19.30
C ASN A 88 23.32 20.73 -18.81
N GLY A 89 23.50 21.41 -17.67
CA GLY A 89 22.45 22.14 -17.00
C GLY A 89 22.88 23.54 -16.64
N THR A 90 22.94 23.83 -15.34
CA THR A 90 23.32 25.14 -14.83
C THR A 90 24.85 25.23 -14.90
N CYS A 91 25.35 25.66 -16.06
CA CYS A 91 26.79 25.58 -16.30
C CYS A 91 27.57 26.53 -15.41
N TYR A 92 26.97 27.66 -15.04
CA TYR A 92 27.62 28.59 -14.13
C TYR A 92 27.09 28.23 -12.76
N PRO A 93 27.91 27.72 -11.83
CA PRO A 93 27.36 27.07 -10.63
C PRO A 93 26.51 28.00 -9.79
N GLY A 94 25.47 27.44 -9.19
CA GLY A 94 24.61 28.20 -8.33
C GLY A 94 23.39 27.40 -7.96
N ASP A 95 22.53 28.05 -7.16
CA ASP A 95 21.31 27.43 -6.65
C ASP A 95 20.17 27.87 -7.55
N PHE A 96 19.56 26.91 -8.24
CA PHE A 96 18.43 27.20 -9.11
C PHE A 96 17.20 27.13 -8.20
N ILE A 97 16.56 28.26 -7.97
CA ILE A 97 15.49 28.34 -6.97
C ILE A 97 14.20 27.81 -7.57
N ASN A 98 13.54 26.92 -6.81
CA ASN A 98 12.30 26.27 -7.25
C ASN A 98 12.50 25.55 -8.57
N TYR A 99 13.63 24.86 -8.71
CA TYR A 99 13.92 24.14 -9.93
C TYR A 99 12.95 22.98 -10.15
N GLU A 100 12.66 22.23 -9.08
CA GLU A 100 11.76 21.10 -9.18
C GLU A 100 10.35 21.55 -9.57
N GLU A 101 9.93 22.72 -9.06
CA GLU A 101 8.63 23.26 -9.42
C GLU A 101 8.59 23.65 -10.89
N LEU A 102 9.70 24.19 -11.40
CA LEU A 102 9.76 24.53 -12.82
C LEU A 102 9.68 23.28 -13.67
N ARG A 103 10.37 22.22 -13.26
CA ARG A 103 10.31 20.97 -14.02
C ARG A 103 8.90 20.42 -14.03
N GLU A 104 8.19 20.54 -12.91
CA GLU A 104 6.81 20.06 -12.85
C GLU A 104 5.89 20.89 -13.72
N GLN A 105 6.06 22.21 -13.72
CA GLN A 105 5.20 23.09 -14.49
C GLN A 105 5.36 22.88 -15.99
N LEU A 106 6.59 22.62 -16.44
CA LEU A 106 6.89 22.42 -17.85
C LEU A 106 6.68 21.00 -18.36
N SER A 107 6.26 20.06 -17.50
CA SER A 107 6.18 18.67 -17.92
C SER A 107 5.20 18.42 -19.06
N SER A 108 4.14 19.22 -19.18
CA SER A 108 3.16 19.02 -20.24
C SER A 108 2.61 20.37 -20.68
N VAL A 109 2.82 20.70 -21.96
CA VAL A 109 2.42 22.00 -22.51
C VAL A 109 1.65 21.78 -23.81
N SER A 110 0.47 22.41 -23.92
CA SER A 110 -0.35 22.29 -25.12
C SER A 110 0.07 23.26 -26.22
N SER A 111 0.66 24.40 -25.85
CA SER A 111 1.13 25.39 -26.80
C SER A 111 2.33 26.05 -26.15
N PHE A 112 3.45 26.13 -26.88
CA PHE A 112 4.69 26.68 -26.35
C PHE A 112 5.40 27.45 -27.45
N GLU A 113 5.83 28.68 -27.16
CA GLU A 113 6.53 29.51 -28.14
C GLU A 113 7.65 30.30 -27.48
N ARG A 114 8.80 30.35 -28.15
CA ARG A 114 9.92 31.17 -27.70
C ARG A 114 9.71 32.58 -28.22
N PHE A 115 9.47 33.53 -27.32
CA PHE A 115 9.16 34.92 -27.66
C PHE A 115 10.27 35.81 -27.13
N GLU A 116 10.70 36.78 -27.92
CA GLU A 116 11.76 37.69 -27.49
C GLU A 116 11.14 38.80 -26.67
N ILE A 117 11.38 38.75 -25.36
CA ILE A 117 10.73 39.64 -24.40
C ILE A 117 11.37 41.03 -24.37
N PHE A 118 12.70 41.11 -24.44
CA PHE A 118 13.44 42.37 -24.36
C PHE A 118 14.44 42.45 -25.50
N PRO A 119 14.08 43.05 -26.65
CA PRO A 119 14.95 43.01 -27.83
C PRO A 119 16.40 43.41 -27.56
N LYS A 120 17.31 42.58 -28.08
CA LYS A 120 18.74 42.72 -27.80
C LYS A 120 19.29 44.08 -28.21
N THR A 121 18.81 44.65 -29.31
CA THR A 121 19.40 45.86 -29.87
C THR A 121 18.71 47.15 -29.44
N SER A 122 17.63 47.11 -28.67
CA SER A 122 16.91 48.32 -28.28
C SER A 122 16.50 48.38 -26.81
N SER A 123 16.44 47.27 -26.08
CA SER A 123 15.92 47.30 -24.72
C SER A 123 16.92 47.76 -23.67
N TRP A 124 18.23 47.68 -23.92
CA TRP A 124 19.25 48.08 -22.94
C TRP A 124 20.29 48.98 -23.60
N PRO A 125 19.90 50.17 -24.04
CA PRO A 125 20.88 51.06 -24.70
C PRO A 125 21.94 51.60 -23.74
N ASN A 126 21.73 51.50 -22.43
CA ASN A 126 22.66 52.06 -21.44
C ASN A 126 23.56 51.02 -20.79
N HIS A 127 23.56 49.77 -21.28
CA HIS A 127 24.34 48.70 -20.69
C HIS A 127 25.01 47.91 -21.81
N ASP A 128 26.07 47.20 -21.45
CA ASP A 128 26.82 46.35 -22.38
C ASP A 128 26.24 44.96 -22.37
N SER A 129 25.62 44.57 -23.49
CA SER A 129 24.97 43.27 -23.64
C SER A 129 25.81 42.29 -24.46
N ASN A 130 27.00 42.68 -24.89
CA ASN A 130 27.86 41.82 -25.70
C ASN A 130 28.85 41.04 -24.86
N LYS A 131 29.22 41.56 -23.70
CA LYS A 131 30.09 40.86 -22.77
C LYS A 131 29.22 39.97 -21.88
N GLY A 132 29.82 39.34 -20.88
CA GLY A 132 29.12 38.42 -20.02
C GLY A 132 29.29 36.97 -20.42
N VAL A 133 30.21 36.67 -21.32
CA VAL A 133 30.52 35.31 -21.74
C VAL A 133 31.58 34.78 -20.79
N THR A 134 31.46 33.50 -20.41
CA THR A 134 32.36 32.89 -19.45
C THR A 134 32.89 31.57 -19.98
N ALA A 135 33.86 31.03 -19.24
CA ALA A 135 34.51 29.75 -19.54
C ALA A 135 33.78 28.57 -18.93
N ALA A 136 32.74 28.79 -18.14
CA ALA A 136 32.01 27.68 -17.54
C ALA A 136 31.35 26.79 -18.59
N CYS A 137 30.91 27.36 -19.72
CA CYS A 137 30.28 26.59 -20.80
C CYS A 137 30.54 27.24 -22.15
N PRO A 138 31.77 27.18 -22.63
CA PRO A 138 32.09 27.77 -23.93
C PRO A 138 31.49 26.93 -25.04
N HIS A 139 31.41 27.53 -26.24
CA HIS A 139 30.87 26.85 -27.41
C HIS A 139 31.86 26.99 -28.56
N ALA A 140 32.25 25.85 -29.13
CA ALA A 140 33.28 25.77 -30.16
C ALA A 140 34.61 26.33 -29.65
N GLY A 141 34.87 26.15 -28.36
CA GLY A 141 36.11 26.58 -27.75
C GLY A 141 36.14 28.03 -27.32
N ALA A 142 35.15 28.83 -27.72
CA ALA A 142 35.07 30.25 -27.41
C ALA A 142 34.12 30.47 -26.24
N LYS A 143 34.45 31.47 -25.41
CA LYS A 143 33.57 31.85 -24.32
C LYS A 143 32.21 32.25 -24.85
N SER A 144 31.15 31.80 -24.17
CA SER A 144 29.78 32.09 -24.58
C SER A 144 28.93 32.18 -23.32
N PHE A 145 27.62 32.23 -23.49
CA PHE A 145 26.68 32.36 -22.38
C PHE A 145 25.35 31.77 -22.82
N TYR A 146 24.37 31.77 -21.92
CA TYR A 146 23.05 31.24 -22.23
C TYR A 146 22.39 31.99 -23.37
N LYS A 147 21.67 31.24 -24.21
CA LYS A 147 20.98 31.85 -25.34
C LYS A 147 19.81 32.71 -24.88
N ASN A 148 19.10 32.30 -23.84
CA ASN A 148 17.89 32.99 -23.40
C ASN A 148 18.15 34.09 -22.38
N LEU A 149 19.37 34.20 -21.84
CA LEU A 149 19.70 35.23 -20.86
C LEU A 149 20.86 36.08 -21.34
N ILE A 150 20.86 37.34 -20.90
CA ILE A 150 21.94 38.28 -21.14
C ILE A 150 22.48 38.73 -19.79
N TRP A 151 23.77 38.56 -19.58
CA TRP A 151 24.44 38.98 -18.36
C TRP A 151 24.95 40.39 -18.61
N LEU A 152 24.28 41.38 -18.04
CA LEU A 152 24.67 42.76 -18.27
C LEU A 152 25.82 43.13 -17.36
N VAL A 153 26.78 43.86 -17.92
CA VAL A 153 27.93 44.38 -17.20
C VAL A 153 28.02 45.87 -17.47
N LYS A 154 28.91 46.53 -16.73
CA LYS A 154 29.09 47.96 -16.86
C LYS A 154 29.40 48.36 -18.30
N LYS A 155 28.76 49.44 -18.76
CA LYS A 155 29.03 49.93 -20.10
C LYS A 155 30.46 50.42 -20.20
N GLY A 156 30.98 51.00 -19.12
CA GLY A 156 32.33 51.50 -19.04
C GLY A 156 32.40 52.55 -17.96
N ASN A 157 33.00 52.18 -16.82
CA ASN A 157 33.15 53.02 -15.64
C ASN A 157 31.81 53.42 -15.02
N SER A 158 30.70 52.80 -15.44
CA SER A 158 29.39 53.12 -14.90
C SER A 158 28.43 51.98 -15.18
N TYR A 159 27.47 51.81 -14.28
CA TYR A 159 26.37 50.86 -14.44
C TYR A 159 25.08 51.64 -14.23
N PRO A 160 24.53 52.26 -15.27
CA PRO A 160 23.32 53.08 -15.10
C PRO A 160 22.16 52.27 -14.54
N LYS A 161 21.32 52.95 -13.77
CA LYS A 161 20.14 52.34 -13.17
C LYS A 161 19.29 51.64 -14.23
N LEU A 162 18.97 50.38 -13.98
CA LEU A 162 18.18 49.57 -14.90
C LEU A 162 16.74 49.51 -14.39
N ASN A 163 15.80 49.88 -15.26
CA ASN A 163 14.38 49.82 -14.92
C ASN A 163 13.64 49.48 -16.23
N GLN A 164 13.25 48.21 -16.37
CA GLN A 164 12.62 47.75 -17.61
C GLN A 164 11.43 46.89 -17.25
N SER A 165 10.26 47.25 -17.76
CA SER A 165 9.02 46.52 -17.54
C SER A 165 8.56 45.89 -18.85
N TYR A 166 7.71 44.88 -18.72
CA TYR A 166 7.08 44.22 -19.87
C TYR A 166 5.61 44.05 -19.56
N ILE A 167 4.76 44.37 -20.54
CA ILE A 167 3.32 44.19 -20.45
C ILE A 167 2.99 42.93 -21.22
N ASN A 168 2.26 42.01 -20.60
CA ASN A 168 1.96 40.73 -21.24
C ASN A 168 0.77 40.90 -22.18
N ASP A 169 1.06 41.11 -23.47
CA ASP A 169 0.02 41.29 -24.47
C ASP A 169 -0.40 39.99 -25.13
N LYS A 170 0.12 38.86 -24.67
CA LYS A 170 -0.25 37.56 -25.18
C LYS A 170 -1.49 37.06 -24.44
N GLY A 171 -2.21 36.14 -25.07
CA GLY A 171 -3.37 35.57 -24.41
C GLY A 171 -3.07 34.44 -23.45
N LYS A 172 -1.82 34.00 -23.40
CA LYS A 172 -1.37 32.89 -22.57
C LYS A 172 -0.39 33.39 -21.52
N GLU A 173 -0.16 32.55 -20.51
CA GLU A 173 0.83 32.89 -19.49
C GLU A 173 2.21 32.95 -20.11
N VAL A 174 3.05 33.82 -19.57
CA VAL A 174 4.43 33.98 -20.03
C VAL A 174 5.38 33.60 -18.91
N LEU A 175 6.25 32.64 -19.18
CA LEU A 175 7.27 32.19 -18.26
C LEU A 175 8.51 33.04 -18.50
N VAL A 176 8.92 33.79 -17.48
CA VAL A 176 10.04 34.72 -17.56
C VAL A 176 11.10 34.21 -16.61
N LEU A 177 12.31 34.04 -17.13
CA LEU A 177 13.47 33.58 -16.38
C LEU A 177 14.45 34.72 -16.15
N TRP A 178 15.20 34.66 -15.06
CA TRP A 178 16.27 35.61 -14.84
C TRP A 178 17.24 34.99 -13.85
N GLY A 179 18.37 35.65 -13.63
CA GLY A 179 19.30 35.22 -12.62
C GLY A 179 19.95 36.38 -11.91
N ILE A 180 20.60 36.05 -10.80
CA ILE A 180 21.30 37.00 -9.95
C ILE A 180 22.74 36.53 -9.85
N HIS A 181 23.68 37.44 -10.11
CA HIS A 181 25.10 37.11 -10.05
C HIS A 181 25.62 37.43 -8.66
N HIS A 182 26.46 36.54 -8.12
CA HIS A 182 27.06 36.65 -6.81
C HIS A 182 28.58 36.55 -6.98
N PRO A 183 29.27 37.67 -7.19
CA PRO A 183 30.72 37.62 -7.43
C PRO A 183 31.48 37.04 -6.24
N SER A 184 32.66 36.49 -6.54
CA SER A 184 33.47 35.88 -5.49
C SER A 184 34.01 36.91 -4.50
N THR A 185 34.49 38.05 -5.00
CA THR A 185 35.11 39.06 -4.17
C THR A 185 34.50 40.43 -4.48
N THR A 186 34.84 41.41 -3.64
CA THR A 186 34.37 42.76 -3.87
C THR A 186 35.06 43.38 -5.08
N ALA A 187 36.29 42.95 -5.38
CA ALA A 187 36.94 43.42 -6.59
C ALA A 187 36.20 42.93 -7.82
N ASP A 188 35.66 41.71 -7.77
CA ASP A 188 34.91 41.18 -8.91
C ASP A 188 33.59 41.94 -9.08
N GLN A 189 32.93 42.26 -7.97
CA GLN A 189 31.71 43.05 -8.01
C GLN A 189 32.00 44.42 -8.61
N GLN A 190 33.08 45.06 -8.17
CA GLN A 190 33.38 46.39 -8.69
C GLN A 190 33.78 46.33 -10.16
N SER A 191 34.51 45.30 -10.56
CA SER A 191 34.93 45.17 -11.95
C SER A 191 33.72 44.99 -12.87
N LEU A 192 32.80 44.10 -12.47
CA LEU A 192 31.60 43.88 -13.29
C LEU A 192 30.59 45.00 -13.14
N TYR A 193 30.39 45.49 -11.92
CA TYR A 193 29.37 46.50 -11.62
C TYR A 193 29.99 47.61 -10.80
N GLN A 194 30.08 48.82 -11.37
CA GLN A 194 30.66 49.96 -10.65
C GLN A 194 29.60 50.57 -9.75
N ASN A 195 29.22 49.82 -8.72
CA ASN A 195 28.19 50.25 -7.78
C ASN A 195 28.46 49.85 -6.34
N ALA A 196 29.53 49.10 -6.05
CA ALA A 196 29.76 48.57 -4.71
C ALA A 196 28.50 47.85 -4.24
N ASP A 197 27.84 48.33 -3.18
CA ASP A 197 26.61 47.71 -2.73
C ASP A 197 25.54 47.85 -3.81
N ALA A 198 24.80 46.77 -4.04
CA ALA A 198 23.80 46.72 -5.10
C ALA A 198 22.61 45.89 -4.63
N TYR A 199 21.49 46.08 -5.32
CA TYR A 199 20.28 45.32 -5.06
C TYR A 199 19.59 45.02 -6.38
N VAL A 200 18.74 44.01 -6.36
CA VAL A 200 17.90 43.65 -7.51
C VAL A 200 16.47 43.51 -7.01
N PHE A 201 15.52 44.08 -7.73
CA PHE A 201 14.10 43.94 -7.44
C PHE A 201 13.39 43.39 -8.67
N VAL A 202 12.56 42.38 -8.46
CA VAL A 202 11.74 41.82 -9.54
C VAL A 202 10.33 41.69 -9.00
N GLY A 203 9.34 42.06 -9.82
CA GLY A 203 7.98 41.84 -9.37
C GLY A 203 6.90 41.88 -10.42
N THR A 204 5.78 41.28 -10.05
CA THR A 204 4.58 41.13 -10.86
C THR A 204 3.39 41.47 -9.94
N SER A 205 2.18 41.14 -10.38
CA SER A 205 1.02 41.38 -9.53
C SER A 205 0.86 40.31 -8.44
N ARG A 206 1.61 39.20 -8.54
CA ARG A 206 1.62 38.13 -7.54
C ARG A 206 2.96 38.00 -6.84
N TYR A 207 4.04 38.26 -7.56
CA TYR A 207 5.41 38.03 -7.11
C TYR A 207 6.09 39.38 -6.89
N SER A 208 6.73 39.54 -5.75
CA SER A 208 7.49 40.76 -5.45
C SER A 208 8.65 40.38 -4.54
N LYS A 209 9.89 40.46 -5.04
CA LYS A 209 11.02 40.09 -4.19
C LYS A 209 12.25 40.92 -4.53
N LYS A 210 12.93 41.35 -3.47
CA LYS A 210 14.22 42.04 -3.54
C LYS A 210 15.34 41.08 -3.16
N PHE A 211 16.41 41.11 -3.95
CA PHE A 211 17.59 40.28 -3.79
C PHE A 211 18.76 41.20 -3.46
N LYS A 212 19.74 40.64 -2.74
CA LYS A 212 20.96 41.35 -2.39
C LYS A 212 22.15 40.45 -2.69
N PRO A 213 23.18 40.91 -3.40
CA PRO A 213 24.36 40.07 -3.64
C PRO A 213 25.01 39.61 -2.35
N GLU A 214 25.41 38.35 -2.32
CA GLU A 214 26.12 37.74 -1.20
C GLU A 214 27.53 37.47 -1.74
N ILE A 215 28.43 38.43 -1.50
CA ILE A 215 29.77 38.36 -2.04
C ILE A 215 30.62 37.53 -1.09
N ALA A 216 31.19 36.45 -1.60
CA ALA A 216 32.01 35.54 -0.81
C ALA A 216 32.69 34.56 -1.75
N THR A 217 33.83 34.03 -1.32
CA THR A 217 34.54 33.03 -2.09
C THR A 217 33.97 31.65 -1.78
N ARG A 218 33.58 30.94 -2.82
CA ARG A 218 33.04 29.60 -2.75
C ARG A 218 34.07 28.59 -3.21
N PRO A 219 33.85 27.31 -2.97
CA PRO A 219 34.70 26.29 -3.60
C PRO A 219 34.65 26.46 -5.11
N LYS A 220 35.79 26.22 -5.76
CA LYS A 220 35.86 26.42 -7.20
C LYS A 220 35.15 25.28 -7.92
N VAL A 221 34.16 25.62 -8.73
CA VAL A 221 33.38 24.67 -9.51
C VAL A 221 33.40 25.16 -10.95
N ARG A 222 33.86 24.32 -11.87
CA ARG A 222 33.99 24.67 -13.28
C ARG A 222 34.79 25.96 -13.47
N ASP A 223 35.87 26.09 -12.71
CA ASP A 223 36.83 27.20 -12.71
C ASP A 223 36.20 28.51 -12.22
N GLN A 224 34.95 28.50 -11.74
CA GLN A 224 34.30 29.70 -11.24
C GLN A 224 34.37 29.74 -9.72
N GLU A 225 34.58 30.96 -9.19
CA GLU A 225 34.61 31.19 -7.76
C GLU A 225 33.31 31.78 -7.23
N GLY A 226 32.54 32.46 -8.07
CA GLY A 226 31.27 33.04 -7.67
C GLY A 226 30.13 32.08 -7.97
N ARG A 227 28.91 32.58 -7.83
CA ARG A 227 27.73 31.78 -8.10
C ARG A 227 26.69 32.62 -8.83
N MET A 228 25.82 31.95 -9.57
CA MET A 228 24.71 32.59 -10.25
C MET A 228 23.44 31.85 -9.93
N ASN A 229 22.51 32.51 -9.24
CA ASN A 229 21.25 31.89 -8.87
C ASN A 229 20.24 32.16 -9.98
N TYR A 230 19.28 31.25 -10.15
CA TYR A 230 18.28 31.35 -11.19
C TYR A 230 16.89 31.42 -10.59
N TYR A 231 16.07 32.30 -11.15
CA TYR A 231 14.71 32.56 -10.71
C TYR A 231 13.79 32.54 -11.92
N TRP A 232 12.51 32.34 -11.66
CA TRP A 232 11.52 32.32 -12.72
C TRP A 232 10.16 32.72 -12.16
N THR A 233 9.28 33.17 -13.06
CA THR A 233 7.90 33.43 -12.65
C THR A 233 6.98 33.33 -13.86
N LEU A 234 5.71 33.07 -13.57
CA LEU A 234 4.65 33.01 -14.57
C LEU A 234 3.83 34.29 -14.51
N VAL A 235 3.82 35.05 -15.61
CA VAL A 235 3.07 36.29 -15.72
C VAL A 235 1.73 35.95 -16.37
N GLU A 236 0.65 36.24 -15.66
CA GLU A 236 -0.68 35.97 -16.18
C GLU A 236 -1.00 36.93 -17.33
N PRO A 237 -1.83 36.52 -18.30
CA PRO A 237 -2.18 37.45 -19.38
C PRO A 237 -2.86 38.69 -18.83
N GLY A 238 -2.45 39.85 -19.32
CA GLY A 238 -2.95 41.12 -18.84
C GLY A 238 -2.12 41.74 -17.74
N ASP A 239 -1.22 40.98 -17.13
CA ASP A 239 -0.36 41.45 -16.05
C ASP A 239 0.94 41.99 -16.66
N LYS A 240 1.84 42.49 -15.81
CA LYS A 240 3.13 42.99 -16.24
C LYS A 240 4.20 42.55 -15.25
N ILE A 241 5.42 42.42 -15.74
CA ILE A 241 6.59 42.10 -14.93
C ILE A 241 7.58 43.25 -15.02
N THR A 242 8.12 43.67 -13.88
CA THR A 242 9.08 44.76 -13.81
C THR A 242 10.39 44.26 -13.22
N PHE A 243 11.49 44.55 -13.94
CA PHE A 243 12.86 44.26 -13.51
C PHE A 243 13.53 45.58 -13.21
N GLU A 244 13.86 45.82 -11.94
CA GLU A 244 14.51 47.03 -11.48
C GLU A 244 15.80 46.61 -10.80
N ALA A 245 16.93 47.13 -11.25
CA ALA A 245 18.19 46.69 -10.66
C ALA A 245 19.27 47.75 -10.81
N THR A 246 20.22 47.70 -9.87
CA THR A 246 21.43 48.51 -9.90
C THR A 246 22.68 47.68 -10.20
N GLY A 247 22.52 46.38 -10.41
CA GLY A 247 23.64 45.51 -10.69
C GLY A 247 23.33 44.09 -10.28
N ASN A 248 24.21 43.18 -10.71
CA ASN A 248 24.14 41.77 -10.35
C ASN A 248 22.89 41.07 -10.88
N LEU A 249 22.20 41.67 -11.84
CA LEU A 249 21.02 41.07 -12.46
C LEU A 249 21.38 40.51 -13.83
N VAL A 250 21.00 39.25 -14.06
CA VAL A 250 21.08 38.62 -15.36
C VAL A 250 19.67 38.70 -15.93
N VAL A 251 19.51 39.41 -17.05
CA VAL A 251 18.17 39.76 -17.54
C VAL A 251 17.76 38.79 -18.64
N PRO A 252 16.46 38.51 -18.82
CA PRO A 252 16.07 37.66 -19.94
C PRO A 252 16.21 38.36 -21.28
N ARG A 253 16.48 37.55 -22.30
CA ARG A 253 16.39 37.96 -23.69
C ARG A 253 15.14 37.36 -24.28
N TYR A 254 14.95 36.07 -24.04
CA TYR A 254 13.79 35.32 -24.48
C TYR A 254 13.00 34.87 -23.25
N ALA A 255 11.70 34.73 -23.46
CA ALA A 255 10.76 34.26 -22.47
C ALA A 255 9.85 33.33 -23.23
N PHE A 256 9.14 32.44 -22.54
CA PHE A 256 8.32 31.46 -23.22
C PHE A 256 6.84 31.66 -22.96
N THR A 257 6.06 31.75 -24.03
CA THR A 257 4.61 31.85 -23.93
C THR A 257 4.10 30.43 -23.91
N MET A 258 3.29 30.09 -22.91
CA MET A 258 2.90 28.70 -22.73
C MET A 258 1.51 28.54 -22.13
N GLU A 259 0.81 27.52 -22.65
CA GLU A 259 -0.49 27.10 -22.12
C GLU A 259 -0.25 25.76 -21.44
N ARG A 260 -0.32 25.75 -20.11
CA ARG A 260 0.04 24.58 -19.32
C ARG A 260 -1.12 23.60 -19.18
N ASN A 261 -0.76 22.33 -19.10
CA ASN A 261 -1.65 21.22 -18.76
C ASN A 261 -1.31 20.72 -17.36
N ALA A 262 -2.06 19.70 -16.92
CA ALA A 262 -1.84 19.07 -15.62
C ALA A 262 -1.82 17.56 -15.83
N GLY A 263 -0.95 17.14 -16.73
CA GLY A 263 -0.86 15.76 -17.18
C GLY A 263 0.45 15.07 -16.85
N SER A 264 1.35 15.03 -17.81
CA SER A 264 2.54 14.21 -17.75
C SER A 264 3.58 14.76 -16.79
N GLY A 265 4.62 13.95 -16.60
CA GLY A 265 5.79 14.26 -15.77
C GLY A 265 7.04 14.23 -16.62
N ILE A 266 8.19 13.98 -15.99
CA ILE A 266 9.48 13.97 -16.67
C ILE A 266 10.01 12.53 -16.62
N ILE A 267 10.42 12.00 -17.77
CA ILE A 267 10.98 10.67 -17.87
C ILE A 267 12.48 10.81 -18.11
N ILE A 268 13.29 10.11 -17.31
CA ILE A 268 14.74 10.08 -17.49
C ILE A 268 15.05 8.69 -18.04
N SER A 269 15.50 8.62 -19.29
CA SER A 269 15.70 7.35 -19.95
C SER A 269 16.59 7.54 -21.18
N ASP A 270 17.35 6.49 -21.49
CA ASP A 270 18.18 6.45 -22.69
C ASP A 270 17.51 5.69 -23.84
N THR A 271 16.24 5.32 -23.67
CA THR A 271 15.51 4.62 -24.72
C THR A 271 15.29 5.54 -25.93
N PRO A 272 15.48 5.04 -27.16
CA PRO A 272 15.27 5.92 -28.33
C PRO A 272 13.80 6.27 -28.53
N VAL A 273 13.58 7.36 -29.26
CA VAL A 273 12.26 7.86 -29.60
C VAL A 273 11.85 7.34 -30.97
N HIS A 274 10.60 6.87 -31.08
CA HIS A 274 10.04 6.32 -32.30
C HIS A 274 8.63 6.91 -32.45
N ASP A 275 7.93 6.54 -33.53
CA ASP A 275 6.57 7.01 -33.81
C ASP A 275 5.56 5.91 -33.52
N CYS A 276 4.71 6.11 -32.51
CA CYS A 276 3.69 5.14 -32.14
C CYS A 276 2.49 5.90 -31.60
N ASN A 277 1.34 5.22 -31.57
CA ASN A 277 0.12 5.77 -30.97
C ASN A 277 -0.09 4.98 -29.69
N THR A 278 0.32 5.56 -28.56
CA THR A 278 0.13 4.96 -27.25
C THR A 278 -0.58 5.91 -26.32
N THR A 279 -0.97 5.38 -25.17
CA THR A 279 -1.57 6.15 -24.09
C THR A 279 -0.69 6.17 -22.86
N CYS A 280 0.34 5.32 -22.80
CA CYS A 280 1.21 5.17 -21.64
C CYS A 280 2.66 5.05 -22.03
N GLN A 281 3.51 5.80 -21.33
CA GLN A 281 4.94 5.80 -21.58
C GLN A 281 5.66 5.52 -20.25
N THR A 282 6.59 4.58 -20.29
CA THR A 282 7.46 4.26 -19.16
C THR A 282 8.89 4.52 -19.61
N PRO A 283 9.85 4.66 -18.69
CA PRO A 283 11.25 4.86 -19.13
C PRO A 283 11.78 3.74 -20.01
N GLU A 284 11.22 2.54 -19.91
CA GLU A 284 11.66 1.42 -20.73
C GLU A 284 10.96 1.36 -22.07
N GLY A 285 9.96 2.19 -22.33
CA GLY A 285 9.22 2.13 -23.58
C GLY A 285 7.73 2.37 -23.45
N ALA A 286 7.12 2.66 -24.60
CA ALA A 286 5.68 2.85 -24.70
C ALA A 286 4.97 1.52 -24.42
N ILE A 287 3.79 1.60 -23.81
CA ILE A 287 3.01 0.43 -23.47
C ILE A 287 1.72 0.48 -24.28
N ASN A 288 1.44 -0.60 -25.02
CA ASN A 288 0.20 -0.79 -25.76
C ASN A 288 -0.55 -1.96 -25.13
N THR A 289 -1.51 -1.67 -24.25
CA THR A 289 -2.19 -2.76 -23.56
C THR A 289 -3.55 -2.30 -23.05
N SER A 290 -4.43 -3.28 -22.88
CA SER A 290 -5.74 -3.11 -22.26
C SER A 290 -5.87 -3.84 -20.92
N LEU A 291 -4.77 -4.43 -20.42
CA LEU A 291 -4.79 -5.27 -19.23
C LEU A 291 -4.83 -4.44 -17.95
N PRO A 292 -5.44 -4.95 -16.87
CA PRO A 292 -5.49 -4.15 -15.63
C PRO A 292 -4.17 -3.97 -14.89
N PHE A 293 -3.17 -4.85 -15.07
CA PHE A 293 -1.92 -4.77 -14.31
C PHE A 293 -0.68 -4.83 -15.21
N GLN A 294 0.42 -4.26 -14.71
CA GLN A 294 1.72 -4.33 -15.38
C GLN A 294 2.80 -4.57 -14.34
N ASN A 295 3.93 -5.15 -14.78
CA ASN A 295 5.11 -5.33 -13.95
C ASN A 295 6.31 -4.72 -14.71
N ILE A 296 6.04 -3.70 -15.54
CA ILE A 296 7.11 -3.14 -16.36
C ILE A 296 7.92 -2.09 -15.61
N HIS A 297 7.27 -1.08 -14.99
CA HIS A 297 8.08 -0.10 -14.27
C HIS A 297 7.19 0.66 -13.29
N PRO A 298 7.65 0.96 -12.06
CA PRO A 298 6.80 1.75 -11.13
C PRO A 298 6.56 3.20 -11.54
N ILE A 299 7.37 3.75 -12.45
CA ILE A 299 7.25 5.14 -12.88
C ILE A 299 6.50 5.10 -14.21
N THR A 300 5.27 5.61 -14.19
CA THR A 300 4.35 5.51 -15.30
C THR A 300 3.78 6.88 -15.66
N ILE A 301 3.69 7.16 -16.96
CA ILE A 301 3.08 8.38 -17.47
C ILE A 301 1.89 8.01 -18.35
N GLY A 302 0.75 8.62 -18.07
CA GLY A 302 -0.48 8.42 -18.84
C GLY A 302 -1.47 7.43 -18.25
N LYS A 303 -2.41 7.03 -19.12
CA LYS A 303 -3.55 6.20 -18.71
C LYS A 303 -3.26 4.69 -18.78
N CYS A 304 -2.26 4.25 -18.00
CA CYS A 304 -1.78 2.86 -17.97
C CYS A 304 -2.19 2.03 -16.77
N PRO A 305 -2.12 0.70 -16.93
CA PRO A 305 -2.37 -0.22 -15.82
C PRO A 305 -1.48 0.03 -14.62
N LYS A 306 -1.96 -0.46 -13.48
CA LYS A 306 -1.27 -0.31 -12.20
C LYS A 306 -0.07 -1.24 -12.10
N TYR A 307 1.02 -0.71 -11.56
CA TYR A 307 2.24 -1.47 -11.39
C TYR A 307 2.18 -2.36 -10.15
N VAL A 308 2.49 -3.65 -10.35
CA VAL A 308 2.52 -4.64 -9.29
C VAL A 308 3.86 -5.37 -9.38
N LYS A 309 4.24 -6.00 -8.28
CA LYS A 309 5.46 -6.80 -8.22
C LYS A 309 5.25 -8.23 -8.70
N SER A 310 4.02 -8.61 -9.03
CA SER A 310 3.76 -9.97 -9.48
C SER A 310 4.46 -10.24 -10.80
N THR A 311 4.90 -11.48 -10.98
CA THR A 311 5.51 -11.93 -12.21
C THR A 311 4.57 -12.78 -13.05
N LYS A 312 3.37 -13.08 -12.55
CA LYS A 312 2.42 -13.91 -13.27
C LYS A 312 1.04 -13.67 -12.69
N LEU A 313 0.12 -13.17 -13.49
CA LEU A 313 -1.27 -12.96 -13.08
C LEU A 313 -2.21 -13.44 -14.18
N ARG A 314 -1.97 -14.65 -14.67
CA ARG A 314 -2.86 -15.21 -15.69
C ARG A 314 -4.17 -15.63 -15.04
N LEU A 315 -5.27 -15.21 -15.64
CA LEU A 315 -6.60 -15.51 -15.15
C LEU A 315 -7.08 -16.80 -15.77
N ALA A 316 -7.56 -17.72 -14.94
CA ALA A 316 -7.92 -19.06 -15.38
C ALA A 316 -9.29 -19.01 -16.07
N THR A 317 -9.28 -18.35 -17.24
CA THR A 317 -10.52 -18.16 -17.98
C THR A 317 -10.96 -19.45 -18.65
N GLY A 318 -10.07 -20.42 -18.80
CA GLY A 318 -10.38 -21.68 -19.43
C GLY A 318 -10.72 -22.76 -18.43
N LEU A 319 -10.73 -23.98 -18.94
CA LEU A 319 -11.10 -25.19 -18.22
C LEU A 319 -9.85 -25.95 -17.78
N ARG A 320 -10.00 -26.73 -16.71
CA ARG A 320 -8.91 -27.60 -16.27
C ARG A 320 -8.52 -28.58 -17.38
N ASN A 321 -7.23 -28.62 -17.71
CA ASN A 321 -6.69 -29.42 -18.81
C ASN A 321 -5.92 -30.58 -18.19
N VAL A 322 -6.53 -31.76 -18.16
CA VAL A 322 -5.90 -32.96 -17.63
C VAL A 322 -6.03 -34.07 -18.68
N PRO A 323 -5.04 -34.95 -18.86
CA PRO A 323 -5.19 -36.03 -19.84
C PRO A 323 -6.11 -37.12 -19.35
N SER A 324 -6.63 -37.89 -20.30
CA SER A 324 -7.44 -39.06 -20.00
C SER A 324 -7.35 -40.08 -21.13
N ILE B 14 -15.73 -38.73 -13.98
CA ILE B 14 -15.05 -38.36 -15.22
C ILE B 14 -13.57 -38.23 -14.89
N GLU B 15 -12.77 -39.19 -15.39
CA GLU B 15 -11.36 -39.25 -15.04
C GLU B 15 -10.62 -38.00 -15.49
N GLY B 16 -11.00 -37.43 -16.63
CA GLY B 16 -10.30 -36.28 -17.14
C GLY B 16 -10.94 -35.78 -18.41
N GLY B 17 -10.26 -34.82 -19.06
CA GLY B 17 -10.79 -34.19 -20.24
C GLY B 17 -10.44 -34.96 -21.51
N TRP B 18 -10.94 -34.46 -22.62
CA TRP B 18 -10.78 -35.09 -23.92
C TRP B 18 -9.99 -34.18 -24.85
N THR B 19 -9.10 -34.77 -25.66
CA THR B 19 -8.41 -34.02 -26.70
C THR B 19 -9.05 -34.22 -28.08
N GLY B 20 -9.97 -35.17 -28.21
CA GLY B 20 -10.71 -35.34 -29.46
C GLY B 20 -11.69 -34.20 -29.67
N MET B 21 -12.27 -33.70 -28.58
CA MET B 21 -13.31 -32.68 -28.61
C MET B 21 -12.68 -31.30 -28.76
N VAL B 22 -12.21 -31.02 -29.98
CA VAL B 22 -11.48 -29.79 -30.26
C VAL B 22 -12.40 -28.57 -30.21
N ASP B 23 -13.59 -28.64 -30.80
CA ASP B 23 -14.49 -27.49 -30.95
C ASP B 23 -15.58 -27.46 -29.86
N GLY B 24 -15.38 -26.60 -28.87
CA GLY B 24 -16.28 -26.42 -27.74
C GLY B 24 -15.71 -26.96 -26.45
N TRP B 25 -15.91 -26.22 -25.35
CA TRP B 25 -15.37 -26.63 -24.07
C TRP B 25 -16.10 -27.84 -23.50
N TYR B 26 -17.38 -27.96 -23.79
CA TYR B 26 -18.26 -28.98 -23.23
C TYR B 26 -18.94 -29.73 -24.35
N GLY B 27 -19.26 -30.99 -24.12
CA GLY B 27 -19.94 -31.78 -25.12
C GLY B 27 -20.08 -33.22 -24.68
N TYR B 28 -20.38 -34.07 -25.66
CA TYR B 28 -20.70 -35.47 -25.44
C TYR B 28 -19.96 -36.35 -26.41
N HIS B 29 -19.81 -37.61 -25.98
CA HIS B 29 -19.29 -38.69 -26.79
C HIS B 29 -20.46 -39.51 -27.29
N HIS B 30 -20.65 -39.56 -28.60
CA HIS B 30 -21.70 -40.32 -29.22
C HIS B 30 -21.09 -41.64 -29.66
N GLN B 31 -21.74 -42.74 -29.33
CA GLN B 31 -21.28 -44.04 -29.78
C GLN B 31 -22.46 -45.00 -29.78
N ASN B 32 -22.63 -45.70 -30.90
CA ASN B 32 -23.63 -46.73 -31.05
C ASN B 32 -23.13 -47.68 -32.14
N GLU B 33 -24.02 -48.56 -32.62
CA GLU B 33 -23.63 -49.52 -33.63
C GLU B 33 -23.68 -48.92 -35.03
N GLN B 34 -24.13 -47.66 -35.17
CA GLN B 34 -24.21 -46.96 -36.45
C GLN B 34 -23.06 -46.00 -36.67
N GLY B 35 -22.44 -45.48 -35.61
CA GLY B 35 -21.36 -44.53 -35.76
C GLY B 35 -20.90 -44.04 -34.40
N SER B 36 -19.90 -43.16 -34.43
CA SER B 36 -19.32 -42.61 -33.21
C SER B 36 -18.70 -41.26 -33.50
N GLY B 37 -18.40 -40.52 -32.43
CA GLY B 37 -17.78 -39.22 -32.56
C GLY B 37 -18.04 -38.36 -31.35
N TYR B 38 -17.59 -37.11 -31.44
CA TYR B 38 -17.74 -36.11 -30.39
C TYR B 38 -18.55 -34.95 -30.92
N ALA B 39 -19.33 -34.31 -30.04
CA ALA B 39 -20.08 -33.12 -30.45
C ALA B 39 -20.31 -32.20 -29.27
N ALA B 40 -20.39 -30.90 -29.55
CA ALA B 40 -20.60 -29.92 -28.49
C ALA B 40 -22.04 -29.81 -28.05
N ASP B 41 -22.22 -29.45 -26.78
CA ASP B 41 -23.49 -29.00 -26.22
C ASP B 41 -23.44 -27.49 -26.43
N LEU B 42 -23.97 -27.02 -27.55
CA LEU B 42 -23.68 -25.63 -27.94
C LEU B 42 -24.36 -24.63 -27.02
N LYS B 43 -25.50 -25.00 -26.42
CA LYS B 43 -26.18 -24.09 -25.51
C LYS B 43 -25.35 -23.83 -24.26
N SER B 44 -24.85 -24.90 -23.63
CA SER B 44 -24.08 -24.72 -22.41
C SER B 44 -22.71 -24.13 -22.70
N THR B 45 -22.10 -24.47 -23.83
CA THR B 45 -20.80 -23.88 -24.15
C THR B 45 -20.94 -22.40 -24.40
N GLN B 46 -21.98 -22.00 -25.14
CA GLN B 46 -22.16 -20.58 -25.40
C GLN B 46 -22.48 -19.83 -24.11
N ASN B 47 -23.27 -20.45 -23.22
CA ASN B 47 -23.56 -19.78 -21.95
C ASN B 47 -22.29 -19.60 -21.12
N ALA B 48 -21.45 -20.63 -21.06
CA ALA B 48 -20.20 -20.52 -20.33
C ALA B 48 -19.27 -19.50 -20.96
N ILE B 49 -19.20 -19.47 -22.29
CA ILE B 49 -18.31 -18.53 -22.96
C ILE B 49 -18.77 -17.10 -22.73
N ASP B 50 -20.08 -16.82 -22.86
CA ASP B 50 -20.53 -15.45 -22.67
C ASP B 50 -20.32 -15.02 -21.22
N LYS B 51 -20.56 -15.93 -20.26
CA LYS B 51 -20.38 -15.56 -18.85
C LYS B 51 -18.91 -15.34 -18.52
N ILE B 52 -18.00 -16.17 -19.05
CA ILE B 52 -16.58 -15.98 -18.74
C ILE B 52 -16.05 -14.74 -19.44
N THR B 53 -16.44 -14.51 -20.69
CA THR B 53 -16.03 -13.29 -21.38
C THR B 53 -16.50 -12.07 -20.61
N ASN B 54 -17.73 -12.11 -20.10
CA ASN B 54 -18.23 -11.01 -19.29
C ASN B 54 -17.42 -10.87 -18.02
N LYS B 55 -17.02 -11.99 -17.42
CA LYS B 55 -16.20 -11.94 -16.21
C LYS B 55 -14.88 -11.23 -16.50
N VAL B 56 -14.26 -11.56 -17.63
CA VAL B 56 -13.00 -10.93 -18.00
C VAL B 56 -13.22 -9.45 -18.27
N ASN B 57 -14.30 -9.12 -18.99
CA ASN B 57 -14.58 -7.74 -19.31
C ASN B 57 -14.85 -6.94 -18.07
N SER B 58 -15.49 -7.54 -17.06
CA SER B 58 -15.72 -6.85 -15.80
C SER B 58 -14.41 -6.64 -15.04
N VAL B 59 -13.52 -7.63 -15.04
CA VAL B 59 -12.25 -7.46 -14.34
C VAL B 59 -11.42 -6.35 -14.97
N ILE B 60 -11.37 -6.28 -16.30
CA ILE B 60 -10.53 -5.27 -16.96
C ILE B 60 -11.23 -3.91 -17.03
N GLU B 61 -12.50 -3.88 -17.46
CA GLU B 61 -13.22 -2.63 -17.68
C GLU B 61 -13.32 -1.76 -16.43
N LYS B 62 -13.41 -2.37 -15.25
CA LYS B 62 -13.66 -1.60 -14.04
C LYS B 62 -12.43 -0.89 -13.50
N MET B 63 -11.27 -1.01 -14.15
CA MET B 63 -10.12 -0.25 -13.70
C MET B 63 -10.33 1.21 -14.08
N ASN B 64 -10.23 2.11 -13.09
CA ASN B 64 -10.41 3.53 -13.35
C ASN B 64 -9.05 4.16 -13.69
N THR B 65 -8.52 3.75 -14.83
CA THR B 65 -7.22 4.28 -15.25
C THR B 65 -7.39 5.76 -15.59
N GLN B 66 -6.53 6.58 -15.01
CA GLN B 66 -6.54 8.03 -15.20
C GLN B 66 -5.21 8.47 -15.77
N PHE B 67 -5.20 9.64 -16.41
CA PHE B 67 -3.97 10.19 -16.97
C PHE B 67 -3.22 10.81 -15.81
N THR B 68 -2.14 10.14 -15.39
CA THR B 68 -1.36 10.52 -14.23
C THR B 68 0.11 10.67 -14.62
N ALA B 69 0.90 11.14 -13.65
CA ALA B 69 2.35 11.26 -13.79
C ALA B 69 2.93 10.73 -12.49
N VAL B 70 3.14 9.42 -12.43
CA VAL B 70 3.58 8.78 -11.20
C VAL B 70 5.07 9.01 -11.06
N GLY B 71 5.48 9.44 -9.87
CA GLY B 71 6.88 9.66 -9.57
C GLY B 71 7.24 11.13 -9.65
N LYS B 72 7.65 11.69 -8.51
CA LYS B 72 8.02 13.09 -8.42
C LYS B 72 9.47 13.18 -7.96
N GLU B 73 10.19 14.17 -8.47
CA GLU B 73 11.57 14.42 -8.06
C GLU B 73 11.62 15.58 -7.07
N PHE B 74 12.47 15.45 -6.07
CA PHE B 74 12.58 16.42 -4.99
C PHE B 74 14.02 16.81 -4.73
N ASN B 75 14.18 17.98 -4.12
CA ASN B 75 15.48 18.48 -3.70
C ASN B 75 15.99 17.70 -2.50
N HIS B 76 17.32 17.75 -2.30
CA HIS B 76 17.93 17.04 -1.19
C HIS B 76 17.50 17.57 0.18
N LEU B 77 16.90 18.75 0.24
CA LEU B 77 16.37 19.31 1.48
C LEU B 77 14.88 19.05 1.65
N GLU B 78 14.30 18.18 0.81
CA GLU B 78 12.90 17.76 0.88
C GLU B 78 12.83 16.26 1.03
N LYS B 79 13.75 15.71 1.83
CA LYS B 79 13.85 14.26 1.96
C LYS B 79 12.59 13.69 2.59
N ARG B 80 11.97 14.42 3.52
CA ARG B 80 10.75 13.90 4.14
C ARG B 80 9.61 13.82 3.13
N ILE B 81 9.56 14.76 2.19
CA ILE B 81 8.50 14.74 1.20
C ILE B 81 8.76 13.63 0.19
N GLU B 82 10.03 13.48 -0.25
CA GLU B 82 10.37 12.39 -1.14
C GLU B 82 10.05 11.05 -0.50
N ASN B 83 10.31 10.93 0.81
CA ASN B 83 9.97 9.70 1.52
C ASN B 83 8.47 9.54 1.64
N LEU B 84 7.72 10.63 1.68
CA LEU B 84 6.27 10.50 1.69
C LEU B 84 5.76 10.02 0.33
N ASN B 85 6.33 10.56 -0.74
CA ASN B 85 5.98 10.09 -2.08
C ASN B 85 6.31 8.61 -2.23
N LYS B 86 7.48 8.20 -1.73
CA LYS B 86 7.86 6.80 -1.76
C LYS B 86 6.89 5.97 -0.92
N LYS B 87 6.52 6.46 0.27
CA LYS B 87 5.57 5.76 1.11
C LYS B 87 4.24 5.55 0.40
N VAL B 88 3.78 6.58 -0.32
CA VAL B 88 2.52 6.46 -1.06
C VAL B 88 2.66 5.45 -2.18
N ASP B 89 3.77 5.51 -2.92
CA ASP B 89 3.97 4.57 -4.02
C ASP B 89 4.07 3.14 -3.50
N ASP B 90 4.73 2.96 -2.35
CA ASP B 90 4.89 1.63 -1.78
C ASP B 90 3.56 1.12 -1.24
N GLY B 91 2.77 1.99 -0.61
CA GLY B 91 1.48 1.56 -0.11
C GLY B 91 0.55 1.17 -1.24
N PHE B 92 0.52 1.97 -2.30
CA PHE B 92 -0.34 1.64 -3.44
C PHE B 92 0.17 0.37 -4.12
N LEU B 93 1.49 0.20 -4.19
CA LEU B 93 2.05 -1.00 -4.79
C LEU B 93 1.67 -2.23 -3.99
N ASP B 94 1.74 -2.13 -2.66
CA ASP B 94 1.38 -3.27 -1.82
C ASP B 94 -0.11 -3.57 -1.89
N ILE B 95 -0.93 -2.52 -1.94
CA ILE B 95 -2.38 -2.73 -2.01
C ILE B 95 -2.75 -3.38 -3.33
N TRP B 96 -2.21 -2.86 -4.44
CA TRP B 96 -2.55 -3.40 -5.74
C TRP B 96 -1.97 -4.80 -5.93
N THR B 97 -0.77 -5.06 -5.41
CA THR B 97 -0.18 -6.38 -5.56
C THR B 97 -0.96 -7.40 -4.74
N TYR B 98 -1.25 -7.09 -3.49
CA TYR B 98 -1.96 -8.03 -2.62
C TYR B 98 -3.36 -8.30 -3.16
N ASN B 99 -4.09 -7.23 -3.52
CA ASN B 99 -5.45 -7.45 -4.01
C ASN B 99 -5.45 -8.09 -5.39
N ALA B 100 -4.50 -7.76 -6.26
CA ALA B 100 -4.46 -8.39 -7.57
C ALA B 100 -4.16 -9.88 -7.45
N GLU B 101 -3.24 -10.25 -6.56
CA GLU B 101 -2.89 -11.65 -6.43
C GLU B 101 -3.99 -12.44 -5.75
N LEU B 102 -4.63 -11.88 -4.71
CA LEU B 102 -5.73 -12.61 -4.11
C LEU B 102 -6.95 -12.62 -5.02
N LEU B 103 -7.14 -11.57 -5.82
CA LEU B 103 -8.24 -11.52 -6.77
C LEU B 103 -8.07 -12.59 -7.84
N VAL B 104 -6.85 -12.69 -8.40
CA VAL B 104 -6.63 -13.69 -9.44
C VAL B 104 -6.73 -15.09 -8.87
N LEU B 105 -6.18 -15.33 -7.68
CA LEU B 105 -6.26 -16.66 -7.10
C LEU B 105 -7.72 -17.04 -6.79
N LEU B 106 -8.50 -16.09 -6.29
CA LEU B 106 -9.90 -16.37 -5.98
C LEU B 106 -10.71 -16.56 -7.25
N GLU B 107 -10.49 -15.71 -8.26
CA GLU B 107 -11.22 -15.87 -9.51
C GLU B 107 -10.85 -17.17 -10.19
N ASN B 108 -9.59 -17.60 -10.08
CA ASN B 108 -9.20 -18.85 -10.71
C ASN B 108 -9.85 -20.04 -10.02
N GLU B 109 -9.92 -19.99 -8.68
CA GLU B 109 -10.58 -21.09 -7.98
C GLU B 109 -12.06 -21.09 -8.27
N ARG B 110 -12.69 -19.92 -8.29
CA ARG B 110 -14.13 -19.85 -8.52
C ARG B 110 -14.45 -20.24 -9.96
N THR B 111 -13.59 -19.88 -10.92
CA THR B 111 -13.83 -20.24 -12.30
C THR B 111 -13.69 -21.75 -12.49
N LEU B 112 -12.66 -22.36 -11.90
CA LEU B 112 -12.50 -23.80 -12.06
C LEU B 112 -13.64 -24.55 -11.35
N ASP B 113 -14.08 -24.05 -10.20
CA ASP B 113 -15.22 -24.67 -9.53
C ASP B 113 -16.48 -24.48 -10.35
N TYR B 114 -16.62 -23.31 -10.97
CA TYR B 114 -17.74 -23.04 -11.87
C TYR B 114 -17.75 -24.07 -12.99
N HIS B 115 -16.59 -24.31 -13.61
CA HIS B 115 -16.54 -25.23 -14.74
C HIS B 115 -16.93 -26.64 -14.30
N ASP B 116 -16.50 -27.04 -13.10
CA ASP B 116 -16.86 -28.37 -12.63
C ASP B 116 -18.35 -28.44 -12.29
N SER B 117 -18.89 -27.38 -11.69
CA SER B 117 -20.32 -27.34 -11.43
C SER B 117 -21.11 -27.33 -12.73
N ASN B 118 -20.61 -26.63 -13.75
CA ASN B 118 -21.29 -26.46 -15.02
C ASN B 118 -21.01 -27.61 -15.97
N VAL B 119 -20.37 -28.67 -15.50
CA VAL B 119 -20.39 -29.96 -16.18
C VAL B 119 -21.16 -31.00 -15.37
N LYS B 120 -20.98 -31.01 -14.05
CA LYS B 120 -21.72 -31.95 -13.21
C LYS B 120 -23.22 -31.66 -13.30
N ASN B 121 -23.62 -30.38 -13.36
CA ASN B 121 -25.04 -30.08 -13.42
C ASN B 121 -25.64 -30.54 -14.74
N LEU B 122 -24.83 -30.62 -15.80
CA LEU B 122 -25.34 -31.13 -17.06
C LEU B 122 -25.44 -32.65 -16.98
N TYR B 123 -24.47 -33.28 -16.31
CA TYR B 123 -24.56 -34.71 -16.04
C TYR B 123 -25.85 -35.03 -15.30
N GLU B 124 -26.15 -34.24 -14.25
CA GLU B 124 -27.38 -34.40 -13.50
C GLU B 124 -28.60 -34.11 -14.38
N LYS B 125 -28.51 -33.11 -15.25
CA LYS B 125 -29.59 -32.84 -16.20
C LYS B 125 -29.87 -34.07 -17.04
N VAL B 126 -28.82 -34.75 -17.50
CA VAL B 126 -28.99 -35.96 -18.31
C VAL B 126 -29.67 -37.03 -17.45
N ARG B 127 -29.22 -37.17 -16.21
CA ARG B 127 -29.87 -38.10 -15.27
C ARG B 127 -31.35 -37.80 -15.15
N ASN B 128 -31.70 -36.51 -15.06
CA ASN B 128 -33.09 -36.13 -14.91
C ASN B 128 -33.86 -36.42 -16.19
N GLN B 129 -33.18 -36.37 -17.32
CA GLN B 129 -33.81 -36.70 -18.59
C GLN B 129 -33.90 -38.22 -18.77
N LEU B 130 -32.93 -38.97 -18.25
CA LEU B 130 -32.86 -40.42 -18.41
C LEU B 130 -32.93 -41.05 -17.01
N LYS B 131 -34.13 -41.06 -16.42
CA LYS B 131 -34.25 -41.50 -15.04
C LYS B 131 -34.33 -43.02 -14.89
N ASN B 132 -34.85 -43.74 -15.88
CA ASN B 132 -35.01 -45.19 -15.76
C ASN B 132 -34.71 -45.99 -17.02
N ASN B 133 -34.28 -45.38 -18.12
CA ASN B 133 -33.99 -46.09 -19.36
C ASN B 133 -32.49 -46.30 -19.57
N ALA B 134 -31.65 -45.90 -18.62
CA ALA B 134 -30.21 -46.08 -18.73
C ALA B 134 -29.65 -46.18 -17.31
N LYS B 135 -28.56 -46.93 -17.18
CA LYS B 135 -27.83 -47.05 -15.91
C LYS B 135 -26.60 -46.17 -15.94
N GLU B 136 -26.53 -45.20 -15.03
CA GLU B 136 -25.34 -44.39 -14.94
C GLU B 136 -24.21 -45.23 -14.35
N ILE B 137 -23.00 -45.04 -14.86
CA ILE B 137 -21.84 -45.75 -14.34
C ILE B 137 -21.19 -44.97 -13.20
N GLY B 138 -21.16 -43.64 -13.31
CA GLY B 138 -20.56 -42.78 -12.31
C GLY B 138 -19.28 -42.10 -12.74
N ASN B 139 -18.79 -42.38 -13.94
CA ASN B 139 -17.58 -41.76 -14.49
C ASN B 139 -17.89 -40.94 -15.73
N GLY B 140 -19.13 -40.47 -15.87
CA GLY B 140 -19.56 -39.71 -17.03
C GLY B 140 -20.20 -40.55 -18.12
N CYS B 141 -20.14 -41.87 -18.02
CA CYS B 141 -20.68 -42.76 -19.02
C CYS B 141 -22.06 -43.23 -18.59
N PHE B 142 -22.97 -43.35 -19.56
CA PHE B 142 -24.31 -43.88 -19.34
C PHE B 142 -24.47 -45.12 -20.20
N GLU B 143 -24.82 -46.24 -19.58
CA GLU B 143 -25.02 -47.48 -20.31
C GLU B 143 -26.50 -47.57 -20.65
N PHE B 144 -26.81 -47.59 -21.94
CA PHE B 144 -28.19 -47.57 -22.40
C PHE B 144 -28.72 -48.99 -22.55
N TYR B 145 -29.96 -49.18 -22.12
CA TYR B 145 -30.62 -50.45 -22.28
C TYR B 145 -31.44 -50.51 -23.56
N HIS B 146 -31.95 -49.37 -24.01
CA HIS B 146 -32.70 -49.27 -25.25
C HIS B 146 -31.77 -49.05 -26.44
N LYS B 147 -32.25 -49.42 -27.61
CA LYS B 147 -31.53 -49.17 -28.85
C LYS B 147 -31.43 -47.67 -29.14
N CYS B 148 -30.23 -47.20 -29.45
CA CYS B 148 -29.99 -45.81 -29.83
C CYS B 148 -29.87 -45.69 -31.35
N ASP B 149 -30.71 -44.84 -31.92
CA ASP B 149 -30.71 -44.49 -33.33
C ASP B 149 -29.92 -43.19 -33.48
N ASN B 150 -29.93 -42.59 -34.66
CA ASN B 150 -29.08 -41.43 -34.84
C ASN B 150 -29.72 -40.16 -34.29
N THR B 151 -30.91 -40.25 -33.68
CA THR B 151 -31.55 -39.09 -33.06
C THR B 151 -31.49 -39.11 -31.53
N CYS B 152 -30.94 -40.16 -30.90
CA CYS B 152 -30.89 -40.17 -29.44
C CYS B 152 -29.99 -39.06 -28.93
N MET B 153 -28.89 -38.80 -29.66
CA MET B 153 -27.91 -37.78 -29.27
C MET B 153 -28.50 -36.37 -29.35
N GLU B 154 -29.34 -36.12 -30.36
CA GLU B 154 -29.99 -34.80 -30.45
C GLU B 154 -31.00 -34.66 -29.33
N SER B 155 -31.71 -35.74 -29.00
CA SER B 155 -32.67 -35.69 -27.91
C SER B 155 -31.96 -35.36 -26.60
N VAL B 156 -30.82 -35.98 -26.35
CA VAL B 156 -30.06 -35.71 -25.12
C VAL B 156 -29.60 -34.25 -25.10
N LYS B 157 -29.11 -33.73 -26.23
CA LYS B 157 -28.68 -32.33 -26.24
C LYS B 157 -29.85 -31.38 -26.02
N ASN B 158 -31.00 -31.66 -26.66
CA ASN B 158 -32.16 -30.80 -26.57
C ASN B 158 -32.86 -31.00 -25.23
N GLY B 159 -32.87 -32.22 -24.73
CA GLY B 159 -33.63 -32.52 -23.54
C GLY B 159 -35.03 -32.94 -23.95
N THR B 160 -35.91 -33.06 -22.95
CA THR B 160 -37.25 -33.60 -23.19
C THR B 160 -37.11 -35.02 -23.74
N TYR B 161 -36.29 -35.81 -23.05
CA TYR B 161 -36.06 -37.19 -23.44
C TYR B 161 -37.39 -37.95 -23.45
N ASP B 162 -37.63 -38.69 -24.53
CA ASP B 162 -38.91 -39.36 -24.75
C ASP B 162 -38.88 -40.73 -24.10
N TYR B 163 -39.58 -40.88 -22.97
CA TYR B 163 -39.66 -42.15 -22.25
C TYR B 163 -40.64 -43.09 -22.95
N PRO B 164 -41.87 -42.65 -23.32
CA PRO B 164 -42.81 -43.57 -23.98
C PRO B 164 -42.27 -44.26 -25.23
N LYS B 165 -41.42 -43.58 -26.01
CA LYS B 165 -40.86 -44.17 -27.22
C LYS B 165 -40.14 -45.50 -26.96
N TYR B 166 -39.52 -45.65 -25.79
CA TYR B 166 -38.75 -46.85 -25.44
C TYR B 166 -39.44 -47.71 -24.39
N SER B 167 -39.88 -47.09 -23.29
CA SER B 167 -40.63 -47.71 -22.21
C SER B 167 -40.13 -49.09 -21.72
N GLU B 168 -41.01 -50.11 -21.77
CA GLU B 168 -40.73 -51.41 -21.18
C GLU B 168 -39.46 -52.05 -21.73
N GLU B 169 -39.10 -51.74 -22.98
CA GLU B 169 -37.91 -52.34 -23.59
C GLU B 169 -36.70 -52.15 -22.67
N ALA B 170 -36.56 -50.95 -22.10
CA ALA B 170 -35.37 -50.70 -21.30
C ALA B 170 -35.41 -51.53 -20.03
N LYS B 171 -36.59 -51.60 -19.39
CA LYS B 171 -36.64 -52.36 -18.15
C LYS B 171 -36.50 -53.84 -18.46
N LEU B 172 -36.88 -54.25 -19.68
CA LEU B 172 -36.78 -55.66 -20.03
C LEU B 172 -35.32 -56.09 -19.98
N ASN B 173 -34.40 -55.20 -20.36
CA ASN B 173 -33.00 -55.54 -20.19
C ASN B 173 -32.56 -55.40 -18.74
N ARG B 174 -33.12 -54.41 -18.02
CA ARG B 174 -32.74 -54.22 -16.62
C ARG B 174 -33.10 -55.44 -15.79
N GLU B 175 -34.24 -56.07 -16.12
CA GLU B 175 -34.69 -57.25 -15.39
C GLU B 175 -33.74 -58.43 -15.54
N LYS B 176 -32.83 -58.39 -16.54
CA LYS B 176 -31.89 -59.49 -16.69
C LYS B 176 -31.01 -59.67 -15.46
N ILE B 177 -30.69 -58.57 -14.77
CA ILE B 177 -29.84 -58.60 -13.58
C ILE B 177 -30.57 -57.88 -12.44
N ASP C 2 -52.97 -32.35 -3.48
CA ASP C 2 -52.74 -33.39 -4.47
C ASP C 2 -51.36 -33.16 -5.07
N THR C 3 -51.06 -31.90 -5.43
CA THR C 3 -49.80 -31.55 -6.07
C THR C 3 -49.12 -30.44 -5.30
N LEU C 4 -47.79 -30.54 -5.20
CA LEU C 4 -46.92 -29.51 -4.67
C LEU C 4 -45.86 -29.13 -5.70
N CYS C 5 -45.50 -27.84 -5.74
CA CYS C 5 -44.37 -27.38 -6.53
C CYS C 5 -43.63 -26.31 -5.72
N ILE C 6 -42.31 -26.41 -5.69
CA ILE C 6 -41.46 -25.49 -4.94
C ILE C 6 -40.96 -24.39 -5.85
N GLY C 7 -41.01 -23.16 -5.37
CA GLY C 7 -40.61 -22.00 -6.15
C GLY C 7 -40.26 -20.88 -5.21
N TYR C 8 -40.31 -19.65 -5.73
CA TYR C 8 -39.83 -18.51 -4.98
C TYR C 8 -40.55 -17.23 -5.38
N HIS C 9 -40.49 -16.26 -4.47
CA HIS C 9 -41.16 -14.98 -4.64
C HIS C 9 -40.65 -14.19 -5.85
N ALA C 10 -41.59 -13.58 -6.56
CA ALA C 10 -41.31 -12.64 -7.63
C ALA C 10 -42.35 -11.55 -7.56
N ASN C 11 -41.99 -10.36 -8.06
CA ASN C 11 -42.87 -9.20 -8.03
C ASN C 11 -42.57 -8.34 -9.24
N ASN C 12 -43.11 -7.12 -9.24
CA ASN C 12 -42.94 -6.19 -10.35
C ASN C 12 -41.84 -5.15 -10.13
N SER C 13 -40.92 -5.38 -9.20
CA SER C 13 -39.83 -4.45 -9.00
C SER C 13 -38.92 -4.44 -10.22
N THR C 14 -38.40 -3.26 -10.56
CA THR C 14 -37.49 -3.09 -11.68
C THR C 14 -36.07 -2.84 -11.22
N ASP C 15 -35.79 -2.93 -9.93
CA ASP C 15 -34.43 -2.74 -9.43
C ASP C 15 -33.55 -3.86 -10.00
N THR C 16 -32.45 -3.45 -10.62
CA THR C 16 -31.59 -4.34 -11.39
C THR C 16 -30.18 -4.29 -10.82
N VAL C 17 -29.54 -5.46 -10.76
CA VAL C 17 -28.20 -5.62 -10.20
C VAL C 17 -27.30 -6.24 -11.27
N ASP C 18 -26.00 -6.06 -11.06
CA ASP C 18 -24.96 -6.64 -11.92
C ASP C 18 -24.21 -7.74 -11.19
N THR C 19 -23.65 -8.68 -11.96
CA THR C 19 -22.78 -9.73 -11.48
C THR C 19 -21.53 -9.80 -12.36
N VAL C 20 -20.57 -10.63 -11.95
CA VAL C 20 -19.39 -10.81 -12.78
C VAL C 20 -19.74 -11.67 -13.98
N LEU C 21 -20.69 -12.59 -13.83
CA LEU C 21 -21.06 -13.51 -14.90
C LEU C 21 -22.13 -12.93 -15.82
N GLU C 22 -23.04 -12.12 -15.29
CA GLU C 22 -24.11 -11.51 -16.06
C GLU C 22 -24.30 -10.06 -15.64
N LYS C 23 -24.66 -9.21 -16.60
CA LYS C 23 -25.00 -7.82 -16.35
C LYS C 23 -26.51 -7.63 -16.46
N ASN C 24 -26.99 -6.57 -15.80
CA ASN C 24 -28.39 -6.17 -15.84
C ASN C 24 -29.32 -7.31 -15.43
N VAL C 25 -29.04 -7.89 -14.26
CA VAL C 25 -29.84 -8.99 -13.71
C VAL C 25 -30.90 -8.37 -12.82
N THR C 26 -32.17 -8.56 -13.18
CA THR C 26 -33.27 -7.99 -12.41
C THR C 26 -33.53 -8.87 -11.20
N VAL C 27 -33.69 -8.25 -10.02
CA VAL C 27 -33.93 -8.97 -8.77
C VAL C 27 -35.17 -8.40 -8.08
N THR C 28 -35.75 -9.21 -7.20
CA THR C 28 -36.94 -8.78 -6.47
C THR C 28 -36.63 -7.73 -5.41
N HIS C 29 -35.44 -7.77 -4.82
CA HIS C 29 -35.05 -6.78 -3.81
C HIS C 29 -33.54 -6.60 -3.88
N SER C 30 -33.11 -5.37 -3.62
CA SER C 30 -31.70 -5.04 -3.54
C SER C 30 -31.53 -3.87 -2.57
N VAL C 31 -30.31 -3.72 -2.05
CA VAL C 31 -29.98 -2.62 -1.15
C VAL C 31 -28.85 -1.83 -1.78
N ASN C 32 -28.98 -0.50 -1.75
CA ASN C 32 -27.95 0.36 -2.30
C ASN C 32 -26.81 0.47 -1.32
N LEU C 33 -25.58 0.37 -1.84
CA LEU C 33 -24.36 0.66 -1.09
C LEU C 33 -23.78 2.03 -1.44
N LEU C 34 -24.29 2.68 -2.50
CA LEU C 34 -23.81 3.96 -3.00
C LEU C 34 -24.86 5.02 -2.74
N GLU C 35 -24.48 6.09 -2.05
CA GLU C 35 -25.37 7.20 -1.77
C GLU C 35 -25.22 8.20 -2.92
N ASP C 36 -26.33 8.47 -3.62
CA ASP C 36 -26.35 9.40 -4.74
C ASP C 36 -27.29 10.58 -4.51
N LYS C 37 -27.82 10.74 -3.30
CA LYS C 37 -28.69 11.85 -2.94
C LYS C 37 -28.02 12.67 -1.86
N HIS C 38 -28.43 13.93 -1.75
CA HIS C 38 -27.93 14.81 -0.70
C HIS C 38 -29.01 15.84 -0.37
N ASN C 39 -28.81 16.54 0.74
CA ASN C 39 -29.82 17.49 1.21
C ASN C 39 -29.91 18.72 0.32
N GLY C 40 -28.81 19.06 -0.39
CA GLY C 40 -28.78 20.29 -1.15
C GLY C 40 -28.59 21.55 -0.32
N LYS C 41 -28.30 21.40 0.97
CA LYS C 41 -28.17 22.52 1.90
C LYS C 41 -26.94 22.27 2.74
N LEU C 42 -26.28 23.36 3.15
CA LEU C 42 -25.15 23.23 4.06
C LEU C 42 -25.70 23.31 5.48
N CYS C 43 -25.21 22.41 6.34
CA CYS C 43 -25.73 22.28 7.70
C CYS C 43 -24.61 22.22 8.74
N LYS C 44 -25.04 22.18 10.00
CA LYS C 44 -24.12 22.13 11.13
C LYS C 44 -23.45 20.77 11.19
N LEU C 45 -22.13 20.77 11.41
CA LEU C 45 -21.32 19.56 11.46
C LEU C 45 -20.93 19.25 12.90
N ARG C 46 -21.30 18.05 13.35
CA ARG C 46 -21.11 17.58 14.73
C ARG C 46 -21.87 18.45 15.74
N GLY C 47 -22.97 19.05 15.29
CA GLY C 47 -23.81 19.86 16.17
C GLY C 47 -23.39 21.31 16.32
N VAL C 48 -22.29 21.72 15.72
CA VAL C 48 -21.79 23.09 15.83
C VAL C 48 -21.81 23.69 14.43
N ALA C 49 -22.36 24.90 14.31
CA ALA C 49 -22.52 25.52 13.00
C ALA C 49 -21.17 25.85 12.36
N PRO C 50 -21.11 25.87 11.03
CA PRO C 50 -19.93 26.44 10.36
C PRO C 50 -19.91 27.95 10.43
N LEU C 51 -18.73 28.50 10.22
CA LEU C 51 -18.58 29.93 10.02
C LEU C 51 -18.66 30.18 8.52
N HIS C 52 -19.61 31.02 8.11
CA HIS C 52 -19.90 31.26 6.70
C HIS C 52 -19.43 32.66 6.32
N LEU C 53 -18.47 32.73 5.40
CA LEU C 53 -17.90 33.98 4.91
C LEU C 53 -18.41 34.19 3.49
N GLY C 54 -19.66 34.65 3.39
CA GLY C 54 -20.30 34.73 2.08
C GLY C 54 -19.61 35.67 1.13
N LYS C 55 -19.10 36.80 1.64
CA LYS C 55 -18.47 37.83 0.83
C LYS C 55 -16.96 37.92 1.02
N CYS C 56 -16.47 37.59 2.21
CA CYS C 56 -15.07 37.75 2.58
C CYS C 56 -14.28 36.46 2.38
N ASN C 57 -12.99 36.63 2.10
CA ASN C 57 -12.07 35.51 2.08
C ASN C 57 -11.61 35.29 3.52
N ILE C 58 -10.76 34.27 3.75
CA ILE C 58 -10.26 34.09 5.10
C ILE C 58 -9.35 35.23 5.49
N ALA C 59 -8.48 35.67 4.57
CA ALA C 59 -7.64 36.83 4.87
C ALA C 59 -8.50 38.05 5.15
N GLY C 60 -9.58 38.22 4.40
CA GLY C 60 -10.48 39.34 4.64
C GLY C 60 -11.11 39.32 6.02
N TRP C 61 -11.73 38.19 6.36
CA TRP C 61 -12.38 38.06 7.67
C TRP C 61 -11.40 38.16 8.82
N ILE C 62 -10.31 37.39 8.78
CA ILE C 62 -9.43 37.30 9.94
C ILE C 62 -8.69 38.62 10.13
N LEU C 63 -8.47 39.37 9.06
CA LEU C 63 -7.82 40.68 9.16
C LEU C 63 -8.79 41.81 9.46
N GLY C 64 -10.09 41.54 9.50
CA GLY C 64 -11.04 42.61 9.79
C GLY C 64 -11.31 43.55 8.64
N ASN C 65 -11.26 43.06 7.40
CA ASN C 65 -11.54 43.88 6.23
C ASN C 65 -12.90 44.57 6.40
N PRO C 66 -13.02 45.88 6.10
CA PRO C 66 -14.29 46.59 6.32
C PRO C 66 -15.55 45.91 5.79
N GLU C 67 -15.46 45.13 4.71
CA GLU C 67 -16.64 44.47 4.19
C GLU C 67 -17.09 43.29 5.04
N CYS C 68 -16.30 42.90 6.05
CA CYS C 68 -16.59 41.74 6.88
C CYS C 68 -17.36 42.06 8.15
N GLU C 69 -17.70 43.33 8.40
CA GLU C 69 -18.42 43.67 9.62
C GLU C 69 -19.78 43.00 9.71
N SER C 70 -20.36 42.58 8.59
CA SER C 70 -21.68 41.96 8.59
C SER C 70 -21.64 40.47 8.89
N LEU C 71 -20.45 39.88 9.01
CA LEU C 71 -20.35 38.45 9.27
C LEU C 71 -20.68 38.16 10.73
N SER C 72 -21.21 36.97 10.97
CA SER C 72 -21.51 36.55 12.33
C SER C 72 -20.24 36.22 13.09
N THR C 73 -20.35 36.19 14.41
CA THR C 73 -19.28 35.80 15.31
C THR C 73 -19.78 34.67 16.19
N ALA C 74 -18.93 33.65 16.36
CA ALA C 74 -19.25 32.49 17.17
C ALA C 74 -18.01 32.04 17.92
N SER C 75 -18.23 31.45 19.10
CA SER C 75 -17.13 30.93 19.88
C SER C 75 -16.53 29.67 19.29
N SER C 76 -17.26 28.95 18.45
CA SER C 76 -16.73 27.75 17.82
C SER C 76 -17.40 27.51 16.48
N TRP C 77 -16.70 26.76 15.62
CA TRP C 77 -17.24 26.28 14.37
C TRP C 77 -16.49 25.01 14.00
N SER C 78 -17.09 24.21 13.12
CA SER C 78 -16.47 22.97 12.67
C SER C 78 -15.79 23.08 11.31
N TYR C 79 -16.20 24.04 10.47
CA TYR C 79 -15.58 24.21 9.16
C TYR C 79 -15.91 25.62 8.68
N ILE C 80 -15.20 26.03 7.62
CA ILE C 80 -15.38 27.34 7.00
C ILE C 80 -15.99 27.15 5.62
N VAL C 81 -17.02 27.96 5.32
CA VAL C 81 -17.73 27.95 4.06
C VAL C 81 -17.41 29.23 3.30
N GLU C 82 -17.00 29.08 2.04
CA GLU C 82 -16.73 30.17 1.14
C GLU C 82 -17.57 29.95 -0.11
N THR C 83 -17.82 31.04 -0.85
CA THR C 83 -18.61 30.97 -2.08
C THR C 83 -17.74 31.27 -3.29
N SER C 84 -18.34 31.07 -4.47
CA SER C 84 -17.62 31.29 -5.73
C SER C 84 -17.38 32.77 -5.99
N ASN C 85 -18.12 33.66 -5.31
CA ASN C 85 -17.96 35.10 -5.43
C ASN C 85 -17.19 35.69 -4.27
N SER C 86 -16.65 34.85 -3.37
CA SER C 86 -15.91 35.32 -2.21
C SER C 86 -14.46 35.51 -2.63
N ASP C 87 -14.13 36.75 -2.99
CA ASP C 87 -12.79 37.13 -3.41
C ASP C 87 -12.29 38.38 -2.69
N ASN C 88 -13.03 38.84 -1.68
CA ASN C 88 -12.63 40.02 -0.90
C ASN C 88 -11.73 39.53 0.23
N GLY C 89 -10.43 39.50 -0.06
CA GLY C 89 -9.43 39.02 0.87
C GLY C 89 -8.61 40.20 1.35
N THR C 90 -7.31 40.17 1.11
CA THR C 90 -6.48 41.32 1.46
C THR C 90 -6.81 42.46 0.51
N CYS C 91 -6.92 43.67 1.05
CA CYS C 91 -7.23 44.84 0.23
C CYS C 91 -5.99 45.62 -0.17
N TYR C 92 -4.92 45.54 0.62
CA TYR C 92 -3.68 46.20 0.26
C TYR C 92 -2.81 45.06 -0.27
N PRO C 93 -2.52 45.01 -1.58
CA PRO C 93 -1.99 43.76 -2.14
C PRO C 93 -0.65 43.36 -1.55
N GLY C 94 -0.45 42.07 -1.45
CA GLY C 94 0.80 41.53 -0.94
C GLY C 94 0.70 40.05 -0.75
N ASP C 95 1.81 39.49 -0.28
CA ASP C 95 1.93 38.05 -0.06
C ASP C 95 1.64 37.75 1.40
N PHE C 96 0.55 37.04 1.65
CA PHE C 96 0.18 36.67 3.01
C PHE C 96 0.98 35.42 3.32
N ILE C 97 1.94 35.54 4.24
CA ILE C 97 2.92 34.49 4.46
C ILE C 97 2.29 33.39 5.30
N ASN C 98 2.49 32.14 4.87
CA ASN C 98 1.92 30.97 5.53
C ASN C 98 0.40 31.09 5.61
N TYR C 99 -0.20 31.59 4.53
CA TYR C 99 -1.65 31.77 4.49
C TYR C 99 -2.36 30.42 4.46
N GLU C 100 -1.86 29.48 3.67
CA GLU C 100 -2.49 28.18 3.58
C GLU C 100 -2.42 27.43 4.91
N GLU C 101 -1.30 27.55 5.63
CA GLU C 101 -1.21 26.92 6.94
C GLU C 101 -2.19 27.55 7.91
N LEU C 102 -2.38 28.87 7.83
CA LEU C 102 -3.34 29.52 8.72
C LEU C 102 -4.75 29.05 8.41
N ARG C 103 -5.07 28.92 7.11
CA ARG C 103 -6.39 28.44 6.74
C ARG C 103 -6.61 27.02 7.23
N GLU C 104 -5.55 26.20 7.21
CA GLU C 104 -5.67 24.85 7.73
C GLU C 104 -5.86 24.85 9.25
N GLN C 105 -5.22 25.79 9.95
CA GLN C 105 -5.34 25.82 11.40
C GLN C 105 -6.63 26.44 11.90
N LEU C 106 -7.26 27.31 11.11
CA LEU C 106 -8.52 27.96 11.50
C LEU C 106 -9.74 27.13 11.14
N SER C 107 -9.57 25.97 10.51
CA SER C 107 -10.72 25.20 10.05
C SER C 107 -11.60 24.69 11.19
N SER C 108 -11.04 24.44 12.38
CA SER C 108 -11.85 23.97 13.50
C SER C 108 -11.29 24.49 14.82
N VAL C 109 -12.03 25.39 15.47
CA VAL C 109 -11.64 26.03 16.71
C VAL C 109 -12.79 25.90 17.70
N SER C 110 -12.48 25.47 18.93
CA SER C 110 -13.50 25.29 19.96
C SER C 110 -13.76 26.52 20.82
N SER C 111 -12.82 27.47 20.88
CA SER C 111 -13.02 28.66 21.71
C SER C 111 -12.34 29.84 21.02
N PHE C 112 -13.07 30.41 20.05
CA PHE C 112 -12.57 31.51 19.23
C PHE C 112 -13.17 32.80 19.75
N GLU C 113 -12.34 33.70 20.29
CA GLU C 113 -12.86 34.99 20.74
C GLU C 113 -11.89 36.08 20.34
N ARG C 114 -12.43 37.21 19.89
CA ARG C 114 -11.62 38.37 19.54
C ARG C 114 -11.41 39.22 20.78
N PHE C 115 -10.13 39.48 21.09
CA PHE C 115 -9.70 40.19 22.27
C PHE C 115 -8.81 41.35 21.85
N GLU C 116 -8.99 42.51 22.48
CA GLU C 116 -8.19 43.68 22.12
C GLU C 116 -6.86 43.58 22.83
N ILE C 117 -5.81 43.30 22.05
CA ILE C 117 -4.49 43.01 22.62
C ILE C 117 -3.76 44.29 23.01
N PHE C 118 -3.84 45.34 22.19
CA PHE C 118 -3.13 46.60 22.40
C PHE C 118 -4.08 47.78 22.23
N PRO C 119 -4.73 48.26 23.30
CA PRO C 119 -5.76 49.30 23.14
C PRO C 119 -5.27 50.48 22.30
N LYS C 120 -6.07 50.83 21.30
CA LYS C 120 -5.66 51.82 20.30
C LYS C 120 -5.30 53.17 20.93
N THR C 121 -6.01 53.57 21.99
CA THR C 121 -5.82 54.89 22.58
C THR C 121 -4.92 54.89 23.81
N SER C 122 -4.30 53.75 24.14
CA SER C 122 -3.45 53.65 25.33
C SER C 122 -2.04 53.12 25.02
N SER C 123 -1.97 52.01 24.28
CA SER C 123 -0.70 51.29 24.15
C SER C 123 0.36 52.05 23.35
N TRP C 124 -0.03 52.94 22.44
CA TRP C 124 0.93 53.67 21.59
C TRP C 124 0.71 55.18 21.67
N PRO C 125 1.04 55.80 22.81
CA PRO C 125 0.79 57.24 22.96
C PRO C 125 1.65 58.13 22.07
N ASN C 126 2.76 57.64 21.50
CA ASN C 126 3.68 58.45 20.70
C ASN C 126 3.58 58.15 19.20
N HIS C 127 2.51 57.52 18.75
CA HIS C 127 2.31 57.21 17.33
C HIS C 127 0.91 57.60 16.91
N ASP C 128 0.76 57.86 15.61
CA ASP C 128 -0.50 58.32 15.03
C ASP C 128 -1.27 57.08 14.58
N SER C 129 -2.32 56.74 15.33
CA SER C 129 -3.16 55.59 15.04
C SER C 129 -4.42 55.96 14.26
N ASN C 130 -4.61 57.24 13.95
CA ASN C 130 -5.83 57.75 13.32
C ASN C 130 -5.67 57.96 11.82
N LYS C 131 -4.57 57.46 11.22
CA LYS C 131 -4.32 57.54 9.79
C LYS C 131 -4.16 56.11 9.28
N GLY C 132 -3.28 55.86 8.31
CA GLY C 132 -3.10 54.51 7.83
C GLY C 132 -4.25 54.02 6.98
N VAL C 133 -4.87 54.92 6.22
CA VAL C 133 -5.99 54.60 5.33
C VAL C 133 -5.55 54.92 3.92
N THR C 134 -5.91 54.04 2.98
CA THR C 134 -5.47 54.13 1.58
C THR C 134 -6.59 54.13 0.56
N ALA C 135 -7.83 53.77 0.94
CA ALA C 135 -8.99 53.59 0.05
C ALA C 135 -8.87 52.37 -0.87
N ALA C 136 -7.97 51.44 -0.57
CA ALA C 136 -8.00 50.16 -1.24
C ALA C 136 -9.25 49.38 -0.88
N CYS C 137 -9.71 49.55 0.36
CA CYS C 137 -10.94 48.94 0.86
C CYS C 137 -11.71 49.98 1.66
N PRO C 138 -12.28 50.97 0.98
CA PRO C 138 -12.99 52.02 1.70
C PRO C 138 -14.28 51.48 2.29
N HIS C 139 -14.74 52.14 3.35
CA HIS C 139 -16.00 51.80 3.99
C HIS C 139 -16.99 52.90 3.59
N ALA C 140 -17.97 52.54 2.78
CA ALA C 140 -18.92 53.51 2.23
C ALA C 140 -18.19 54.68 1.56
N GLY C 141 -17.05 54.38 0.93
CA GLY C 141 -16.28 55.41 0.26
C GLY C 141 -15.49 56.30 1.19
N ALA C 142 -15.39 55.95 2.47
CA ALA C 142 -14.77 56.80 3.48
C ALA C 142 -13.26 56.71 3.54
N LYS C 143 -12.61 55.88 2.71
CA LYS C 143 -11.15 55.73 2.77
C LYS C 143 -10.75 55.20 4.14
N SER C 144 -10.79 53.88 4.31
CA SER C 144 -10.58 53.25 5.61
C SER C 144 -9.52 52.16 5.48
N PHE C 145 -9.46 51.26 6.48
CA PHE C 145 -8.42 50.25 6.56
C PHE C 145 -8.98 49.08 7.38
N TYR C 146 -8.15 48.06 7.59
CA TYR C 146 -8.54 46.89 8.35
C TYR C 146 -8.96 47.28 9.77
N LYS C 147 -9.91 46.54 10.33
CA LYS C 147 -10.39 46.81 11.68
C LYS C 147 -9.66 46.02 12.76
N ASN C 148 -9.06 44.87 12.43
CA ASN C 148 -8.37 44.07 13.43
C ASN C 148 -6.94 44.52 13.65
N LEU C 149 -6.32 45.08 12.61
CA LEU C 149 -4.97 45.63 12.66
C LEU C 149 -5.08 47.14 12.51
N ILE C 150 -4.13 47.86 13.11
CA ILE C 150 -4.00 49.30 12.88
C ILE C 150 -2.60 49.58 12.34
N TRP C 151 -2.56 50.49 11.38
CA TRP C 151 -1.35 50.87 10.66
C TRP C 151 -0.83 52.14 11.30
N LEU C 152 0.36 52.08 11.90
CA LEU C 152 0.94 53.22 12.58
C LEU C 152 1.80 54.01 11.62
N VAL C 153 1.73 55.33 11.74
CA VAL C 153 2.54 56.26 10.98
C VAL C 153 3.16 57.24 11.97
N LYS C 154 4.02 58.12 11.45
CA LYS C 154 4.70 59.09 12.28
C LYS C 154 3.71 59.95 13.05
N LYS C 155 4.17 60.50 14.17
CA LYS C 155 3.38 61.37 15.02
C LYS C 155 3.48 62.83 14.57
N GLY C 156 4.29 63.10 13.54
CA GLY C 156 4.56 64.43 13.04
C GLY C 156 6.05 64.65 13.06
N ASN C 157 6.70 64.29 11.95
CA ASN C 157 8.16 64.40 11.81
C ASN C 157 8.89 63.68 12.94
N SER C 158 8.32 62.59 13.44
CA SER C 158 8.92 61.81 14.51
C SER C 158 8.30 60.42 14.53
N TYR C 159 9.15 59.40 14.69
CA TYR C 159 8.70 58.01 14.84
C TYR C 159 9.55 57.35 15.91
N PRO C 160 9.20 57.53 17.19
CA PRO C 160 9.98 56.88 18.25
C PRO C 160 9.94 55.36 18.10
N LYS C 161 11.02 54.72 18.52
CA LYS C 161 11.11 53.27 18.42
C LYS C 161 10.00 52.61 19.23
N LEU C 162 9.34 51.64 18.60
CA LEU C 162 8.25 50.89 19.22
C LEU C 162 8.87 49.67 19.90
N ASN C 163 8.45 49.39 21.12
CA ASN C 163 8.91 48.19 21.85
C ASN C 163 7.75 47.52 22.60
N GLN C 164 6.57 47.54 22.01
CA GLN C 164 5.39 47.00 22.67
C GLN C 164 5.46 45.47 22.72
N SER C 165 5.10 44.90 23.87
CA SER C 165 5.05 43.45 24.07
C SER C 165 3.74 43.07 24.73
N TYR C 166 3.45 41.77 24.72
CA TYR C 166 2.24 41.21 25.31
C TYR C 166 2.55 39.89 25.99
N ILE C 167 2.01 39.72 27.19
CA ILE C 167 2.11 38.48 27.97
C ILE C 167 0.79 37.76 27.82
N ASN C 168 0.84 36.50 27.39
CA ASN C 168 -0.38 35.71 27.21
C ASN C 168 -0.78 35.17 28.58
N ASP C 169 -1.78 35.80 29.20
CA ASP C 169 -2.24 35.43 30.53
C ASP C 169 -3.51 34.58 30.49
N LYS C 170 -3.89 34.08 29.32
CA LYS C 170 -5.04 33.22 29.14
C LYS C 170 -4.58 31.76 29.11
N GLY C 171 -5.53 30.85 29.33
CA GLY C 171 -5.24 29.43 29.28
C GLY C 171 -5.31 28.82 27.90
N LYS C 172 -5.64 29.61 26.89
CA LYS C 172 -5.79 29.18 25.50
C LYS C 172 -4.71 29.84 24.65
N GLU C 173 -4.44 29.25 23.49
CA GLU C 173 -3.43 29.85 22.61
C GLU C 173 -4.02 31.13 22.03
N VAL C 174 -3.17 32.12 21.77
CA VAL C 174 -3.65 33.36 21.15
C VAL C 174 -2.91 33.57 19.82
N LEU C 175 -3.67 33.84 18.78
CA LEU C 175 -3.15 34.14 17.45
C LEU C 175 -2.97 35.64 17.35
N VAL C 176 -1.74 36.07 17.07
CA VAL C 176 -1.39 37.48 16.94
C VAL C 176 -0.99 37.69 15.49
N LEU C 177 -1.63 38.66 14.85
CA LEU C 177 -1.41 39.00 13.45
C LEU C 177 -0.67 40.32 13.36
N TRP C 178 0.08 40.49 12.28
CA TRP C 178 0.68 41.79 12.00
C TRP C 178 0.99 41.85 10.52
N GLY C 179 1.43 43.03 10.08
CA GLY C 179 1.87 43.18 8.71
C GLY C 179 3.02 44.16 8.64
N ILE C 180 3.68 44.15 7.49
CA ILE C 180 4.80 45.04 7.21
C ILE C 180 4.53 45.73 5.89
N HIS C 181 4.66 47.06 5.89
CA HIS C 181 4.40 47.88 4.72
C HIS C 181 5.68 48.05 3.90
N HIS C 182 5.54 47.93 2.58
CA HIS C 182 6.63 48.05 1.62
C HIS C 182 6.25 49.19 0.67
N PRO C 183 6.61 50.43 1.00
CA PRO C 183 6.22 51.57 0.15
C PRO C 183 6.81 51.47 -1.24
N SER C 184 6.15 52.14 -2.18
CA SER C 184 6.60 52.12 -3.57
C SER C 184 7.98 52.73 -3.73
N THR C 185 8.20 53.92 -3.18
CA THR C 185 9.49 54.58 -3.29
C THR C 185 9.90 55.17 -1.95
N THR C 186 11.11 55.75 -1.92
CA THR C 186 11.63 56.34 -0.69
C THR C 186 10.86 57.59 -0.30
N ALA C 187 10.24 58.26 -1.29
CA ALA C 187 9.40 59.40 -0.96
C ALA C 187 8.22 58.97 -0.10
N ASP C 188 7.75 57.75 -0.30
CA ASP C 188 6.63 57.26 0.51
C ASP C 188 7.14 56.79 1.86
N GLN C 189 8.36 56.25 1.88
CA GLN C 189 8.93 55.84 3.15
C GLN C 189 9.07 57.06 4.07
N GLN C 190 9.49 58.19 3.50
CA GLN C 190 9.58 59.42 4.28
C GLN C 190 8.22 60.05 4.52
N SER C 191 7.26 59.90 3.59
CA SER C 191 5.94 60.47 3.80
C SER C 191 5.23 59.85 5.00
N LEU C 192 5.27 58.52 5.12
CA LEU C 192 4.63 57.85 6.25
C LEU C 192 5.55 57.67 7.47
N TYR C 193 6.84 57.40 7.28
CA TYR C 193 7.72 57.03 8.38
C TYR C 193 9.02 57.82 8.38
N GLN C 194 9.58 57.98 9.56
CA GLN C 194 10.95 58.46 9.70
C GLN C 194 11.85 57.24 9.75
N ASN C 195 13.16 57.44 9.84
CA ASN C 195 14.11 56.33 9.93
C ASN C 195 14.06 55.48 8.67
N ALA C 196 14.57 56.06 7.57
CA ALA C 196 14.51 55.42 6.26
C ALA C 196 15.09 54.02 6.30
N ASP C 197 16.16 53.82 7.07
CA ASP C 197 16.75 52.50 7.26
C ASP C 197 16.01 51.80 8.40
N ALA C 198 14.75 51.50 8.15
CA ALA C 198 13.87 50.94 9.16
C ALA C 198 14.07 49.43 9.27
N TYR C 199 13.69 48.90 10.43
CA TYR C 199 13.65 47.46 10.62
C TYR C 199 12.42 47.11 11.44
N VAL C 200 11.98 45.86 11.30
CA VAL C 200 10.89 45.31 12.08
C VAL C 200 11.39 44.02 12.71
N PHE C 201 11.15 43.85 14.01
CA PHE C 201 11.50 42.63 14.70
C PHE C 201 10.26 42.11 15.42
N VAL C 202 9.96 40.82 15.25
CA VAL C 202 8.86 40.21 15.97
C VAL C 202 9.35 38.88 16.51
N GLY C 203 8.97 38.56 17.75
CA GLY C 203 9.35 37.26 18.26
C GLY C 203 8.61 36.80 19.50
N THR C 204 8.71 35.50 19.73
CA THR C 204 8.10 34.79 20.84
C THR C 204 9.18 33.90 21.44
N SER C 205 8.80 32.94 22.28
CA SER C 205 9.79 32.02 22.82
C SER C 205 10.20 30.97 21.80
N ARG C 206 9.44 30.82 20.70
CA ARG C 206 9.73 29.89 19.62
C ARG C 206 10.04 30.59 18.31
N TYR C 207 9.43 31.75 18.09
CA TYR C 207 9.51 32.50 16.84
C TYR C 207 10.36 33.74 17.06
N SER C 208 11.30 33.99 16.15
CA SER C 208 12.10 35.20 16.21
C SER C 208 12.50 35.52 14.77
N LYS C 209 12.01 36.65 14.24
CA LYS C 209 12.34 37.00 12.87
C LYS C 209 12.42 38.51 12.73
N LYS C 210 13.48 38.96 12.06
CA LYS C 210 13.74 40.34 11.72
C LYS C 210 13.46 40.54 10.24
N PHE C 211 12.86 41.67 9.92
CA PHE C 211 12.42 42.02 8.58
C PHE C 211 13.01 43.38 8.26
N LYS C 212 13.23 43.62 6.97
CA LYS C 212 13.61 44.93 6.47
C LYS C 212 12.68 45.30 5.33
N PRO C 213 12.39 46.59 5.12
CA PRO C 213 11.57 46.97 3.97
C PRO C 213 12.27 46.77 2.64
N GLU C 214 11.46 46.42 1.64
CA GLU C 214 11.89 46.29 0.26
C GLU C 214 11.27 47.47 -0.49
N ILE C 215 12.05 48.52 -0.73
CA ILE C 215 11.54 49.74 -1.33
C ILE C 215 11.74 49.63 -2.83
N ALA C 216 10.64 49.51 -3.57
CA ALA C 216 10.71 49.36 -5.01
C ALA C 216 9.34 49.60 -5.62
N THR C 217 9.34 49.93 -6.90
CA THR C 217 8.11 50.16 -7.63
C THR C 217 7.57 48.83 -8.16
N ARG C 218 6.31 48.55 -7.85
CA ARG C 218 5.61 47.34 -8.26
C ARG C 218 4.59 47.66 -9.35
N PRO C 219 4.08 46.65 -10.05
CA PRO C 219 2.93 46.87 -10.91
C PRO C 219 1.78 47.44 -10.09
N LYS C 220 1.00 48.32 -10.72
CA LYS C 220 -0.09 48.98 -10.00
C LYS C 220 -1.25 48.02 -9.85
N VAL C 221 -1.55 47.66 -8.60
CA VAL C 221 -2.61 46.72 -8.25
C VAL C 221 -3.51 47.41 -7.24
N ARG C 222 -4.80 47.51 -7.56
CA ARG C 222 -5.77 48.17 -6.68
C ARG C 222 -5.34 49.59 -6.35
N ASP C 223 -4.81 50.29 -7.36
CA ASP C 223 -4.34 51.67 -7.26
C ASP C 223 -3.13 51.87 -6.35
N GLN C 224 -2.51 50.80 -5.87
CA GLN C 224 -1.31 50.88 -5.04
C GLN C 224 -0.08 50.44 -5.82
N GLU C 225 1.02 51.18 -5.64
CA GLU C 225 2.30 50.85 -6.22
C GLU C 225 3.24 50.16 -5.24
N GLY C 226 2.78 49.87 -4.02
CA GLY C 226 3.57 49.19 -3.01
C GLY C 226 2.90 47.90 -2.61
N ARG C 227 3.37 47.27 -1.54
CA ARG C 227 2.81 46.00 -1.08
C ARG C 227 2.82 45.97 0.44
N MET C 228 1.97 45.13 1.01
CA MET C 228 1.97 44.90 2.45
C MET C 228 1.93 43.41 2.70
N ASN C 229 2.96 42.89 3.36
CA ASN C 229 3.01 41.46 3.63
C ASN C 229 2.38 41.23 4.99
N TYR C 230 1.70 40.09 5.13
CA TYR C 230 0.98 39.75 6.34
C TYR C 230 1.58 38.53 6.99
N TYR C 231 1.74 38.60 8.31
CA TYR C 231 2.40 37.60 9.11
C TYR C 231 1.51 37.27 10.30
N TRP C 232 1.75 36.10 10.89
CA TRP C 232 0.99 35.68 12.05
C TRP C 232 1.82 34.73 12.89
N THR C 233 1.43 34.59 14.15
CA THR C 233 2.04 33.59 15.01
C THR C 233 1.07 33.19 16.11
N LEU C 234 1.26 31.97 16.61
CA LEU C 234 0.52 31.46 17.76
C LEU C 234 1.38 31.59 19.00
N VAL C 235 0.86 32.29 20.01
CA VAL C 235 1.54 32.51 21.26
C VAL C 235 0.89 31.56 22.26
N GLU C 236 1.70 30.64 22.79
CA GLU C 236 1.20 29.65 23.74
C GLU C 236 0.89 30.31 25.07
N PRO C 237 -0.01 29.71 25.88
CA PRO C 237 -0.28 30.28 27.21
C PRO C 237 0.99 30.46 28.02
N GLY C 238 1.12 31.65 28.62
CA GLY C 238 2.26 31.99 29.42
C GLY C 238 3.43 32.59 28.63
N ASP C 239 3.36 32.56 27.31
CA ASP C 239 4.45 33.05 26.48
C ASP C 239 4.33 34.56 26.26
N LYS C 240 5.46 35.17 25.92
CA LYS C 240 5.59 36.60 25.68
C LYS C 240 5.92 36.88 24.22
N ILE C 241 5.08 37.67 23.56
CA ILE C 241 5.30 38.09 22.19
C ILE C 241 5.75 39.55 22.20
N THR C 242 6.85 39.84 21.53
CA THR C 242 7.46 41.16 21.51
C THR C 242 7.47 41.67 20.07
N PHE C 243 6.99 42.90 19.90
CA PHE C 243 7.02 43.64 18.64
C PHE C 243 7.91 44.85 18.83
N GLU C 244 8.96 44.96 18.02
CA GLU C 244 9.87 46.09 18.04
C GLU C 244 9.96 46.62 16.62
N ALA C 245 9.87 47.93 16.45
CA ALA C 245 10.03 48.47 15.10
C ALA C 245 10.39 49.94 15.15
N THR C 246 11.05 50.38 14.08
CA THR C 246 11.36 51.78 13.85
C THR C 246 10.59 52.33 12.64
N GLY C 247 9.70 51.53 12.06
CA GLY C 247 8.91 51.96 10.93
C GLY C 247 8.47 50.76 10.10
N ASN C 248 7.51 51.03 9.22
CA ASN C 248 6.97 50.05 8.27
C ASN C 248 6.26 48.88 8.95
N LEU C 249 5.90 49.02 10.22
CA LEU C 249 5.18 47.98 10.96
C LEU C 249 3.70 48.32 11.06
N VAL C 250 2.85 47.36 10.70
CA VAL C 250 1.42 47.43 10.93
C VAL C 250 1.18 46.54 12.15
N VAL C 251 0.55 47.10 13.19
CA VAL C 251 0.52 46.44 14.49
C VAL C 251 -0.87 45.89 14.76
N PRO C 252 -1.01 44.82 15.55
CA PRO C 252 -2.35 44.35 15.88
C PRO C 252 -3.04 45.28 16.85
N ARG C 253 -4.35 45.37 16.69
CA ARG C 253 -5.23 45.94 17.69
C ARG C 253 -6.02 44.85 18.38
N TYR C 254 -6.53 43.92 17.58
CA TYR C 254 -7.24 42.75 18.05
C TYR C 254 -6.41 41.51 17.74
N ALA C 255 -6.55 40.51 18.59
CA ALA C 255 -5.89 39.22 18.46
C ALA C 255 -6.99 38.21 18.76
N PHE C 256 -6.79 36.96 18.33
CA PHE C 256 -7.84 35.96 18.49
C PHE C 256 -7.39 34.82 19.38
N THR C 257 -8.11 34.62 20.48
CA THR C 257 -7.81 33.51 21.36
C THR C 257 -8.47 32.27 20.76
N MET C 258 -7.72 31.18 20.68
CA MET C 258 -8.12 29.96 20.00
C MET C 258 -7.70 28.72 20.77
N GLU C 259 -8.42 27.64 20.49
CA GLU C 259 -8.06 26.28 20.86
C GLU C 259 -8.37 25.38 19.67
N ARG C 260 -7.34 24.92 18.96
CA ARG C 260 -7.55 24.05 17.81
C ARG C 260 -8.09 22.72 18.32
N ASN C 261 -9.12 22.20 17.66
CA ASN C 261 -9.83 21.03 18.16
C ASN C 261 -9.57 19.75 17.38
N ALA C 262 -9.52 19.82 16.06
CA ALA C 262 -9.46 18.62 15.24
C ALA C 262 -9.06 19.02 13.82
N GLY C 263 -8.72 18.02 13.02
CA GLY C 263 -8.57 18.27 11.60
C GLY C 263 -9.92 18.55 10.97
N SER C 264 -9.91 19.45 10.00
CA SER C 264 -11.13 19.83 9.29
C SER C 264 -10.72 20.46 7.96
N GLY C 265 -11.59 21.26 7.38
CA GLY C 265 -11.26 21.85 6.10
C GLY C 265 -12.21 22.95 5.72
N ILE C 266 -12.05 23.42 4.49
CA ILE C 266 -12.79 24.55 3.94
C ILE C 266 -13.56 24.07 2.72
N ILE C 267 -14.85 24.38 2.66
CA ILE C 267 -15.70 24.03 1.52
C ILE C 267 -15.97 25.30 0.74
N ILE C 268 -15.72 25.24 -0.58
CA ILE C 268 -16.00 26.35 -1.48
C ILE C 268 -17.32 25.99 -2.14
N SER C 269 -18.38 26.72 -1.80
CA SER C 269 -19.70 26.36 -2.30
C SER C 269 -20.66 27.54 -2.13
N ASP C 270 -21.57 27.66 -3.08
CA ASP C 270 -22.64 28.66 -3.04
C ASP C 270 -23.94 28.10 -2.46
N THR C 271 -23.91 26.87 -1.94
CA THR C 271 -25.10 26.26 -1.36
C THR C 271 -25.50 27.00 -0.07
N PRO C 272 -26.78 27.33 0.13
CA PRO C 272 -27.15 28.07 1.33
C PRO C 272 -26.99 27.22 2.59
N VAL C 273 -26.82 27.92 3.72
CA VAL C 273 -26.66 27.29 5.02
C VAL C 273 -27.99 27.19 5.73
N HIS C 274 -28.30 25.99 6.23
CA HIS C 274 -29.54 25.70 6.94
C HIS C 274 -29.23 24.92 8.23
N ASP C 275 -30.20 24.90 9.14
CA ASP C 275 -29.94 24.25 10.46
C ASP C 275 -30.31 22.76 10.40
N CYS C 276 -29.37 21.92 9.95
CA CYS C 276 -29.61 20.45 9.96
C CYS C 276 -28.44 19.75 10.66
N ASN C 277 -28.71 18.65 11.35
CA ASN C 277 -27.63 17.89 12.04
C ASN C 277 -27.06 16.84 11.08
N THR C 278 -25.85 17.07 10.56
CA THR C 278 -25.25 16.12 9.62
C THR C 278 -24.00 15.50 10.24
N THR C 279 -23.48 14.49 9.55
CA THR C 279 -22.25 13.82 9.92
C THR C 279 -21.06 14.26 9.07
N CYS C 280 -21.31 14.82 7.89
CA CYS C 280 -20.26 15.41 7.08
C CYS C 280 -20.90 16.48 6.22
N GLN C 281 -20.07 17.30 5.59
CA GLN C 281 -20.55 18.31 4.67
C GLN C 281 -19.75 18.24 3.37
N THR C 282 -20.46 18.10 2.27
CA THR C 282 -19.97 18.07 0.90
C THR C 282 -20.28 19.42 0.25
N PRO C 283 -19.44 19.95 -0.67
CA PRO C 283 -19.77 21.25 -1.28
C PRO C 283 -21.15 21.36 -1.91
N GLU C 284 -21.72 20.27 -2.40
CA GLU C 284 -23.04 20.30 -3.02
C GLU C 284 -24.20 20.14 -2.04
N GLY C 285 -23.92 19.87 -0.78
CA GLY C 285 -24.95 19.66 0.23
C GLY C 285 -24.60 18.50 1.15
N ALA C 286 -25.15 18.55 2.36
CA ALA C 286 -24.86 17.55 3.37
C ALA C 286 -25.38 16.18 2.94
N ILE C 287 -24.61 15.14 3.25
CA ILE C 287 -24.98 13.76 2.93
C ILE C 287 -25.36 13.09 4.24
N ASN C 288 -26.65 12.80 4.39
CA ASN C 288 -27.19 12.09 5.55
C ASN C 288 -27.27 10.63 5.11
N THR C 289 -26.29 9.82 5.53
CA THR C 289 -26.23 8.47 5.01
C THR C 289 -25.46 7.54 5.95
N SER C 290 -25.80 6.25 5.88
CA SER C 290 -25.06 5.20 6.59
C SER C 290 -24.30 4.25 5.66
N LEU C 291 -24.32 4.47 4.35
CA LEU C 291 -23.69 3.59 3.37
C LEU C 291 -22.17 3.80 3.26
N PRO C 292 -21.41 2.78 2.85
CA PRO C 292 -19.96 2.95 2.72
C PRO C 292 -19.48 3.82 1.56
N PHE C 293 -20.26 4.02 0.49
CA PHE C 293 -19.76 4.76 -0.67
C PHE C 293 -20.71 5.86 -1.11
N GLN C 294 -20.13 6.90 -1.74
CA GLN C 294 -20.87 7.99 -2.35
C GLN C 294 -20.19 8.38 -3.66
N ASN C 295 -20.97 8.95 -4.58
CA ASN C 295 -20.47 9.45 -5.85
C ASN C 295 -20.83 10.93 -6.05
N ILE C 296 -20.87 11.70 -4.97
CA ILE C 296 -21.31 13.09 -5.02
C ILE C 296 -20.14 14.05 -5.25
N HIS C 297 -19.05 13.92 -4.49
CA HIS C 297 -17.95 14.87 -4.67
C HIS C 297 -16.69 14.26 -4.07
N PRO C 298 -15.52 14.38 -4.73
CA PRO C 298 -14.29 13.80 -4.14
C PRO C 298 -13.77 14.43 -2.87
N ILE C 299 -14.13 15.66 -2.52
CA ILE C 299 -13.51 16.37 -1.39
C ILE C 299 -14.58 16.80 -0.39
N THR C 300 -14.90 15.90 0.54
CA THR C 300 -15.90 16.11 1.57
C THR C 300 -15.20 16.44 2.89
N ILE C 301 -15.96 16.99 3.83
CA ILE C 301 -15.49 17.26 5.19
C ILE C 301 -16.37 16.48 6.15
N GLY C 302 -15.75 15.64 6.99
CA GLY C 302 -16.44 14.88 8.02
C GLY C 302 -16.45 13.38 7.77
N LYS C 303 -17.19 12.69 8.62
CA LYS C 303 -17.24 11.21 8.66
C LYS C 303 -18.35 10.69 7.77
N CYS C 304 -18.07 10.51 6.47
CA CYS C 304 -19.11 10.02 5.58
C CYS C 304 -18.48 9.25 4.42
N PRO C 305 -19.27 8.68 3.49
CA PRO C 305 -18.71 7.69 2.56
C PRO C 305 -17.53 8.14 1.71
N LYS C 306 -16.74 7.16 1.31
CA LYS C 306 -15.61 7.40 0.41
C LYS C 306 -16.12 7.66 -1.00
N TYR C 307 -15.44 8.54 -1.72
CA TYR C 307 -15.87 8.87 -3.07
C TYR C 307 -15.52 7.76 -4.05
N VAL C 308 -16.51 7.33 -4.81
CA VAL C 308 -16.37 6.29 -5.83
C VAL C 308 -16.83 6.87 -7.16
N LYS C 309 -16.04 6.65 -8.20
CA LYS C 309 -16.40 7.12 -9.55
C LYS C 309 -17.28 6.08 -10.23
N SER C 310 -18.51 5.98 -9.74
CA SER C 310 -19.46 5.00 -10.23
C SER C 310 -20.86 5.58 -10.11
N THR C 311 -21.78 4.97 -10.87
CA THR C 311 -23.19 5.35 -10.85
C THR C 311 -24.09 4.34 -10.17
N LYS C 312 -23.62 3.10 -9.97
CA LYS C 312 -24.47 2.05 -9.42
C LYS C 312 -23.65 1.07 -8.61
N LEU C 313 -23.99 0.92 -7.31
CA LEU C 313 -23.45 -0.14 -6.46
C LEU C 313 -24.63 -0.71 -5.66
N ARG C 314 -25.45 -1.52 -6.30
CA ARG C 314 -26.60 -2.16 -5.65
C ARG C 314 -26.24 -3.61 -5.34
N LEU C 315 -26.28 -3.96 -4.06
CA LEU C 315 -25.96 -5.29 -3.59
C LEU C 315 -27.28 -6.05 -3.45
N ALA C 316 -27.40 -7.13 -4.20
CA ALA C 316 -28.64 -7.90 -4.24
C ALA C 316 -28.92 -8.57 -2.91
N THR C 317 -30.19 -8.60 -2.55
CA THR C 317 -30.69 -9.33 -1.39
C THR C 317 -31.75 -10.35 -1.74
N GLY C 318 -32.49 -10.13 -2.83
CA GLY C 318 -33.58 -10.98 -3.24
C GLY C 318 -33.16 -11.97 -4.32
N LEU C 319 -34.15 -12.53 -4.98
CA LEU C 319 -34.00 -13.56 -5.99
C LEU C 319 -34.19 -12.96 -7.38
N ARG C 320 -33.84 -13.72 -8.41
CA ARG C 320 -34.02 -13.25 -9.77
C ARG C 320 -35.50 -13.02 -10.05
N ASN C 321 -35.81 -11.84 -10.57
CA ASN C 321 -37.18 -11.41 -10.83
C ASN C 321 -37.54 -11.86 -12.25
N VAL C 322 -37.93 -13.14 -12.36
CA VAL C 322 -38.20 -13.77 -13.64
C VAL C 322 -39.62 -14.36 -13.67
N PRO C 323 -40.66 -13.54 -13.85
CA PRO C 323 -42.01 -14.10 -14.00
C PRO C 323 -42.13 -14.95 -15.25
N SER C 324 -43.04 -15.91 -15.21
CA SER C 324 -43.31 -16.77 -16.35
C SER C 324 -43.97 -15.98 -17.47
N ILE D 14 -39.01 -23.13 -9.96
CA ILE D 14 -37.63 -23.41 -10.34
C ILE D 14 -37.36 -22.65 -11.63
N GLU D 15 -38.20 -22.86 -12.65
CA GLU D 15 -37.97 -22.31 -13.97
C GLU D 15 -38.48 -20.88 -14.11
N GLY D 16 -39.02 -20.31 -13.03
CA GLY D 16 -39.49 -18.94 -13.04
C GLY D 16 -40.02 -18.62 -11.67
N GLY D 17 -40.31 -17.33 -11.46
CA GLY D 17 -40.80 -16.88 -10.18
C GLY D 17 -42.31 -16.83 -10.10
N TRP D 18 -42.81 -16.56 -8.90
CA TRP D 18 -44.24 -16.47 -8.63
C TRP D 18 -44.59 -15.05 -8.19
N THR D 19 -45.76 -14.58 -8.64
CA THR D 19 -46.33 -13.31 -8.19
C THR D 19 -47.56 -13.52 -7.33
N GLY D 20 -47.88 -14.77 -6.97
CA GLY D 20 -49.04 -15.11 -6.19
C GLY D 20 -48.89 -15.05 -4.68
N MET D 21 -47.69 -14.77 -4.18
CA MET D 21 -47.43 -14.73 -2.74
C MET D 21 -46.49 -13.59 -2.39
N VAL D 22 -46.75 -12.96 -1.25
CA VAL D 22 -45.95 -11.87 -0.71
C VAL D 22 -45.47 -12.13 0.71
N ASP D 23 -45.76 -13.30 1.29
CA ASP D 23 -45.41 -13.55 2.68
C ASP D 23 -43.93 -13.91 2.87
N GLY D 24 -43.27 -14.44 1.85
CA GLY D 24 -41.86 -14.75 2.00
C GLY D 24 -41.21 -15.06 0.67
N TRP D 25 -39.88 -15.15 0.71
CA TRP D 25 -39.09 -15.35 -0.50
C TRP D 25 -39.26 -16.75 -1.07
N TYR D 26 -39.35 -17.77 -0.21
CA TYR D 26 -39.41 -19.16 -0.64
C TYR D 26 -40.75 -19.73 -0.23
N GLY D 27 -41.24 -20.68 -1.03
CA GLY D 27 -42.53 -21.24 -0.71
C GLY D 27 -42.89 -22.38 -1.63
N TYR D 28 -44.17 -22.73 -1.56
CA TYR D 28 -44.75 -23.88 -2.24
C TYR D 28 -46.00 -23.50 -3.00
N HIS D 29 -46.24 -24.24 -4.09
CA HIS D 29 -47.54 -24.24 -4.74
C HIS D 29 -48.37 -25.30 -4.03
N HIS D 30 -49.65 -25.00 -3.84
CA HIS D 30 -50.53 -25.86 -3.08
C HIS D 30 -51.92 -25.90 -3.72
N GLN D 31 -52.29 -27.09 -4.16
CA GLN D 31 -53.61 -27.43 -4.68
C GLN D 31 -54.00 -28.74 -4.00
N ASN D 32 -55.16 -28.78 -3.35
CA ASN D 32 -55.55 -29.98 -2.62
C ASN D 32 -57.07 -30.11 -2.64
N GLU D 33 -57.55 -31.14 -1.93
CA GLU D 33 -58.98 -31.42 -1.88
C GLU D 33 -59.76 -30.25 -1.29
N GLN D 34 -59.17 -29.52 -0.34
CA GLN D 34 -59.87 -28.47 0.37
C GLN D 34 -59.61 -27.06 -0.16
N GLY D 35 -58.83 -26.91 -1.23
CA GLY D 35 -58.55 -25.59 -1.77
C GLY D 35 -57.15 -25.50 -2.35
N SER D 36 -56.75 -24.25 -2.60
CA SER D 36 -55.47 -23.92 -3.20
C SER D 36 -54.94 -22.65 -2.54
N GLY D 37 -53.85 -22.10 -3.09
CA GLY D 37 -53.22 -20.89 -2.57
C GLY D 37 -51.79 -21.12 -2.14
N TYR D 38 -50.93 -20.12 -2.29
CA TYR D 38 -49.51 -20.27 -1.98
C TYR D 38 -49.22 -19.88 -0.54
N ALA D 39 -48.18 -20.49 0.03
CA ALA D 39 -47.70 -20.11 1.35
C ALA D 39 -46.21 -20.36 1.44
N ALA D 40 -45.52 -19.51 2.20
CA ALA D 40 -44.09 -19.61 2.41
C ALA D 40 -43.74 -20.60 3.51
N ASP D 41 -42.53 -21.17 3.41
CA ASP D 41 -41.90 -21.92 4.49
C ASP D 41 -41.07 -20.90 5.27
N LEU D 42 -41.60 -20.44 6.40
CA LEU D 42 -41.05 -19.27 7.08
C LEU D 42 -39.75 -19.54 7.83
N LYS D 43 -39.45 -20.78 8.23
CA LYS D 43 -38.18 -21.01 8.91
C LYS D 43 -37.00 -20.84 7.95
N SER D 44 -37.09 -21.44 6.77
CA SER D 44 -36.01 -21.28 5.78
C SER D 44 -35.93 -19.84 5.32
N THR D 45 -37.09 -19.22 5.08
CA THR D 45 -37.12 -17.83 4.65
C THR D 45 -36.49 -16.94 5.71
N GLN D 46 -36.81 -17.19 6.98
CA GLN D 46 -36.27 -16.34 8.04
C GLN D 46 -34.76 -16.53 8.15
N ASN D 47 -34.28 -17.76 7.98
CA ASN D 47 -32.83 -17.99 8.03
C ASN D 47 -32.12 -17.28 6.88
N ALA D 48 -32.71 -17.31 5.69
CA ALA D 48 -32.10 -16.63 4.55
C ALA D 48 -32.09 -15.12 4.74
N ILE D 49 -33.18 -14.54 5.24
CA ILE D 49 -33.19 -13.09 5.44
C ILE D 49 -32.18 -12.71 6.52
N ASP D 50 -32.11 -13.48 7.62
CA ASP D 50 -31.14 -13.12 8.66
C ASP D 50 -29.71 -13.20 8.13
N LYS D 51 -29.40 -14.22 7.31
CA LYS D 51 -28.04 -14.30 6.78
C LYS D 51 -27.75 -13.21 5.76
N ILE D 52 -28.70 -12.87 4.89
CA ILE D 52 -28.47 -11.79 3.92
C ILE D 52 -28.35 -10.45 4.65
N THR D 53 -29.18 -10.23 5.67
CA THR D 53 -29.07 -9.02 6.47
C THR D 53 -27.71 -8.98 7.14
N ASN D 54 -27.25 -10.12 7.66
CA ASN D 54 -25.93 -10.18 8.27
C ASN D 54 -24.86 -9.76 7.27
N LYS D 55 -24.95 -10.27 6.03
CA LYS D 55 -24.00 -9.86 4.99
C LYS D 55 -24.06 -8.36 4.77
N VAL D 56 -25.26 -7.82 4.64
CA VAL D 56 -25.41 -6.38 4.39
C VAL D 56 -24.83 -5.59 5.55
N ASN D 57 -25.14 -6.01 6.77
CA ASN D 57 -24.66 -5.31 7.95
C ASN D 57 -23.16 -5.42 8.05
N SER D 58 -22.57 -6.52 7.59
CA SER D 58 -21.12 -6.64 7.63
C SER D 58 -20.49 -5.73 6.59
N VAL D 59 -21.10 -5.61 5.41
CA VAL D 59 -20.57 -4.72 4.39
C VAL D 59 -20.61 -3.27 4.88
N ILE D 60 -21.68 -2.87 5.57
CA ILE D 60 -21.76 -1.47 6.02
C ILE D 60 -20.98 -1.23 7.30
N GLU D 61 -21.17 -2.05 8.34
CA GLU D 61 -20.52 -1.79 9.63
C GLU D 61 -19.01 -2.00 9.57
N LYS D 62 -18.50 -2.84 8.66
CA LYS D 62 -17.06 -3.08 8.63
C LYS D 62 -16.30 -1.97 7.91
N MET D 63 -17.00 -0.98 7.37
CA MET D 63 -16.34 0.17 6.76
C MET D 63 -15.90 1.08 7.89
N ASN D 64 -14.60 1.33 7.99
CA ASN D 64 -14.07 2.18 9.04
C ASN D 64 -14.12 3.64 8.60
N THR D 65 -14.57 4.50 9.51
CA THR D 65 -14.66 5.93 9.27
C THR D 65 -14.09 6.68 10.45
N GLN D 66 -13.23 7.66 10.16
CA GLN D 66 -12.65 8.53 11.16
C GLN D 66 -12.92 9.96 10.75
N PHE D 67 -12.92 10.88 11.72
CA PHE D 67 -13.21 12.27 11.43
C PHE D 67 -11.94 12.92 10.90
N THR D 68 -11.96 13.24 9.61
CA THR D 68 -10.82 13.79 8.89
C THR D 68 -11.37 14.78 7.86
N ALA D 69 -10.49 15.23 6.97
CA ALA D 69 -10.86 16.16 5.92
C ALA D 69 -10.07 15.83 4.66
N VAL D 70 -10.74 15.92 3.53
CA VAL D 70 -10.15 15.65 2.22
C VAL D 70 -10.13 16.96 1.46
N GLY D 71 -8.99 17.29 0.86
CA GLY D 71 -8.82 18.53 0.13
C GLY D 71 -7.93 19.46 0.91
N LYS D 72 -6.90 20.00 0.27
CA LYS D 72 -5.94 20.89 0.92
C LYS D 72 -5.65 22.06 0.02
N GLU D 73 -5.38 23.22 0.62
CA GLU D 73 -5.07 24.44 -0.10
C GLU D 73 -3.56 24.55 -0.30
N PHE D 74 -3.14 24.73 -1.55
CA PHE D 74 -1.73 24.85 -1.89
C PHE D 74 -1.50 26.12 -2.70
N ASN D 75 -0.28 26.64 -2.59
CA ASN D 75 0.14 27.85 -3.26
C ASN D 75 0.56 27.51 -4.69
N HIS D 76 0.95 28.53 -5.46
CA HIS D 76 1.36 28.31 -6.84
C HIS D 76 2.78 27.78 -6.95
N LEU D 77 3.55 27.80 -5.85
CA LEU D 77 4.90 27.27 -5.80
C LEU D 77 4.96 25.93 -5.05
N GLU D 78 3.82 25.29 -4.86
CA GLU D 78 3.71 23.99 -4.21
C GLU D 78 3.00 23.02 -5.14
N LYS D 79 3.30 23.14 -6.44
CA LYS D 79 2.59 22.34 -7.43
C LYS D 79 2.93 20.86 -7.28
N ARG D 80 4.16 20.53 -6.89
CA ARG D 80 4.49 19.12 -6.71
C ARG D 80 3.74 18.52 -5.53
N ILE D 81 3.49 19.32 -4.51
CA ILE D 81 2.78 18.82 -3.34
C ILE D 81 1.30 18.70 -3.68
N GLU D 82 0.74 19.71 -4.36
CA GLU D 82 -0.64 19.62 -4.79
C GLU D 82 -0.85 18.41 -5.70
N ASN D 83 0.11 18.13 -6.59
CA ASN D 83 0.01 16.96 -7.44
C ASN D 83 0.19 15.69 -6.64
N LEU D 84 0.94 15.74 -5.53
CA LEU D 84 1.03 14.57 -4.67
C LEU D 84 -0.30 14.30 -3.97
N ASN D 85 -0.95 15.37 -3.51
CA ASN D 85 -2.28 15.22 -2.90
C ASN D 85 -3.27 14.68 -3.92
N LYS D 86 -3.20 15.19 -5.15
CA LYS D 86 -4.05 14.69 -6.22
C LYS D 86 -3.77 13.23 -6.48
N LYS D 87 -2.49 12.85 -6.51
CA LYS D 87 -2.11 11.46 -6.70
C LYS D 87 -2.69 10.58 -5.62
N VAL D 88 -2.64 11.04 -4.37
CA VAL D 88 -3.20 10.26 -3.26
C VAL D 88 -4.71 10.14 -3.41
N ASP D 89 -5.38 11.24 -3.75
CA ASP D 89 -6.83 11.19 -3.90
C ASP D 89 -7.23 10.30 -5.07
N ASP D 90 -6.48 10.33 -6.17
CA ASP D 90 -6.82 9.51 -7.33
C ASP D 90 -6.53 8.04 -7.04
N GLY D 91 -5.43 7.77 -6.33
CA GLY D 91 -5.13 6.40 -5.98
C GLY D 91 -6.20 5.80 -5.08
N PHE D 92 -6.56 6.54 -4.02
CA PHE D 92 -7.58 6.03 -3.11
C PHE D 92 -8.93 5.92 -3.82
N LEU D 93 -9.24 6.87 -4.70
CA LEU D 93 -10.49 6.83 -5.44
C LEU D 93 -10.56 5.60 -6.32
N ASP D 94 -9.47 5.30 -7.05
CA ASP D 94 -9.50 4.16 -7.95
C ASP D 94 -9.48 2.86 -7.16
N ILE D 95 -8.75 2.82 -6.05
CA ILE D 95 -8.71 1.61 -5.23
C ILE D 95 -10.10 1.32 -4.68
N TRP D 96 -10.77 2.35 -4.15
CA TRP D 96 -12.10 2.14 -3.60
C TRP D 96 -13.10 1.81 -4.69
N THR D 97 -12.97 2.43 -5.87
CA THR D 97 -13.92 2.15 -6.93
C THR D 97 -13.77 0.72 -7.43
N TYR D 98 -12.53 0.29 -7.68
CA TYR D 98 -12.30 -1.05 -8.19
C TYR D 98 -12.70 -2.11 -7.17
N ASN D 99 -12.31 -1.92 -5.91
CA ASN D 99 -12.66 -2.91 -4.90
C ASN D 99 -14.16 -2.91 -4.63
N ALA D 100 -14.80 -1.74 -4.66
CA ALA D 100 -16.24 -1.67 -4.43
C ALA D 100 -17.00 -2.33 -5.57
N GLU D 101 -16.55 -2.11 -6.81
CA GLU D 101 -17.26 -2.69 -7.94
C GLU D 101 -17.06 -4.20 -7.99
N LEU D 102 -15.85 -4.68 -7.71
CA LEU D 102 -15.67 -6.13 -7.68
C LEU D 102 -16.41 -6.73 -6.50
N LEU D 103 -16.46 -6.02 -5.38
CA LEU D 103 -17.18 -6.52 -4.21
C LEU D 103 -18.67 -6.67 -4.53
N VAL D 104 -19.25 -5.65 -5.18
CA VAL D 104 -20.66 -5.73 -5.53
C VAL D 104 -20.92 -6.83 -6.55
N LEU D 105 -20.09 -6.92 -7.59
CA LEU D 105 -20.33 -7.92 -8.62
C LEU D 105 -20.18 -9.33 -8.05
N LEU D 106 -19.16 -9.54 -7.21
CA LEU D 106 -18.94 -10.86 -6.64
C LEU D 106 -20.01 -11.18 -5.62
N GLU D 107 -20.44 -10.20 -4.81
CA GLU D 107 -21.45 -10.47 -3.80
C GLU D 107 -22.80 -10.70 -4.44
N ASN D 108 -23.07 -10.07 -5.57
CA ASN D 108 -24.31 -10.37 -6.26
C ASN D 108 -24.27 -11.78 -6.83
N GLU D 109 -23.09 -12.21 -7.29
CA GLU D 109 -22.98 -13.57 -7.78
C GLU D 109 -23.21 -14.58 -6.65
N ARG D 110 -22.52 -14.39 -5.52
CA ARG D 110 -22.68 -15.36 -4.43
C ARG D 110 -24.10 -15.31 -3.88
N THR D 111 -24.69 -14.12 -3.77
CA THR D 111 -26.05 -14.00 -3.25
C THR D 111 -27.04 -14.75 -4.15
N LEU D 112 -26.94 -14.57 -5.47
CA LEU D 112 -27.88 -15.24 -6.34
C LEU D 112 -27.66 -16.75 -6.33
N ASP D 113 -26.40 -17.19 -6.27
CA ASP D 113 -26.16 -18.63 -6.19
C ASP D 113 -26.60 -19.17 -4.83
N TYR D 114 -26.46 -18.38 -3.78
CA TYR D 114 -26.94 -18.76 -2.46
C TYR D 114 -28.44 -18.96 -2.49
N HIS D 115 -29.17 -18.05 -3.13
CA HIS D 115 -30.62 -18.18 -3.19
C HIS D 115 -31.01 -19.42 -3.97
N ASP D 116 -30.30 -19.71 -5.07
CA ASP D 116 -30.59 -20.91 -5.84
C ASP D 116 -30.27 -22.16 -5.02
N SER D 117 -29.19 -22.11 -4.22
CA SER D 117 -28.86 -23.25 -3.37
C SER D 117 -29.95 -23.47 -2.33
N ASN D 118 -30.47 -22.39 -1.73
CA ASN D 118 -31.55 -22.55 -0.76
C ASN D 118 -32.79 -23.15 -1.40
N VAL D 119 -33.07 -22.77 -2.65
CA VAL D 119 -34.22 -23.35 -3.33
C VAL D 119 -34.00 -24.84 -3.56
N LYS D 120 -32.80 -25.22 -4.00
CA LYS D 120 -32.49 -26.64 -4.17
C LYS D 120 -32.48 -27.36 -2.83
N ASN D 121 -32.08 -26.69 -1.75
CA ASN D 121 -32.08 -27.32 -0.43
C ASN D 121 -33.50 -27.65 -0.01
N LEU D 122 -34.45 -26.75 -0.29
CA LEU D 122 -35.84 -27.07 0.01
C LEU D 122 -36.36 -28.19 -0.90
N TYR D 123 -35.96 -28.14 -2.18
CA TYR D 123 -36.34 -29.19 -3.13
C TYR D 123 -35.89 -30.55 -2.62
N GLU D 124 -34.64 -30.66 -2.18
CA GLU D 124 -34.14 -31.92 -1.65
C GLU D 124 -34.77 -32.25 -0.31
N LYS D 125 -35.03 -31.24 0.52
CA LYS D 125 -35.69 -31.46 1.81
C LYS D 125 -36.99 -32.23 1.64
N VAL D 126 -37.81 -31.82 0.66
CA VAL D 126 -39.05 -32.55 0.42
C VAL D 126 -38.78 -33.87 -0.34
N ARG D 127 -37.91 -33.83 -1.36
CA ARG D 127 -37.63 -35.02 -2.17
C ARG D 127 -37.17 -36.19 -1.31
N ASN D 128 -36.38 -35.92 -0.29
CA ASN D 128 -35.84 -36.97 0.56
C ASN D 128 -36.86 -37.52 1.54
N GLN D 129 -38.03 -36.89 1.62
CA GLN D 129 -39.15 -37.35 2.45
C GLN D 129 -40.21 -38.05 1.61
N LEU D 130 -40.44 -37.58 0.38
CA LEU D 130 -41.44 -38.18 -0.48
C LEU D 130 -40.92 -39.46 -1.12
N LYS D 131 -39.62 -39.52 -1.41
CA LYS D 131 -38.95 -40.67 -1.99
C LYS D 131 -39.69 -41.18 -3.23
N ASN D 132 -40.15 -42.44 -3.24
CA ASN D 132 -40.82 -43.01 -4.39
C ASN D 132 -42.34 -42.93 -4.32
N ASN D 133 -42.89 -42.21 -3.33
CA ASN D 133 -44.33 -42.09 -3.18
C ASN D 133 -44.94 -40.95 -4.00
N ALA D 134 -44.14 -40.27 -4.83
CA ALA D 134 -44.66 -39.21 -5.67
C ALA D 134 -43.90 -39.19 -6.98
N LYS D 135 -44.60 -38.82 -8.06
CA LYS D 135 -43.95 -38.67 -9.35
C LYS D 135 -43.13 -37.39 -9.36
N GLU D 136 -41.88 -37.52 -9.78
CA GLU D 136 -40.97 -36.40 -9.99
C GLU D 136 -41.11 -35.92 -11.43
N ILE D 137 -41.50 -34.66 -11.60
CA ILE D 137 -41.69 -34.11 -12.94
C ILE D 137 -40.40 -33.51 -13.47
N GLY D 138 -39.55 -32.96 -12.60
CA GLY D 138 -38.30 -32.35 -13.00
C GLY D 138 -38.34 -30.84 -13.12
N ASN D 139 -39.52 -30.23 -13.08
CA ASN D 139 -39.68 -28.78 -13.14
C ASN D 139 -39.96 -28.18 -11.76
N GLY D 140 -39.73 -28.94 -10.69
CA GLY D 140 -39.99 -28.49 -9.33
C GLY D 140 -41.30 -28.98 -8.78
N CYS D 141 -42.14 -29.59 -9.61
CA CYS D 141 -43.44 -30.06 -9.20
C CYS D 141 -43.38 -31.52 -8.79
N PHE D 142 -44.03 -31.85 -7.66
CA PHE D 142 -44.13 -33.21 -7.14
C PHE D 142 -45.59 -33.60 -7.21
N GLU D 143 -45.93 -34.59 -8.04
CA GLU D 143 -47.32 -35.02 -8.16
C GLU D 143 -47.50 -36.34 -7.41
N PHE D 144 -48.22 -36.30 -6.29
CA PHE D 144 -48.30 -37.49 -5.45
C PHE D 144 -49.13 -38.58 -6.10
N TYR D 145 -48.67 -39.83 -5.93
CA TYR D 145 -49.41 -40.96 -6.48
C TYR D 145 -50.66 -41.21 -5.65
N HIS D 146 -50.54 -41.04 -4.33
CA HIS D 146 -51.65 -41.14 -3.40
C HIS D 146 -52.31 -39.78 -3.23
N LYS D 147 -53.55 -39.78 -2.75
CA LYS D 147 -54.25 -38.55 -2.43
C LYS D 147 -53.74 -37.91 -1.14
N CYS D 148 -53.65 -36.58 -1.15
CA CYS D 148 -53.19 -35.78 -0.01
C CYS D 148 -54.03 -34.54 0.21
N ASP D 149 -54.75 -34.53 1.33
CA ASP D 149 -55.62 -33.42 1.68
C ASP D 149 -54.75 -32.35 2.32
N ASN D 150 -55.39 -31.28 2.82
CA ASN D 150 -54.66 -30.15 3.38
C ASN D 150 -53.73 -30.61 4.50
N THR D 151 -54.16 -31.60 5.29
CA THR D 151 -53.33 -32.09 6.40
C THR D 151 -52.02 -32.72 5.90
N CYS D 152 -52.10 -33.54 4.85
CA CYS D 152 -50.88 -34.14 4.29
C CYS D 152 -49.92 -33.05 3.82
N MET D 153 -50.46 -32.09 3.07
CA MET D 153 -49.63 -31.02 2.52
C MET D 153 -49.01 -30.18 3.63
N GLU D 154 -49.78 -29.87 4.69
CA GLU D 154 -49.25 -29.10 5.80
C GLU D 154 -48.17 -29.88 6.54
N SER D 155 -48.34 -31.19 6.66
CA SER D 155 -47.29 -32.01 7.30
C SER D 155 -46.01 -32.00 6.48
N VAL D 156 -46.13 -32.04 5.15
CA VAL D 156 -44.94 -31.99 4.30
C VAL D 156 -44.26 -30.64 4.44
N LYS D 157 -45.04 -29.57 4.37
CA LYS D 157 -44.51 -28.22 4.48
C LYS D 157 -43.88 -27.96 5.84
N ASN D 158 -44.47 -28.55 6.89
CA ASN D 158 -43.98 -28.39 8.26
C ASN D 158 -42.60 -29.02 8.45
N GLY D 159 -42.29 -30.09 7.71
CA GLY D 159 -40.98 -30.73 7.74
C GLY D 159 -40.95 -32.15 8.23
N THR D 160 -42.08 -32.78 8.56
CA THR D 160 -42.13 -34.18 8.98
C THR D 160 -43.21 -34.89 8.17
N TYR D 161 -42.83 -36.00 7.55
CA TYR D 161 -43.74 -36.82 6.75
C TYR D 161 -43.71 -38.27 7.21
N ASP D 162 -44.87 -38.79 7.57
CA ASP D 162 -45.02 -40.15 8.08
C ASP D 162 -45.13 -41.14 6.92
N TYR D 163 -44.01 -41.31 6.23
CA TYR D 163 -43.91 -42.18 5.05
C TYR D 163 -44.54 -43.56 5.24
N PRO D 164 -44.31 -44.29 6.34
CA PRO D 164 -44.88 -45.64 6.46
C PRO D 164 -46.41 -45.72 6.40
N LYS D 165 -47.14 -44.62 6.60
CA LYS D 165 -48.59 -44.67 6.59
C LYS D 165 -49.19 -44.49 5.19
N TYR D 166 -48.40 -44.07 4.21
CA TYR D 166 -48.86 -43.77 2.86
C TYR D 166 -48.24 -44.66 1.80
N SER D 167 -47.14 -45.36 2.10
CA SER D 167 -46.43 -46.13 1.08
C SER D 167 -47.28 -47.24 0.48
N GLU D 168 -48.28 -47.75 1.21
CA GLU D 168 -49.12 -48.80 0.64
C GLU D 168 -49.99 -48.24 -0.48
N GLU D 169 -50.59 -47.08 -0.26
CA GLU D 169 -51.42 -46.47 -1.29
C GLU D 169 -50.55 -46.00 -2.45
N ALA D 170 -49.40 -45.41 -2.13
CA ALA D 170 -48.52 -44.92 -3.18
C ALA D 170 -48.01 -46.06 -4.04
N LYS D 171 -47.64 -47.20 -3.45
CA LYS D 171 -47.15 -48.31 -4.26
C LYS D 171 -48.28 -48.93 -5.07
N LEU D 172 -49.50 -48.98 -4.52
CA LEU D 172 -50.60 -49.53 -5.30
C LEU D 172 -50.90 -48.64 -6.51
N ASN D 173 -50.85 -47.32 -6.31
CA ASN D 173 -51.06 -46.41 -7.43
C ASN D 173 -49.89 -46.44 -8.40
N ARG D 174 -48.68 -46.72 -7.90
CA ARG D 174 -47.52 -46.87 -8.77
C ARG D 174 -47.70 -48.07 -9.70
N GLU D 175 -48.23 -49.17 -9.16
CA GLU D 175 -48.43 -50.37 -9.96
C GLU D 175 -49.38 -50.12 -11.14
N LYS D 176 -50.39 -49.27 -10.95
CA LYS D 176 -51.34 -48.98 -12.02
C LYS D 176 -50.83 -47.94 -13.02
N ILE D 177 -49.66 -47.35 -12.79
CA ILE D 177 -49.12 -46.30 -13.66
C ILE D 177 -47.72 -46.72 -14.12
N ASP E 2 -25.96 -52.68 11.33
CA ASP E 2 -24.71 -52.02 11.01
C ASP E 2 -24.96 -50.63 10.44
N THR E 3 -24.25 -49.65 10.96
CA THR E 3 -24.43 -48.24 10.63
C THR E 3 -23.12 -47.63 10.16
N LEU E 4 -23.20 -46.83 9.10
CA LEU E 4 -22.08 -46.04 8.61
C LEU E 4 -22.50 -44.58 8.66
N CYS E 5 -21.81 -43.80 9.47
CA CYS E 5 -22.11 -42.39 9.70
C CYS E 5 -21.05 -41.53 9.04
N ILE E 6 -21.50 -40.53 8.28
CA ILE E 6 -20.62 -39.58 7.61
C ILE E 6 -20.74 -38.28 8.38
N GLY E 7 -19.61 -37.81 8.90
CA GLY E 7 -19.61 -36.62 9.73
C GLY E 7 -18.23 -36.03 9.79
N TYR E 8 -17.98 -35.28 10.87
CA TYR E 8 -16.75 -34.54 10.97
C TYR E 8 -16.30 -34.35 12.43
N HIS E 9 -15.03 -34.00 12.55
CA HIS E 9 -14.36 -33.83 13.83
C HIS E 9 -14.87 -32.62 14.61
N ALA E 10 -14.94 -32.78 15.94
CA ALA E 10 -15.28 -31.71 16.86
C ALA E 10 -14.33 -31.83 18.05
N ASN E 11 -14.17 -30.73 18.78
CA ASN E 11 -13.27 -30.71 19.92
C ASN E 11 -13.81 -29.75 20.99
N ASN E 12 -12.96 -29.42 21.95
CA ASN E 12 -13.30 -28.52 23.06
C ASN E 12 -12.80 -27.10 22.82
N SER E 13 -12.39 -26.78 21.59
CA SER E 13 -11.89 -25.45 21.29
C SER E 13 -13.01 -24.41 21.41
N THR E 14 -12.65 -23.23 21.92
CA THR E 14 -13.57 -22.12 22.09
C THR E 14 -13.27 -20.94 21.16
N ASP E 15 -12.34 -21.11 20.22
CA ASP E 15 -12.01 -20.04 19.29
C ASP E 15 -13.11 -19.93 18.25
N THR E 16 -13.56 -18.70 17.98
CA THR E 16 -14.63 -18.46 17.02
C THR E 16 -14.12 -17.63 15.85
N VAL E 17 -14.88 -17.69 14.76
CA VAL E 17 -14.62 -16.92 13.55
C VAL E 17 -15.93 -16.24 13.15
N ASP E 18 -15.79 -15.22 12.30
CA ASP E 18 -16.93 -14.52 11.72
C ASP E 18 -16.99 -14.79 10.22
N THR E 19 -18.20 -14.79 9.68
CA THR E 19 -18.43 -14.97 8.26
C THR E 19 -19.37 -13.87 7.77
N VAL E 20 -19.48 -13.74 6.45
CA VAL E 20 -20.40 -12.76 5.88
C VAL E 20 -21.85 -13.10 6.21
N LEU E 21 -22.17 -14.38 6.36
CA LEU E 21 -23.54 -14.78 6.65
C LEU E 21 -23.80 -15.03 8.14
N GLU E 22 -22.77 -15.30 8.94
CA GLU E 22 -22.96 -15.61 10.35
C GLU E 22 -21.77 -15.10 11.14
N LYS E 23 -22.07 -14.56 12.33
CA LYS E 23 -21.06 -14.10 13.28
C LYS E 23 -20.96 -15.06 14.45
N ASN E 24 -19.81 -15.03 15.12
CA ASN E 24 -19.54 -15.85 16.30
C ASN E 24 -19.71 -17.34 15.98
N VAL E 25 -19.11 -17.76 14.88
CA VAL E 25 -19.14 -19.16 14.45
C VAL E 25 -17.96 -19.86 15.13
N THR E 26 -18.26 -20.88 15.92
CA THR E 26 -17.21 -21.62 16.61
C THR E 26 -16.62 -22.65 15.65
N VAL E 27 -15.28 -22.74 15.63
CA VAL E 27 -14.58 -23.67 14.76
C VAL E 27 -13.62 -24.52 15.59
N THR E 28 -13.29 -25.70 15.06
CA THR E 28 -12.39 -26.60 15.77
C THR E 28 -10.97 -26.06 15.78
N HIS E 29 -10.57 -25.34 14.72
CA HIS E 29 -9.25 -24.75 14.61
C HIS E 29 -9.38 -23.43 13.87
N SER E 30 -8.51 -22.49 14.22
CA SER E 30 -8.44 -21.22 13.53
C SER E 30 -7.00 -20.73 13.59
N VAL E 31 -6.66 -19.84 12.65
CA VAL E 31 -5.34 -19.22 12.60
C VAL E 31 -5.54 -17.72 12.74
N ASN E 32 -4.84 -17.15 13.72
CA ASN E 32 -4.91 -15.72 14.02
C ASN E 32 -4.03 -14.94 13.06
N LEU E 33 -4.64 -14.05 12.28
CA LEU E 33 -3.90 -13.21 11.36
C LEU E 33 -3.51 -11.87 11.97
N LEU E 34 -3.98 -11.57 13.19
CA LEU E 34 -3.78 -10.29 13.83
C LEU E 34 -2.96 -10.51 15.09
N GLU E 35 -1.80 -9.88 15.17
CA GLU E 35 -0.94 -9.98 16.35
C GLU E 35 -1.33 -8.90 17.34
N ASP E 36 -1.63 -9.30 18.58
CA ASP E 36 -2.00 -8.40 19.66
C ASP E 36 -1.03 -8.48 20.82
N LYS E 37 0.14 -9.09 20.63
CA LYS E 37 1.17 -9.23 21.64
C LYS E 37 2.46 -8.67 21.07
N HIS E 38 3.38 -8.27 21.95
CA HIS E 38 4.67 -7.77 21.53
C HIS E 38 5.70 -8.03 22.63
N ASN E 39 6.97 -7.78 22.29
CA ASN E 39 8.05 -8.08 23.22
C ASN E 39 8.07 -7.14 24.41
N GLY E 40 7.56 -5.91 24.25
CA GLY E 40 7.64 -4.93 25.31
C GLY E 40 9.01 -4.34 25.53
N LYS E 41 9.95 -4.59 24.62
CA LYS E 41 11.33 -4.14 24.74
C LYS E 41 11.79 -3.60 23.40
N LEU E 42 12.69 -2.61 23.40
CA LEU E 42 13.35 -2.20 22.15
C LEU E 42 14.63 -2.98 22.00
N CYS E 43 14.84 -3.51 20.79
CA CYS E 43 15.93 -4.40 20.48
C CYS E 43 16.60 -4.02 19.16
N LYS E 44 17.56 -4.85 18.77
CA LYS E 44 18.29 -4.65 17.54
C LYS E 44 17.37 -4.82 16.34
N LEU E 45 17.59 -3.99 15.32
CA LEU E 45 16.85 -4.04 14.07
C LEU E 45 17.85 -4.36 12.96
N ARG E 46 17.57 -5.41 12.18
CA ARG E 46 18.48 -5.89 11.15
C ARG E 46 19.83 -6.29 11.72
N GLY E 47 19.86 -6.74 12.97
CA GLY E 47 21.09 -7.17 13.59
C GLY E 47 21.96 -6.07 14.14
N VAL E 48 21.55 -4.81 14.04
CA VAL E 48 22.35 -3.66 14.49
C VAL E 48 21.58 -2.95 15.59
N ALA E 49 22.27 -2.67 16.69
CA ALA E 49 21.63 -2.02 17.83
C ALA E 49 21.18 -0.61 17.47
N PRO E 50 20.11 -0.10 18.09
CA PRO E 50 19.75 1.30 17.91
C PRO E 50 20.65 2.22 18.71
N LEU E 51 20.59 3.50 18.34
CA LEU E 51 21.18 4.56 19.13
C LEU E 51 20.11 5.09 20.08
N HIS E 52 20.31 4.87 21.37
CA HIS E 52 19.35 5.28 22.40
C HIS E 52 19.87 6.55 23.05
N LEU E 53 19.09 7.63 22.92
CA LEU E 53 19.52 8.93 23.43
C LEU E 53 19.08 9.18 24.86
N GLY E 54 18.10 8.43 25.36
CA GLY E 54 17.64 8.62 26.73
C GLY E 54 17.08 10.01 26.94
N LYS E 55 17.63 10.71 27.93
CA LYS E 55 17.18 12.07 28.23
C LYS E 55 17.57 13.08 27.16
N CYS E 56 18.56 12.76 26.31
CA CYS E 56 19.02 13.70 25.30
C CYS E 56 18.12 13.68 24.08
N ASN E 57 17.95 14.85 23.47
CA ASN E 57 17.25 14.97 22.20
C ASN E 57 18.26 14.68 21.09
N ILE E 58 17.80 14.69 19.83
CA ILE E 58 18.75 14.51 18.74
C ILE E 58 19.66 15.72 18.63
N ALA E 59 19.10 16.93 18.73
CA ALA E 59 19.93 18.13 18.68
C ALA E 59 20.99 18.10 19.77
N GLY E 60 20.62 17.62 20.96
CA GLY E 60 21.58 17.53 22.05
C GLY E 60 22.74 16.62 21.71
N TRP E 61 22.42 15.41 21.26
CA TRP E 61 23.46 14.45 20.90
C TRP E 61 24.35 14.95 19.77
N ILE E 62 23.77 15.44 18.67
CA ILE E 62 24.61 15.82 17.54
C ILE E 62 25.42 17.05 17.87
N LEU E 63 24.93 17.91 18.74
CA LEU E 63 25.65 19.10 19.14
C LEU E 63 26.59 18.86 20.32
N GLY E 64 26.53 17.70 20.96
CA GLY E 64 27.39 17.49 22.12
C GLY E 64 26.96 18.24 23.37
N ASN E 65 25.65 18.34 23.60
CA ASN E 65 25.12 19.04 24.77
C ASN E 65 25.78 18.54 26.05
N PRO E 66 26.12 19.42 27.00
CA PRO E 66 26.76 18.97 28.26
C PRO E 66 26.08 17.80 28.96
N GLU E 67 24.76 17.67 28.86
CA GLU E 67 24.07 16.56 29.50
C GLU E 67 24.17 15.26 28.70
N CYS E 68 24.85 15.27 27.55
CA CYS E 68 25.02 14.10 26.70
C CYS E 68 26.45 13.58 26.72
N GLU E 69 27.30 14.09 27.61
CA GLU E 69 28.70 13.65 27.67
C GLU E 69 28.81 12.16 27.94
N SER E 70 27.90 11.60 28.74
CA SER E 70 27.95 10.19 29.08
C SER E 70 27.31 9.30 28.02
N LEU E 71 26.77 9.87 26.95
CA LEU E 71 26.08 9.12 25.91
C LEU E 71 27.09 8.65 24.87
N SER E 72 27.40 7.35 24.90
CA SER E 72 28.36 6.78 23.96
C SER E 72 27.67 6.57 22.63
N THR E 73 28.35 6.93 21.54
CA THR E 73 27.79 6.83 20.20
C THR E 73 28.30 5.58 19.50
N ALA E 74 27.38 4.76 19.03
CA ALA E 74 27.71 3.57 18.27
C ALA E 74 28.25 3.96 16.89
N SER E 75 29.12 3.11 16.34
CA SER E 75 29.62 3.38 15.01
C SER E 75 28.52 3.25 13.95
N SER E 76 27.42 2.57 14.27
CA SER E 76 26.28 2.46 13.36
C SER E 76 25.03 2.18 14.20
N TRP E 77 23.88 2.49 13.63
CA TRP E 77 22.61 2.16 14.28
C TRP E 77 21.53 2.08 13.23
N SER E 78 20.47 1.34 13.57
CA SER E 78 19.34 1.15 12.66
C SER E 78 18.24 2.20 12.84
N TYR E 79 18.13 2.81 14.02
CA TYR E 79 17.12 3.81 14.30
C TYR E 79 17.51 4.52 15.59
N ILE E 80 16.82 5.63 15.88
CA ILE E 80 17.06 6.45 17.05
C ILE E 80 15.86 6.36 17.98
N VAL E 81 16.14 6.23 19.28
CA VAL E 81 15.14 6.15 20.32
C VAL E 81 15.24 7.40 21.19
N GLU E 82 14.11 8.07 21.40
CA GLU E 82 14.00 9.21 22.30
C GLU E 82 12.98 8.86 23.39
N THR E 83 13.23 9.33 24.60
CA THR E 83 12.33 9.09 25.71
C THR E 83 11.19 10.11 25.69
N SER E 84 10.15 9.86 26.48
CA SER E 84 9.02 10.78 26.52
C SER E 84 9.39 12.11 27.19
N ASN E 85 10.46 12.12 27.97
CA ASN E 85 10.96 13.31 28.63
C ASN E 85 12.20 13.86 27.95
N SER E 86 12.38 13.56 26.66
CA SER E 86 13.52 14.05 25.91
C SER E 86 13.63 15.56 26.01
N ASP E 87 14.79 16.02 26.47
CA ASP E 87 15.04 17.42 26.72
C ASP E 87 16.55 17.61 26.65
N ASN E 88 17.01 18.83 26.91
CA ASN E 88 18.42 19.16 26.85
C ASN E 88 18.95 18.88 25.44
N GLY E 89 18.21 19.39 24.45
CA GLY E 89 18.58 19.28 23.06
C GLY E 89 19.45 20.49 22.81
N THR E 90 18.86 21.59 22.37
CA THR E 90 19.63 22.82 22.37
C THR E 90 19.58 23.39 23.76
N CYS E 91 20.48 24.33 24.05
CA CYS E 91 20.49 25.02 25.34
C CYS E 91 20.42 26.52 25.17
N TYR E 92 21.31 27.12 24.39
CA TYR E 92 21.12 28.51 24.09
C TYR E 92 19.88 28.51 23.19
N PRO E 93 18.79 29.18 23.54
CA PRO E 93 17.55 28.99 22.78
C PRO E 93 17.69 29.49 21.35
N GLY E 94 16.96 28.84 20.45
CA GLY E 94 16.97 29.28 19.07
C GLY E 94 16.24 28.31 18.18
N ASP E 95 16.18 28.68 16.91
CA ASP E 95 15.50 27.92 15.87
C ASP E 95 16.52 27.06 15.14
N PHE E 96 16.40 25.74 15.26
CA PHE E 96 17.31 24.83 14.60
C PHE E 96 16.79 24.67 13.18
N ILE E 97 17.55 25.17 12.21
CA ILE E 97 17.07 25.27 10.83
C ILE E 97 17.19 23.91 10.15
N ASN E 98 16.12 23.50 9.47
CA ASN E 98 16.05 22.19 8.82
C ASN E 98 16.32 21.08 9.83
N TYR E 99 15.74 21.23 11.02
CA TYR E 99 15.93 20.22 12.07
C TYR E 99 15.23 18.92 11.72
N GLU E 100 14.00 19.00 11.21
CA GLU E 100 13.28 17.77 10.87
C GLU E 100 13.99 17.03 9.74
N GLU E 101 14.54 17.77 8.78
CA GLU E 101 15.28 17.13 7.71
C GLU E 101 16.55 16.47 8.25
N LEU E 102 17.20 17.11 9.20
CA LEU E 102 18.40 16.52 9.78
C LEU E 102 18.05 15.26 10.56
N ARG E 103 16.93 15.28 11.28
CA ARG E 103 16.50 14.08 12.00
C ARG E 103 16.18 12.96 11.03
N GLU E 104 15.65 13.30 9.86
CA GLU E 104 15.35 12.30 8.87
C GLU E 104 16.63 11.71 8.28
N GLN E 105 17.66 12.56 8.07
CA GLN E 105 18.90 12.06 7.48
C GLN E 105 19.65 11.12 8.42
N LEU E 106 19.72 11.46 9.71
CA LEU E 106 20.36 10.59 10.69
C LEU E 106 19.35 9.59 11.27
N SER E 107 18.82 8.73 10.40
CA SER E 107 17.87 7.72 10.87
C SER E 107 18.64 6.41 11.00
N SER E 108 18.82 5.68 9.89
CA SER E 108 19.66 4.51 9.83
C SER E 108 20.97 4.91 9.16
N VAL E 109 22.09 4.65 9.83
CA VAL E 109 23.40 5.07 9.36
C VAL E 109 24.28 3.83 9.26
N SER E 110 24.88 3.63 8.08
CA SER E 110 25.71 2.45 7.86
C SER E 110 27.07 2.58 8.53
N SER E 111 27.57 3.81 8.64
CA SER E 111 28.85 4.08 9.29
C SER E 111 28.77 5.47 9.89
N PHE E 112 29.24 5.62 11.13
CA PHE E 112 29.18 6.93 11.80
C PHE E 112 30.40 7.11 12.68
N GLU E 113 31.32 7.96 12.26
CA GLU E 113 32.57 8.24 12.98
C GLU E 113 32.53 9.68 13.45
N ARG E 114 32.82 9.90 14.74
CA ARG E 114 32.87 11.25 15.29
C ARG E 114 34.30 11.75 15.07
N PHE E 115 34.45 12.66 14.12
CA PHE E 115 35.74 13.12 13.60
C PHE E 115 35.97 14.56 14.03
N GLU E 116 37.22 14.90 14.35
CA GLU E 116 37.59 16.26 14.74
C GLU E 116 38.00 17.06 13.50
N ILE E 117 37.18 18.03 13.12
CA ILE E 117 37.40 18.75 11.87
C ILE E 117 38.42 19.88 12.03
N PHE E 118 38.34 20.64 13.11
CA PHE E 118 39.18 21.83 13.32
C PHE E 118 39.77 21.87 14.72
N PRO E 119 40.97 21.29 14.95
CA PRO E 119 41.50 21.18 16.32
C PRO E 119 41.53 22.51 17.08
N LYS E 120 41.13 22.44 18.34
CA LYS E 120 40.94 23.64 19.17
C LYS E 120 42.17 24.54 19.24
N THR E 121 43.37 23.95 19.28
CA THR E 121 44.60 24.70 19.52
C THR E 121 45.40 25.00 18.26
N SER E 122 44.86 24.69 17.07
CA SER E 122 45.57 24.88 15.81
C SER E 122 44.82 25.78 14.84
N SER E 123 43.52 25.55 14.66
CA SER E 123 42.77 26.20 13.60
C SER E 123 42.49 27.69 13.83
N TRP E 124 42.49 28.17 15.07
CA TRP E 124 42.12 29.56 15.37
C TRP E 124 43.14 30.25 16.26
N PRO E 125 44.35 30.49 15.75
CA PRO E 125 45.37 31.12 16.61
C PRO E 125 45.06 32.55 16.98
N ASN E 126 44.16 33.24 16.26
CA ASN E 126 43.87 34.65 16.47
C ASN E 126 42.56 34.89 17.22
N HIS E 127 41.90 33.85 17.74
CA HIS E 127 40.64 33.99 18.44
C HIS E 127 40.65 33.15 19.71
N ASP E 128 39.82 33.58 20.66
CA ASP E 128 39.71 32.92 21.96
C ASP E 128 38.63 31.85 21.92
N SER E 129 39.03 30.59 22.07
CA SER E 129 38.13 29.45 22.05
C SER E 129 37.81 28.96 23.46
N ASN E 130 38.24 29.69 24.50
CA ASN E 130 38.10 29.28 25.89
C ASN E 130 36.96 29.97 26.62
N LYS E 131 36.61 31.22 26.29
CA LYS E 131 35.58 31.96 27.02
C LYS E 131 34.19 31.78 26.42
N GLY E 132 34.03 30.98 25.38
CA GLY E 132 32.74 30.80 24.75
C GLY E 132 31.81 29.88 25.52
N VAL E 133 31.32 30.35 26.68
CA VAL E 133 30.44 29.57 27.53
C VAL E 133 29.21 30.38 27.86
N THR E 134 28.17 29.69 28.32
CA THR E 134 26.91 30.34 28.70
C THR E 134 26.28 29.57 29.86
N ALA E 135 25.42 30.28 30.59
CA ALA E 135 24.65 29.67 31.68
C ALA E 135 23.43 28.89 31.20
N ALA E 136 23.13 28.91 29.89
CA ALA E 136 21.99 28.14 29.40
C ALA E 136 22.15 26.65 29.64
N CYS E 137 23.38 26.13 29.57
CA CYS E 137 23.66 24.72 29.82
C CYS E 137 24.95 24.55 30.62
N PRO E 138 24.90 24.78 31.93
CA PRO E 138 26.09 24.55 32.74
C PRO E 138 26.30 23.05 32.91
N HIS E 139 27.56 22.66 33.10
CA HIS E 139 27.91 21.29 33.45
C HIS E 139 28.36 21.33 34.90
N ALA E 140 27.58 20.69 35.77
CA ALA E 140 27.80 20.74 37.21
C ALA E 140 27.89 22.19 37.71
N GLY E 141 27.10 23.07 37.09
CA GLY E 141 27.07 24.46 37.49
C GLY E 141 28.23 25.29 36.99
N ALA E 142 29.12 24.73 36.17
CA ALA E 142 30.35 25.39 35.77
C ALA E 142 30.21 26.34 34.58
N LYS E 143 29.01 26.50 34.00
CA LYS E 143 28.85 27.35 32.81
C LYS E 143 29.68 26.80 31.66
N SER E 144 29.14 25.82 30.93
CA SER E 144 29.86 25.14 29.88
C SER E 144 29.20 25.42 28.53
N PHE E 145 29.47 24.59 27.52
CA PHE E 145 28.95 24.83 26.18
C PHE E 145 28.94 23.49 25.45
N TYR E 146 28.50 23.52 24.19
CA TYR E 146 28.47 22.33 23.36
C TYR E 146 29.88 21.77 23.16
N LYS E 147 29.96 20.44 23.11
CA LYS E 147 31.26 19.79 22.90
C LYS E 147 31.67 19.75 21.43
N ASN E 148 30.72 19.70 20.49
CA ASN E 148 31.07 19.59 19.08
C ASN E 148 31.32 20.93 18.42
N LEU E 149 30.72 22.00 18.93
CA LEU E 149 30.89 23.35 18.42
C LEU E 149 31.61 24.18 19.47
N ILE E 150 32.34 25.20 19.02
CA ILE E 150 32.91 26.20 19.91
C ILE E 150 32.44 27.59 19.48
N TRP E 151 32.23 28.42 20.49
CA TRP E 151 31.78 29.80 20.34
C TRP E 151 32.99 30.71 20.48
N LEU E 152 33.41 31.33 19.38
CA LEU E 152 34.56 32.22 19.39
C LEU E 152 34.17 33.62 19.80
N VAL E 153 35.05 34.25 20.58
CA VAL E 153 34.87 35.61 21.04
C VAL E 153 36.14 36.38 20.74
N LYS E 154 36.05 37.70 20.85
CA LYS E 154 37.19 38.56 20.57
C LYS E 154 38.32 38.31 21.58
N LYS E 155 39.55 38.33 21.09
CA LYS E 155 40.75 38.17 21.91
C LYS E 155 41.46 39.52 21.90
N GLY E 156 41.48 40.18 23.06
CA GLY E 156 42.16 41.46 23.15
C GLY E 156 41.46 42.56 22.39
N ASN E 157 40.13 42.54 22.36
CA ASN E 157 39.34 43.50 21.60
C ASN E 157 39.69 43.47 20.11
N SER E 158 39.87 42.25 19.58
CA SER E 158 40.15 42.06 18.17
C SER E 158 39.49 40.77 17.70
N TYR E 159 38.85 40.82 16.54
CA TYR E 159 38.22 39.65 15.93
C TYR E 159 38.55 39.63 14.45
N PRO E 160 39.75 39.15 14.09
CA PRO E 160 40.11 39.07 12.66
C PRO E 160 39.18 38.13 11.89
N LYS E 161 39.05 38.42 10.60
CA LYS E 161 38.22 37.62 9.70
C LYS E 161 38.73 36.19 9.59
N LEU E 162 37.80 35.24 9.68
CA LEU E 162 38.08 33.81 9.49
C LEU E 162 38.07 33.44 8.03
N ASN E 163 38.96 32.50 7.66
CA ASN E 163 38.97 31.92 6.32
C ASN E 163 39.24 30.42 6.40
N GLN E 164 38.77 29.77 7.46
CA GLN E 164 39.03 28.35 7.65
C GLN E 164 38.18 27.52 6.68
N SER E 165 38.79 26.48 6.14
CA SER E 165 38.12 25.56 5.23
C SER E 165 38.52 24.13 5.55
N TYR E 166 37.79 23.18 4.98
CA TYR E 166 38.05 21.76 5.13
C TYR E 166 37.90 21.08 3.78
N ILE E 167 38.89 20.25 3.41
CA ILE E 167 38.95 19.67 2.07
C ILE E 167 38.22 18.33 1.94
N ASN E 168 37.73 17.74 3.03
CA ASN E 168 37.02 16.45 3.01
C ASN E 168 37.78 15.37 2.22
N ASP E 169 38.91 14.97 2.78
CA ASP E 169 39.71 13.91 2.17
C ASP E 169 39.25 12.52 2.60
N LYS E 170 38.09 12.44 3.27
CA LYS E 170 37.47 11.17 3.62
C LYS E 170 36.71 10.62 2.42
N GLY E 171 36.50 9.31 2.43
CA GLY E 171 35.75 8.67 1.37
C GLY E 171 34.24 8.69 1.53
N LYS E 172 33.73 9.24 2.62
CA LYS E 172 32.32 9.29 2.95
C LYS E 172 31.86 10.74 3.06
N GLU E 173 30.53 10.92 3.07
CA GLU E 173 29.98 12.25 3.26
C GLU E 173 30.27 12.71 4.68
N VAL E 174 30.50 14.01 4.85
CA VAL E 174 30.76 14.59 6.17
C VAL E 174 29.65 15.57 6.53
N LEU E 175 29.06 15.37 7.70
CA LEU E 175 28.04 16.25 8.24
C LEU E 175 28.73 17.31 9.09
N VAL E 176 28.58 18.57 8.69
CA VAL E 176 29.19 19.71 9.35
C VAL E 176 28.07 20.56 9.93
N LEU E 177 28.15 20.84 11.23
CA LEU E 177 27.17 21.61 11.98
C LEU E 177 27.77 22.95 12.36
N TRP E 178 26.94 23.99 12.43
CA TRP E 178 27.41 25.28 12.92
C TRP E 178 26.21 26.08 13.36
N GLY E 179 26.45 27.28 13.89
CA GLY E 179 25.35 28.15 14.23
C GLY E 179 25.74 29.62 14.18
N ILE E 180 24.71 30.45 14.31
CA ILE E 180 24.83 31.90 14.27
C ILE E 180 24.28 32.43 15.58
N HIS E 181 25.02 33.33 16.22
CA HIS E 181 24.63 33.92 17.49
C HIS E 181 23.90 35.23 17.24
N HIS E 182 22.84 35.47 18.01
CA HIS E 182 22.01 36.66 17.91
C HIS E 182 21.97 37.32 19.28
N PRO E 183 22.92 38.22 19.56
CA PRO E 183 22.94 38.92 20.86
C PRO E 183 21.69 39.72 21.12
N SER E 184 21.42 39.95 22.40
CA SER E 184 20.21 40.68 22.79
C SER E 184 20.23 42.12 22.28
N THR E 185 21.35 42.82 22.45
CA THR E 185 21.45 44.20 21.99
C THR E 185 22.82 44.47 21.36
N THR E 186 22.95 45.68 20.80
CA THR E 186 24.20 46.11 20.19
C THR E 186 25.34 46.10 21.19
N ALA E 187 25.06 46.52 22.43
CA ALA E 187 26.10 46.54 23.46
C ALA E 187 26.65 45.15 23.68
N ASP E 188 25.82 44.11 23.51
CA ASP E 188 26.29 42.76 23.71
C ASP E 188 27.08 42.30 22.49
N GLN E 189 26.70 42.81 21.32
CA GLN E 189 27.46 42.50 20.10
C GLN E 189 28.88 43.06 20.21
N GLN E 190 29.01 44.27 20.73
CA GLN E 190 30.34 44.88 20.89
C GLN E 190 31.11 44.23 22.04
N SER E 191 30.41 43.89 23.13
CA SER E 191 31.08 43.25 24.26
C SER E 191 31.62 41.88 23.89
N LEU E 192 30.88 41.15 23.07
CA LEU E 192 31.24 39.79 22.69
C LEU E 192 32.11 39.72 21.44
N TYR E 193 31.83 40.56 20.45
CA TYR E 193 32.54 40.58 19.18
C TYR E 193 32.94 41.99 18.80
N GLN E 194 34.01 42.11 18.04
CA GLN E 194 34.33 43.36 17.38
C GLN E 194 33.62 43.30 16.03
N ASN E 195 33.74 44.36 15.23
CA ASN E 195 33.11 44.39 13.90
C ASN E 195 31.59 44.20 14.04
N ALA E 196 30.97 45.15 14.74
CA ALA E 196 29.54 45.06 15.05
C ALA E 196 28.68 44.83 13.81
N ASP E 197 29.08 45.38 12.66
CA ASP E 197 28.37 45.12 11.40
C ASP E 197 28.92 43.81 10.84
N ALA E 198 28.58 42.73 11.52
CA ALA E 198 29.10 41.41 11.23
C ALA E 198 28.34 40.72 10.12
N TYR E 199 29.01 39.73 9.51
CA TYR E 199 28.38 38.80 8.59
C TYR E 199 29.05 37.45 8.74
N VAL E 200 28.36 36.40 8.31
CA VAL E 200 28.89 35.05 8.28
C VAL E 200 28.59 34.46 6.91
N PHE E 201 29.54 33.75 6.33
CA PHE E 201 29.33 33.03 5.08
C PHE E 201 29.76 31.59 5.26
N VAL E 202 28.91 30.65 4.84
CA VAL E 202 29.26 29.24 4.90
C VAL E 202 28.87 28.63 3.57
N GLY E 203 29.71 27.74 3.05
CA GLY E 203 29.28 27.07 1.84
C GLY E 203 30.15 25.92 1.38
N THR E 204 29.55 25.16 0.46
CA THR E 204 30.13 23.99 -0.19
C THR E 204 29.90 24.20 -1.69
N SER E 205 30.19 23.20 -2.51
CA SER E 205 29.97 23.38 -3.95
C SER E 205 28.48 23.57 -4.27
N ARG E 206 27.60 22.84 -3.57
CA ARG E 206 26.17 22.94 -3.86
C ARG E 206 25.47 23.98 -3.00
N TYR E 207 25.91 24.13 -1.75
CA TYR E 207 25.26 24.99 -0.77
C TYR E 207 26.15 26.18 -0.46
N SER E 208 25.57 27.38 -0.46
CA SER E 208 26.28 28.56 0.03
C SER E 208 25.26 29.55 0.53
N LYS E 209 25.56 30.20 1.65
CA LYS E 209 24.65 31.23 2.13
C LYS E 209 25.40 32.19 3.04
N LYS E 210 25.02 33.46 2.94
CA LYS E 210 25.48 34.53 3.82
C LYS E 210 24.40 34.81 4.87
N PHE E 211 24.83 34.95 6.11
CA PHE E 211 23.98 35.16 7.27
C PHE E 211 24.36 36.52 7.86
N LYS E 212 23.38 37.16 8.51
CA LYS E 212 23.60 38.38 9.27
C LYS E 212 23.08 38.21 10.69
N PRO E 213 23.71 38.85 11.69
CA PRO E 213 23.08 38.88 13.01
C PRO E 213 21.77 39.65 12.98
N GLU E 214 20.82 39.16 13.76
CA GLU E 214 19.51 39.79 13.97
C GLU E 214 19.53 40.27 15.43
N ILE E 215 19.90 41.53 15.63
CA ILE E 215 20.09 42.08 16.97
C ILE E 215 18.77 42.70 17.41
N ALA E 216 18.19 42.14 18.47
CA ALA E 216 16.95 42.61 19.06
C ALA E 216 16.79 41.91 20.40
N THR E 217 16.04 42.53 21.30
CA THR E 217 15.76 41.90 22.58
C THR E 217 14.58 40.96 22.40
N ARG E 218 14.76 39.72 22.84
CA ARG E 218 13.76 38.67 22.70
C ARG E 218 13.07 38.40 24.02
N PRO E 219 11.93 37.69 23.98
CA PRO E 219 11.36 37.16 25.22
C PRO E 219 12.37 36.27 25.92
N LYS E 220 12.34 36.27 27.25
CA LYS E 220 13.30 35.47 27.98
C LYS E 220 12.99 33.98 27.85
N VAL E 221 14.03 33.22 27.49
CA VAL E 221 14.05 31.78 27.52
C VAL E 221 15.38 31.45 28.17
N ARG E 222 15.40 30.43 29.03
CA ARG E 222 16.57 30.18 29.87
C ARG E 222 16.77 31.50 30.63
N ASP E 223 17.98 32.06 30.70
CA ASP E 223 18.21 33.34 31.36
C ASP E 223 18.86 34.37 30.44
N GLN E 224 18.75 34.20 29.13
CA GLN E 224 19.43 35.08 28.16
C GLN E 224 18.48 35.47 27.03
N GLU E 225 18.28 36.77 26.86
CA GLU E 225 17.35 37.31 25.87
C GLU E 225 18.00 37.41 24.48
N GLY E 226 18.42 36.26 23.95
CA GLY E 226 19.05 36.22 22.65
C GLY E 226 18.76 34.87 22.04
N ARG E 227 19.30 34.63 20.85
CA ARG E 227 19.03 33.38 20.14
C ARG E 227 20.24 32.83 19.41
N MET E 228 20.26 31.50 19.30
CA MET E 228 21.31 30.78 18.58
C MET E 228 20.68 29.90 17.51
N ASN E 229 20.81 30.28 16.24
CA ASN E 229 20.22 29.48 15.17
C ASN E 229 21.26 28.45 14.75
N TYR E 230 20.79 27.24 14.44
CA TYR E 230 21.67 26.14 14.08
C TYR E 230 21.44 25.71 12.64
N TYR E 231 22.54 25.41 11.96
CA TYR E 231 22.57 25.03 10.56
C TYR E 231 23.43 23.78 10.41
N TRP E 232 23.21 23.07 9.31
CA TRP E 232 23.99 21.89 8.99
C TRP E 232 24.10 21.74 7.48
N THR E 233 25.12 21.00 7.05
CA THR E 233 25.24 20.66 5.65
C THR E 233 26.04 19.37 5.49
N LEU E 234 25.82 18.69 4.38
CA LEU E 234 26.62 17.53 4.00
C LEU E 234 27.68 17.95 2.98
N VAL E 235 28.89 17.45 3.18
CA VAL E 235 30.03 17.71 2.31
C VAL E 235 30.31 16.42 1.54
N GLU E 236 30.26 16.50 0.21
CA GLU E 236 30.48 15.34 -0.64
C GLU E 236 31.93 14.89 -0.53
N PRO E 237 32.22 13.59 -0.75
CA PRO E 237 33.63 13.17 -0.73
C PRO E 237 34.40 13.91 -1.82
N GLY E 238 35.54 14.48 -1.43
CA GLY E 238 36.37 15.24 -2.35
C GLY E 238 36.00 16.71 -2.43
N ASP E 239 34.90 17.13 -1.83
CA ASP E 239 34.45 18.52 -1.88
C ASP E 239 35.06 19.32 -0.73
N LYS E 240 35.08 20.63 -0.91
CA LYS E 240 35.63 21.57 0.07
C LYS E 240 34.50 22.41 0.66
N ILE E 241 34.47 22.48 1.98
CA ILE E 241 33.52 23.32 2.72
C ILE E 241 34.31 24.46 3.33
N THR E 242 33.80 25.68 3.20
CA THR E 242 34.46 26.86 3.73
C THR E 242 33.55 27.60 4.70
N PHE E 243 34.21 28.21 5.69
CA PHE E 243 33.60 29.09 6.67
C PHE E 243 34.35 30.40 6.69
N GLU E 244 33.63 31.51 6.52
CA GLU E 244 34.20 32.85 6.59
C GLU E 244 33.35 33.66 7.55
N ALA E 245 33.97 34.37 8.48
CA ALA E 245 33.16 35.19 9.36
C ALA E 245 34.01 36.26 10.01
N THR E 246 33.36 37.38 10.31
CA THR E 246 33.94 38.48 11.06
C THR E 246 33.25 38.70 12.39
N GLY E 247 32.19 37.93 12.70
CA GLY E 247 31.44 38.11 13.92
C GLY E 247 30.77 36.86 14.44
N ASN E 248 29.43 36.86 14.39
CA ASN E 248 28.58 35.92 15.12
C ASN E 248 28.53 34.53 14.48
N LEU E 249 29.69 33.89 14.36
CA LEU E 249 29.78 32.52 13.88
C LEU E 249 30.20 31.62 15.03
N VAL E 250 29.44 30.54 15.22
CA VAL E 250 29.80 29.46 16.12
C VAL E 250 30.30 28.33 15.22
N VAL E 251 31.54 27.92 15.41
CA VAL E 251 32.19 27.05 14.43
C VAL E 251 32.21 25.61 14.91
N PRO E 252 32.16 24.62 14.01
CA PRO E 252 32.31 23.25 14.48
C PRO E 252 33.73 23.01 14.94
N ARG E 253 33.86 22.16 15.94
CA ARG E 253 35.13 21.58 16.34
C ARG E 253 35.17 20.11 15.98
N TYR E 254 34.04 19.44 16.17
CA TYR E 254 33.83 18.08 15.75
C TYR E 254 32.76 18.09 14.67
N ALA E 255 32.85 17.11 13.77
CA ALA E 255 31.94 16.91 12.67
C ALA E 255 31.81 15.41 12.55
N PHE E 256 30.77 14.93 11.87
CA PHE E 256 30.55 13.50 11.80
C PHE E 256 30.69 12.99 10.38
N THR E 257 31.56 11.99 10.20
CA THR E 257 31.73 11.35 8.91
C THR E 257 30.74 10.20 8.89
N MET E 258 29.84 10.17 7.89
CA MET E 258 28.80 9.16 7.92
C MET E 258 28.44 8.67 6.53
N GLU E 259 28.08 7.39 6.50
CA GLU E 259 27.52 6.72 5.34
C GLU E 259 26.12 6.27 5.73
N ARG E 260 25.12 6.82 5.04
CA ARG E 260 23.71 6.57 5.30
C ARG E 260 23.25 5.26 4.69
N ASN E 261 22.32 4.60 5.39
CA ASN E 261 21.71 3.33 5.01
C ASN E 261 20.28 3.58 4.56
N ALA E 262 19.58 2.48 4.25
CA ALA E 262 18.19 2.54 3.83
C ALA E 262 17.35 3.30 4.85
N GLY E 263 16.35 4.03 4.35
CA GLY E 263 15.59 4.92 5.20
C GLY E 263 14.94 4.21 6.38
N SER E 264 15.03 4.85 7.54
CA SER E 264 14.48 4.38 8.81
C SER E 264 13.77 5.54 9.50
N GLY E 265 13.71 5.55 10.82
CA GLY E 265 12.97 6.59 11.50
C GLY E 265 13.30 6.64 12.97
N ILE E 266 12.47 7.39 13.70
CA ILE E 266 12.68 7.71 15.11
C ILE E 266 11.52 7.16 15.92
N ILE E 267 11.84 6.48 17.00
CA ILE E 267 10.86 5.93 17.94
C ILE E 267 10.88 6.77 19.21
N ILE E 268 9.69 7.23 19.62
CA ILE E 268 9.50 7.97 20.87
C ILE E 268 8.88 6.98 21.85
N SER E 269 9.62 6.59 22.89
CA SER E 269 9.13 5.56 23.80
C SER E 269 9.93 5.57 25.09
N ASP E 270 9.26 5.28 26.20
CA ASP E 270 9.90 5.13 27.50
C ASP E 270 10.27 3.68 27.82
N THR E 271 9.99 2.77 26.91
CA THR E 271 10.30 1.36 27.10
C THR E 271 11.82 1.13 27.08
N PRO E 272 12.38 0.35 28.01
CA PRO E 272 13.84 0.14 28.01
C PRO E 272 14.32 -0.66 26.82
N VAL E 273 15.62 -0.50 26.51
CA VAL E 273 16.27 -1.18 25.39
C VAL E 273 16.95 -2.45 25.90
N HIS E 274 16.64 -3.58 25.25
CA HIS E 274 17.15 -4.90 25.60
C HIS E 274 17.63 -5.62 24.34
N ASP E 275 18.44 -6.67 24.55
CA ASP E 275 19.01 -7.46 23.46
C ASP E 275 18.04 -8.50 22.90
N CYS E 276 17.66 -8.32 21.63
CA CYS E 276 16.77 -9.23 20.91
C CYS E 276 17.16 -9.09 19.46
N ASN E 277 16.62 -9.97 18.61
CA ASN E 277 16.82 -9.85 17.16
C ASN E 277 15.45 -9.91 16.50
N THR E 278 14.99 -8.78 15.96
CA THR E 278 13.70 -8.67 15.29
C THR E 278 13.88 -8.06 13.90
N THR E 279 12.78 -8.02 13.15
CA THR E 279 12.74 -7.38 11.83
C THR E 279 11.97 -6.06 11.77
N CYS E 280 11.12 -5.78 12.76
CA CYS E 280 10.38 -4.53 12.83
C CYS E 280 10.27 -4.16 14.29
N GLN E 281 10.52 -2.88 14.60
CA GLN E 281 10.48 -2.40 15.98
C GLN E 281 9.41 -1.30 16.09
N THR E 282 8.37 -1.48 17.11
CA THR E 282 7.32 -0.48 17.36
C THR E 282 7.62 0.28 18.65
N PRO E 283 7.23 1.57 18.82
CA PRO E 283 7.42 2.24 20.12
C PRO E 283 6.87 1.47 21.32
N GLU E 284 5.85 0.65 21.15
CA GLU E 284 5.30 -0.12 22.25
C GLU E 284 6.11 -1.39 22.54
N GLY E 285 7.00 -1.79 21.65
CA GLY E 285 7.77 -3.01 21.80
C GLY E 285 7.99 -3.73 20.48
N ALA E 286 8.98 -4.62 20.48
CA ALA E 286 9.29 -5.38 19.27
C ALA E 286 8.17 -6.35 18.92
N ILE E 287 7.96 -6.54 17.62
CA ILE E 287 6.97 -7.46 17.10
C ILE E 287 7.70 -8.72 16.65
N ASN E 288 7.26 -9.88 17.15
CA ASN E 288 7.93 -11.16 16.94
C ASN E 288 7.23 -12.03 15.88
N THR E 289 6.22 -11.50 15.19
CA THR E 289 5.37 -12.33 14.35
C THR E 289 5.73 -12.21 12.86
N SER E 290 4.99 -13.00 12.09
CA SER E 290 5.07 -13.05 10.63
C SER E 290 3.69 -12.83 10.00
N LEU E 291 2.67 -12.55 10.82
CA LEU E 291 1.30 -12.43 10.33
C LEU E 291 1.13 -11.15 9.51
N PRO E 292 0.19 -11.14 8.56
CA PRO E 292 0.02 -9.95 7.72
C PRO E 292 -0.50 -8.70 8.42
N PHE E 293 -1.20 -8.81 9.54
CA PHE E 293 -1.77 -7.62 10.20
C PHE E 293 -1.51 -7.62 11.70
N GLN E 294 -1.53 -6.42 12.28
CA GLN E 294 -1.46 -6.23 13.73
C GLN E 294 -2.40 -5.10 14.13
N ASN E 295 -2.73 -5.05 15.43
CA ASN E 295 -3.46 -3.93 16.03
C ASN E 295 -2.56 -3.14 16.97
N ILE E 296 -1.25 -3.15 16.70
CA ILE E 296 -0.25 -2.46 17.49
C ILE E 296 0.08 -1.13 16.80
N HIS E 297 0.13 -0.07 17.60
CA HIS E 297 0.36 1.37 17.36
C HIS E 297 1.18 1.64 16.08
N PRO E 298 0.52 2.34 14.93
CA PRO E 298 1.03 2.37 13.55
C PRO E 298 2.09 3.37 13.06
N ILE E 299 3.20 3.49 13.78
CA ILE E 299 4.31 4.31 13.27
C ILE E 299 5.58 3.48 13.42
N THR E 300 5.49 2.21 13.03
CA THR E 300 6.53 1.23 13.26
C THR E 300 7.68 1.45 12.29
N ILE E 301 8.83 0.86 12.62
CA ILE E 301 10.01 0.90 11.78
C ILE E 301 10.43 -0.53 11.49
N GLY E 302 10.56 -0.86 10.20
CA GLY E 302 11.07 -2.14 9.75
C GLY E 302 10.16 -2.77 8.73
N LYS E 303 10.36 -4.06 8.51
CA LYS E 303 9.49 -4.88 7.67
C LYS E 303 8.31 -5.32 8.54
N CYS E 304 7.37 -4.27 8.87
CA CYS E 304 6.27 -4.51 9.79
C CYS E 304 4.97 -4.88 9.06
N PRO E 305 4.06 -5.62 9.69
CA PRO E 305 2.76 -5.89 9.05
C PRO E 305 1.91 -4.63 8.99
N LYS E 306 0.86 -4.69 8.17
CA LYS E 306 -0.04 -3.54 8.00
C LYS E 306 -0.97 -3.41 9.19
N TYR E 307 -0.97 -2.24 9.84
CA TYR E 307 -1.88 -1.99 10.95
C TYR E 307 -3.35 -2.08 10.54
N VAL E 308 -4.10 -2.83 11.34
CA VAL E 308 -5.54 -3.00 11.20
C VAL E 308 -6.17 -2.70 12.55
N LYS E 309 -7.28 -1.96 12.55
CA LYS E 309 -7.93 -1.55 13.79
C LYS E 309 -8.83 -2.63 14.38
N SER E 310 -8.97 -3.76 13.72
CA SER E 310 -9.80 -4.85 14.22
C SER E 310 -9.24 -5.39 15.53
N THR E 311 -10.15 -5.90 16.37
CA THR E 311 -9.74 -6.51 17.62
C THR E 311 -9.35 -7.97 17.45
N LYS E 312 -9.78 -8.60 16.35
CA LYS E 312 -9.42 -9.98 16.06
C LYS E 312 -9.56 -10.22 14.57
N LEU E 313 -8.59 -10.93 14.00
CA LEU E 313 -8.66 -11.42 12.62
C LEU E 313 -8.26 -12.89 12.68
N ARG E 314 -9.21 -13.77 12.38
CA ARG E 314 -8.95 -15.20 12.41
C ARG E 314 -9.54 -15.84 11.16
N LEU E 315 -8.74 -16.66 10.49
CA LEU E 315 -9.19 -17.45 9.36
C LEU E 315 -9.53 -18.83 9.89
N ALA E 316 -10.67 -19.36 9.47
CA ALA E 316 -11.03 -20.70 9.86
C ALA E 316 -10.16 -21.68 9.08
N THR E 317 -9.68 -22.70 9.79
CA THR E 317 -9.02 -23.84 9.15
C THR E 317 -9.59 -25.15 9.65
N GLY E 318 -10.73 -25.12 10.34
CA GLY E 318 -11.35 -26.32 10.84
C GLY E 318 -12.82 -26.28 10.46
N LEU E 319 -13.62 -27.11 11.11
CA LEU E 319 -15.04 -27.25 10.82
C LEU E 319 -15.83 -26.70 12.01
N ARG E 320 -17.13 -26.49 11.78
CA ARG E 320 -17.98 -25.99 12.85
C ARG E 320 -17.92 -26.93 14.04
N ASN E 321 -17.56 -26.37 15.19
CA ASN E 321 -17.42 -27.15 16.42
C ASN E 321 -18.75 -27.19 17.15
N VAL E 322 -19.68 -27.92 16.57
CA VAL E 322 -21.06 -28.01 17.07
C VAL E 322 -21.33 -29.43 17.54
N PRO E 323 -21.16 -29.74 18.82
CA PRO E 323 -21.48 -31.09 19.28
C PRO E 323 -22.98 -31.31 19.40
N SER E 324 -23.35 -32.58 19.30
CA SER E 324 -24.75 -32.99 19.48
C SER E 324 -24.86 -34.50 19.61
N ILE F 14 -25.87 -33.65 9.16
CA ILE F 14 -25.68 -34.38 10.41
C ILE F 14 -25.91 -33.47 11.61
N GLU F 15 -26.27 -34.09 12.74
CA GLU F 15 -26.63 -33.32 13.92
C GLU F 15 -25.48 -32.45 14.43
N GLY F 16 -24.25 -32.94 14.30
CA GLY F 16 -23.11 -32.18 14.80
C GLY F 16 -21.84 -32.98 14.59
N GLY F 17 -20.74 -32.38 15.03
CA GLY F 17 -19.44 -33.00 14.90
C GLY F 17 -19.19 -34.03 15.98
N TRP F 18 -18.06 -34.72 15.86
CA TRP F 18 -17.70 -35.83 16.75
C TRP F 18 -16.59 -35.40 17.70
N THR F 19 -16.94 -35.28 18.99
CA THR F 19 -15.94 -34.90 19.98
C THR F 19 -15.10 -36.09 20.45
N GLY F 20 -15.53 -37.31 20.15
CA GLY F 20 -14.81 -38.52 20.53
C GLY F 20 -13.81 -39.05 19.53
N MET F 21 -13.63 -38.39 18.40
CA MET F 21 -12.69 -38.86 17.38
C MET F 21 -11.32 -38.29 17.69
N VAL F 22 -10.30 -39.15 17.68
CA VAL F 22 -8.97 -38.74 18.13
C VAL F 22 -8.19 -37.94 17.08
N ASP F 23 -8.43 -38.17 15.80
CA ASP F 23 -7.65 -37.49 14.77
C ASP F 23 -8.51 -37.22 13.55
N GLY F 24 -7.91 -36.55 12.56
CA GLY F 24 -8.58 -36.23 11.32
C GLY F 24 -9.61 -35.12 11.49
N TRP F 25 -10.24 -34.78 10.36
CA TRP F 25 -11.33 -33.83 10.29
C TRP F 25 -12.63 -34.46 9.83
N TYR F 26 -12.55 -35.56 9.10
CA TYR F 26 -13.70 -36.24 8.52
C TYR F 26 -13.51 -37.71 8.87
N GLY F 27 -14.61 -38.44 8.91
CA GLY F 27 -14.45 -39.86 9.18
C GLY F 27 -15.73 -40.62 9.00
N TYR F 28 -15.67 -41.90 9.32
CA TYR F 28 -16.76 -42.84 9.11
C TYR F 28 -17.08 -43.52 10.43
N HIS F 29 -17.78 -42.81 11.32
CA HIS F 29 -18.16 -43.41 12.58
C HIS F 29 -19.07 -44.60 12.30
N HIS F 30 -18.83 -45.70 12.99
CA HIS F 30 -19.57 -46.92 12.72
C HIS F 30 -19.72 -47.75 13.99
N GLN F 31 -20.69 -48.65 13.91
CA GLN F 31 -20.96 -49.67 14.91
C GLN F 31 -21.39 -50.93 14.17
N ASN F 32 -20.80 -52.07 14.55
CA ASN F 32 -21.16 -53.36 13.97
C ASN F 32 -20.90 -54.44 15.02
N GLU F 33 -21.08 -55.69 14.61
CA GLU F 33 -20.98 -56.80 15.55
C GLU F 33 -19.56 -57.03 16.05
N GLN F 34 -18.54 -56.42 15.42
CA GLN F 34 -17.16 -56.54 15.86
C GLN F 34 -16.74 -55.39 16.77
N GLY F 35 -17.61 -54.39 17.01
CA GLY F 35 -17.25 -53.25 17.81
C GLY F 35 -17.66 -51.97 17.11
N SER F 36 -17.05 -50.87 17.52
CA SER F 36 -17.41 -49.57 16.98
C SER F 36 -16.18 -48.66 17.01
N GLY F 37 -16.27 -47.56 16.27
CA GLY F 37 -15.18 -46.59 16.27
C GLY F 37 -15.48 -45.44 15.34
N TYR F 38 -14.57 -44.46 15.35
CA TYR F 38 -14.77 -43.26 14.53
C TYR F 38 -14.20 -43.38 13.12
N ALA F 39 -13.13 -44.17 12.93
CA ALA F 39 -12.53 -44.46 11.63
C ALA F 39 -12.34 -43.19 10.78
N ALA F 40 -11.45 -42.32 11.28
CA ALA F 40 -11.18 -41.04 10.61
C ALA F 40 -10.76 -41.24 9.16
N ASP F 41 -11.19 -40.33 8.30
CA ASP F 41 -10.88 -40.36 6.86
C ASP F 41 -9.58 -39.59 6.67
N LEU F 42 -8.47 -40.32 6.55
CA LEU F 42 -7.17 -39.66 6.58
C LEU F 42 -6.76 -39.10 5.22
N LYS F 43 -7.21 -39.73 4.12
CA LYS F 43 -6.81 -39.25 2.80
C LYS F 43 -7.53 -37.96 2.42
N SER F 44 -8.85 -37.89 2.67
CA SER F 44 -9.57 -36.67 2.31
C SER F 44 -9.29 -35.57 3.31
N THR F 45 -8.99 -35.94 4.56
CA THR F 45 -8.59 -34.94 5.53
C THR F 45 -7.26 -34.33 5.13
N GLN F 46 -6.30 -35.16 4.71
CA GLN F 46 -5.01 -34.62 4.33
C GLN F 46 -5.12 -33.78 3.06
N ASN F 47 -6.00 -34.17 2.13
CA ASN F 47 -6.20 -33.35 0.94
C ASN F 47 -6.76 -31.99 1.32
N ALA F 48 -7.72 -31.98 2.26
CA ALA F 48 -8.28 -30.72 2.73
C ALA F 48 -7.22 -29.91 3.44
N ILE F 49 -6.35 -30.58 4.20
CA ILE F 49 -5.29 -29.89 4.93
C ILE F 49 -4.34 -29.24 3.94
N ASP F 50 -3.97 -29.96 2.88
CA ASP F 50 -3.05 -29.40 1.90
C ASP F 50 -3.65 -28.17 1.23
N LYS F 51 -4.93 -28.24 0.85
CA LYS F 51 -5.53 -27.08 0.18
C LYS F 51 -5.73 -25.91 1.14
N ILE F 52 -6.17 -26.17 2.38
CA ILE F 52 -6.33 -25.09 3.36
C ILE F 52 -4.97 -24.51 3.71
N THR F 53 -3.95 -25.35 3.84
CA THR F 53 -2.61 -24.88 4.13
C THR F 53 -2.13 -23.95 3.02
N ASN F 54 -2.38 -24.35 1.76
CA ASN F 54 -2.02 -23.48 0.65
C ASN F 54 -2.80 -22.17 0.73
N LYS F 55 -4.05 -22.23 1.17
CA LYS F 55 -4.87 -21.02 1.27
C LYS F 55 -4.33 -20.06 2.32
N VAL F 56 -4.00 -20.57 3.50
CA VAL F 56 -3.51 -19.69 4.56
C VAL F 56 -2.12 -19.16 4.19
N ASN F 57 -1.31 -19.99 3.53
CA ASN F 57 0.01 -19.53 3.14
C ASN F 57 -0.10 -18.51 2.01
N SER F 58 -1.12 -18.62 1.16
CA SER F 58 -1.31 -17.60 0.14
C SER F 58 -1.75 -16.29 0.77
N VAL F 59 -2.64 -16.35 1.78
CA VAL F 59 -3.06 -15.11 2.42
C VAL F 59 -1.89 -14.46 3.16
N ILE F 60 -1.09 -15.25 3.87
CA ILE F 60 0.00 -14.68 4.67
C ILE F 60 1.19 -14.27 3.81
N GLU F 61 1.66 -15.17 2.94
CA GLU F 61 2.90 -14.95 2.18
C GLU F 61 2.75 -13.96 1.04
N LYS F 62 1.54 -13.69 0.56
CA LYS F 62 1.42 -12.74 -0.54
C LYS F 62 1.50 -11.30 -0.08
N MET F 63 1.64 -11.06 1.22
CA MET F 63 1.83 -9.70 1.72
C MET F 63 3.29 -9.34 1.49
N ASN F 64 3.56 -8.47 0.52
CA ASN F 64 4.93 -8.13 0.16
C ASN F 64 5.38 -6.95 1.03
N THR F 65 5.51 -7.24 2.32
CA THR F 65 5.90 -6.21 3.28
C THR F 65 7.30 -5.76 2.91
N GLN F 66 7.51 -4.45 2.80
CA GLN F 66 8.79 -3.86 2.46
C GLN F 66 9.37 -3.15 3.68
N PHE F 67 10.69 -2.95 3.65
CA PHE F 67 11.35 -2.20 4.71
C PHE F 67 11.11 -0.72 4.45
N THR F 68 10.40 -0.08 5.38
CA THR F 68 10.01 1.31 5.26
C THR F 68 9.79 1.83 6.67
N ALA F 69 9.83 3.16 6.81
CA ALA F 69 9.58 3.82 8.07
C ALA F 69 8.26 4.56 7.98
N VAL F 70 7.36 4.26 8.90
CA VAL F 70 6.06 4.91 8.98
C VAL F 70 6.15 5.97 10.07
N GLY F 71 5.75 7.19 9.75
CA GLY F 71 5.80 8.29 10.68
C GLY F 71 6.88 9.28 10.28
N LYS F 72 6.54 10.56 10.24
CA LYS F 72 7.47 11.61 9.83
C LYS F 72 7.34 12.77 10.81
N GLU F 73 8.46 13.45 11.04
CA GLU F 73 8.50 14.59 11.95
C GLU F 73 8.29 15.87 11.16
N PHE F 74 7.31 16.68 11.57
CA PHE F 74 6.98 17.92 10.90
C PHE F 74 7.00 19.08 11.89
N ASN F 75 7.28 20.27 11.38
CA ASN F 75 7.34 21.48 12.18
C ASN F 75 5.93 22.05 12.36
N HIS F 76 5.83 23.16 13.10
CA HIS F 76 4.53 23.77 13.36
C HIS F 76 4.02 24.59 12.18
N LEU F 77 4.87 24.85 11.18
CA LEU F 77 4.49 25.58 9.97
C LEU F 77 4.35 24.65 8.78
N GLU F 78 4.27 23.35 9.02
CA GLU F 78 4.10 22.32 7.99
C GLU F 78 2.88 21.48 8.32
N LYS F 79 1.82 22.14 8.82
CA LYS F 79 0.64 21.42 9.27
C LYS F 79 -0.10 20.78 8.11
N ARG F 80 -0.09 21.40 6.93
CA ARG F 80 -0.78 20.79 5.80
C ARG F 80 -0.09 19.49 5.39
N ILE F 81 1.23 19.44 5.52
CA ILE F 81 1.94 18.22 5.13
C ILE F 81 1.69 17.15 6.18
N GLU F 82 1.71 17.54 7.46
CA GLU F 82 1.39 16.58 8.53
C GLU F 82 -0.01 16.02 8.31
N ASN F 83 -0.97 16.87 7.93
CA ASN F 83 -2.32 16.39 7.67
C ASN F 83 -2.37 15.54 6.41
N LEU F 84 -1.49 15.79 5.44
CA LEU F 84 -1.43 14.91 4.28
C LEU F 84 -0.88 13.55 4.66
N ASN F 85 0.15 13.52 5.51
CA ASN F 85 0.70 12.27 6.00
C ASN F 85 -0.35 11.50 6.79
N LYS F 86 -1.09 12.21 7.64
CA LYS F 86 -2.17 11.58 8.39
C LYS F 86 -3.24 11.07 7.45
N LYS F 87 -3.58 11.86 6.42
CA LYS F 87 -4.55 11.43 5.41
C LYS F 87 -4.11 10.14 4.74
N VAL F 88 -2.83 10.05 4.37
CA VAL F 88 -2.31 8.84 3.74
C VAL F 88 -2.36 7.65 4.71
N ASP F 89 -1.94 7.87 5.95
CA ASP F 89 -1.95 6.78 6.93
C ASP F 89 -3.38 6.33 7.22
N ASP F 90 -4.31 7.28 7.30
CA ASP F 90 -5.70 6.95 7.57
C ASP F 90 -6.33 6.25 6.37
N GLY F 91 -6.02 6.70 5.16
CA GLY F 91 -6.56 6.04 3.98
C GLY F 91 -6.05 4.62 3.85
N PHE F 92 -4.76 4.41 4.07
CA PHE F 92 -4.21 3.06 3.99
C PHE F 92 -4.76 2.21 5.12
N LEU F 93 -4.95 2.80 6.31
CA LEU F 93 -5.53 2.05 7.40
C LEU F 93 -6.98 1.67 7.12
N ASP F 94 -7.75 2.58 6.52
CA ASP F 94 -9.13 2.24 6.20
C ASP F 94 -9.20 1.19 5.11
N ILE F 95 -8.31 1.26 4.11
CA ILE F 95 -8.31 0.25 3.06
C ILE F 95 -7.88 -1.10 3.62
N TRP F 96 -6.81 -1.13 4.41
CA TRP F 96 -6.35 -2.40 4.93
C TRP F 96 -7.29 -2.95 5.98
N THR F 97 -7.95 -2.11 6.76
CA THR F 97 -8.89 -2.61 7.75
C THR F 97 -10.12 -3.19 7.07
N TYR F 98 -10.66 -2.46 6.09
CA TYR F 98 -11.84 -2.95 5.39
C TYR F 98 -11.52 -4.20 4.61
N ASN F 99 -10.40 -4.20 3.87
CA ASN F 99 -10.06 -5.36 3.06
C ASN F 99 -9.66 -6.54 3.92
N ALA F 100 -8.94 -6.33 5.03
CA ALA F 100 -8.54 -7.44 5.87
C ALA F 100 -9.74 -8.05 6.58
N GLU F 101 -10.64 -7.22 7.09
CA GLU F 101 -11.81 -7.76 7.79
C GLU F 101 -12.77 -8.40 6.80
N LEU F 102 -12.97 -7.77 5.64
CA LEU F 102 -13.87 -8.31 4.63
C LEU F 102 -13.31 -9.58 4.05
N LEU F 103 -12.00 -9.63 3.84
CA LEU F 103 -11.34 -10.82 3.37
C LEU F 103 -11.52 -11.94 4.36
N VAL F 104 -11.40 -11.65 5.66
CA VAL F 104 -11.60 -12.69 6.66
C VAL F 104 -13.04 -13.21 6.62
N LEU F 105 -14.04 -12.33 6.56
CA LEU F 105 -15.41 -12.85 6.55
C LEU F 105 -15.69 -13.64 5.28
N LEU F 106 -15.24 -13.15 4.12
CA LEU F 106 -15.51 -13.85 2.87
C LEU F 106 -14.74 -15.17 2.81
N GLU F 107 -13.49 -15.16 3.27
CA GLU F 107 -12.67 -16.35 3.19
C GLU F 107 -13.19 -17.39 4.16
N ASN F 108 -13.70 -16.96 5.32
CA ASN F 108 -14.28 -17.92 6.25
C ASN F 108 -15.59 -18.49 5.73
N GLU F 109 -16.38 -17.69 5.01
CA GLU F 109 -17.59 -18.27 4.43
C GLU F 109 -17.21 -19.28 3.37
N ARG F 110 -16.18 -18.96 2.60
CA ARG F 110 -15.69 -19.87 1.57
C ARG F 110 -15.09 -21.12 2.19
N THR F 111 -14.37 -20.99 3.30
CA THR F 111 -13.74 -22.13 3.96
C THR F 111 -14.78 -23.07 4.57
N LEU F 112 -15.74 -22.52 5.32
CA LEU F 112 -16.75 -23.41 5.90
C LEU F 112 -17.65 -24.01 4.81
N ASP F 113 -17.95 -23.26 3.76
CA ASP F 113 -18.71 -23.87 2.67
C ASP F 113 -17.90 -24.98 2.01
N TYR F 114 -16.59 -24.77 1.86
CA TYR F 114 -15.69 -25.79 1.32
C TYR F 114 -15.74 -27.04 2.20
N HIS F 115 -15.63 -26.87 3.51
CA HIS F 115 -15.63 -28.03 4.40
C HIS F 115 -16.96 -28.77 4.35
N ASP F 116 -18.07 -28.03 4.28
CA ASP F 116 -19.37 -28.69 4.22
C ASP F 116 -19.51 -29.44 2.91
N SER F 117 -18.95 -28.87 1.83
CA SER F 117 -18.98 -29.58 0.56
C SER F 117 -18.07 -30.80 0.59
N ASN F 118 -16.99 -30.75 1.39
CA ASN F 118 -16.16 -31.94 1.52
C ASN F 118 -16.90 -33.07 2.23
N VAL F 119 -17.69 -32.74 3.26
CA VAL F 119 -18.47 -33.79 3.91
C VAL F 119 -19.50 -34.32 2.92
N LYS F 120 -20.12 -33.42 2.16
CA LYS F 120 -21.07 -33.85 1.14
C LYS F 120 -20.36 -34.74 0.13
N ASN F 121 -19.09 -34.45 -0.19
CA ASN F 121 -18.36 -35.27 -1.15
C ASN F 121 -18.11 -36.68 -0.62
N LEU F 122 -17.78 -36.82 0.67
CA LEU F 122 -17.64 -38.19 1.19
C LEU F 122 -18.98 -38.91 1.22
N TYR F 123 -20.05 -38.19 1.58
CA TYR F 123 -21.37 -38.79 1.59
C TYR F 123 -21.76 -39.25 0.18
N GLU F 124 -21.50 -38.40 -0.81
CA GLU F 124 -21.81 -38.70 -2.20
C GLU F 124 -20.98 -39.89 -2.67
N LYS F 125 -19.71 -39.95 -2.25
CA LYS F 125 -18.86 -41.10 -2.55
C LYS F 125 -19.48 -42.38 -2.04
N VAL F 126 -19.99 -42.35 -0.80
CA VAL F 126 -20.59 -43.54 -0.23
C VAL F 126 -21.84 -43.91 -1.00
N ARG F 127 -22.65 -42.91 -1.36
CA ARG F 127 -23.87 -43.19 -2.13
C ARG F 127 -23.52 -43.88 -3.44
N ASN F 128 -22.51 -43.38 -4.16
CA ASN F 128 -22.16 -44.00 -5.44
C ASN F 128 -21.54 -45.38 -5.25
N GLN F 129 -20.85 -45.60 -4.13
CA GLN F 129 -20.22 -46.90 -3.92
C GLN F 129 -21.21 -47.97 -3.48
N LEU F 130 -22.16 -47.62 -2.60
CA LEU F 130 -23.09 -48.63 -2.08
C LEU F 130 -24.19 -48.99 -3.07
N LYS F 131 -24.58 -48.06 -3.94
CA LYS F 131 -25.54 -48.31 -5.04
C LYS F 131 -26.82 -48.99 -4.56
N ASN F 132 -27.48 -48.33 -3.60
CA ASN F 132 -28.77 -48.74 -3.04
C ASN F 132 -28.63 -50.01 -2.18
N ASN F 133 -27.41 -50.36 -1.75
CA ASN F 133 -27.24 -51.43 -0.78
C ASN F 133 -27.42 -50.96 0.66
N ALA F 134 -27.76 -49.69 0.86
CA ALA F 134 -28.05 -49.12 2.16
C ALA F 134 -29.07 -48.02 1.92
N LYS F 135 -29.86 -47.71 2.94
CA LYS F 135 -30.84 -46.64 2.85
C LYS F 135 -30.40 -45.42 3.65
N GLU F 136 -30.81 -44.25 3.17
CA GLU F 136 -30.52 -43.00 3.85
C GLU F 136 -31.50 -42.77 5.00
N ILE F 137 -30.97 -42.27 6.10
CA ILE F 137 -31.81 -41.93 7.26
C ILE F 137 -32.28 -40.48 7.15
N GLY F 138 -31.43 -39.61 6.59
CA GLY F 138 -31.72 -38.19 6.43
C GLY F 138 -30.82 -37.25 7.20
N ASN F 139 -29.97 -37.74 8.10
CA ASN F 139 -29.04 -36.90 8.85
C ASN F 139 -27.59 -37.27 8.53
N GLY F 140 -27.32 -37.63 7.27
CA GLY F 140 -25.97 -37.99 6.88
C GLY F 140 -25.57 -39.41 7.20
N CYS F 141 -26.52 -40.30 7.49
CA CYS F 141 -26.24 -41.67 7.89
C CYS F 141 -26.84 -42.65 6.91
N PHE F 142 -26.23 -43.84 6.87
CA PHE F 142 -26.69 -44.97 6.08
C PHE F 142 -26.99 -46.14 6.99
N GLU F 143 -28.12 -46.80 6.74
CA GLU F 143 -28.50 -48.02 7.42
C GLU F 143 -28.34 -49.15 6.41
N PHE F 144 -27.47 -50.10 6.73
CA PHE F 144 -27.15 -51.16 5.79
C PHE F 144 -28.22 -52.24 5.75
N TYR F 145 -28.46 -52.72 4.54
CA TYR F 145 -29.31 -53.89 4.36
C TYR F 145 -28.47 -55.12 4.66
N HIS F 146 -27.21 -55.09 4.24
CA HIS F 146 -26.25 -56.16 4.49
C HIS F 146 -25.75 -56.14 5.92
N LYS F 147 -25.52 -57.31 6.47
CA LYS F 147 -24.88 -57.39 7.77
C LYS F 147 -23.41 -57.11 7.43
N CYS F 148 -22.96 -55.88 7.69
CA CYS F 148 -21.70 -55.35 7.15
C CYS F 148 -20.64 -55.33 8.24
N ASP F 149 -19.72 -56.28 8.15
CA ASP F 149 -18.67 -56.48 9.14
C ASP F 149 -17.50 -55.51 8.90
N ASN F 150 -16.42 -55.68 9.68
CA ASN F 150 -15.29 -54.76 9.60
C ASN F 150 -14.64 -54.74 8.22
N THR F 151 -14.49 -55.90 7.57
CA THR F 151 -13.90 -55.91 6.23
C THR F 151 -14.79 -55.16 5.23
N CYS F 152 -16.10 -55.39 5.31
CA CYS F 152 -17.06 -54.68 4.46
C CYS F 152 -16.93 -53.18 4.62
N MET F 153 -16.97 -52.68 5.86
CA MET F 153 -16.87 -51.24 6.09
C MET F 153 -15.49 -50.71 5.71
N GLU F 154 -14.43 -51.48 5.96
CA GLU F 154 -13.09 -51.03 5.59
C GLU F 154 -13.01 -50.85 4.08
N SER F 155 -13.63 -51.77 3.33
CA SER F 155 -13.64 -51.66 1.89
C SER F 155 -14.44 -50.43 1.46
N VAL F 156 -15.55 -50.17 2.15
CA VAL F 156 -16.35 -48.99 1.82
C VAL F 156 -15.55 -47.72 2.05
N LYS F 157 -14.83 -47.65 3.18
CA LYS F 157 -13.98 -46.51 3.48
C LYS F 157 -12.88 -46.34 2.44
N ASN F 158 -12.32 -47.46 1.97
CA ASN F 158 -11.27 -47.42 0.97
C ASN F 158 -11.77 -46.97 -0.39
N GLY F 159 -13.03 -47.27 -0.73
CA GLY F 159 -13.62 -46.89 -1.99
C GLY F 159 -13.81 -48.05 -2.94
N THR F 160 -13.61 -49.28 -2.48
CA THR F 160 -13.79 -50.50 -3.27
C THR F 160 -15.00 -51.23 -2.70
N TYR F 161 -15.92 -51.60 -3.57
CA TYR F 161 -17.10 -52.34 -3.14
C TYR F 161 -17.57 -53.18 -4.32
N ASP F 162 -17.53 -54.50 -4.15
CA ASP F 162 -17.88 -55.42 -5.23
C ASP F 162 -19.39 -55.65 -5.24
N TYR F 163 -20.09 -54.63 -5.75
CA TYR F 163 -21.56 -54.58 -5.77
C TYR F 163 -22.25 -55.86 -6.20
N PRO F 164 -21.92 -56.49 -7.34
CA PRO F 164 -22.72 -57.66 -7.78
C PRO F 164 -22.71 -58.90 -6.88
N LYS F 165 -21.70 -59.12 -6.02
CA LYS F 165 -21.77 -60.29 -5.14
C LYS F 165 -22.58 -60.00 -3.88
N TYR F 166 -22.60 -58.75 -3.45
CA TYR F 166 -23.39 -58.31 -2.30
C TYR F 166 -24.85 -58.02 -2.68
N SER F 167 -25.10 -57.71 -3.95
CA SER F 167 -26.42 -57.26 -4.38
C SER F 167 -27.49 -58.34 -4.23
N GLU F 168 -27.13 -59.61 -4.17
CA GLU F 168 -28.15 -60.65 -4.02
C GLU F 168 -28.77 -60.55 -2.63
N GLU F 169 -27.93 -60.33 -1.62
CA GLU F 169 -28.43 -60.20 -0.26
C GLU F 169 -29.13 -58.86 -0.11
N ALA F 170 -28.60 -57.81 -0.72
CA ALA F 170 -29.28 -56.52 -0.64
C ALA F 170 -30.66 -56.59 -1.30
N LYS F 171 -30.76 -57.31 -2.41
CA LYS F 171 -32.06 -57.46 -3.07
C LYS F 171 -33.04 -58.19 -2.17
N LEU F 172 -32.59 -59.28 -1.53
CA LEU F 172 -33.50 -59.99 -0.64
C LEU F 172 -33.93 -59.13 0.54
N ASN F 173 -32.99 -58.35 1.09
CA ASN F 173 -33.32 -57.48 2.21
C ASN F 173 -34.19 -56.30 1.80
N ARG F 174 -34.05 -55.83 0.56
CA ARG F 174 -34.95 -54.80 0.04
C ARG F 174 -36.35 -55.37 -0.14
N GLU F 175 -36.45 -56.63 -0.58
CA GLU F 175 -37.76 -57.25 -0.66
C GLU F 175 -38.38 -57.36 0.72
N LYS F 176 -37.56 -57.68 1.73
CA LYS F 176 -38.05 -57.76 3.10
C LYS F 176 -38.35 -56.38 3.69
N ILE F 177 -37.50 -55.39 3.41
CA ILE F 177 -37.62 -54.04 3.98
C ILE F 177 -37.44 -54.15 5.48
N VAL G 2 13.33 -37.99 18.29
CA VAL G 2 14.65 -37.40 18.13
C VAL G 2 15.67 -38.50 17.85
N GLN G 3 16.38 -38.37 16.72
CA GLN G 3 17.41 -39.33 16.33
C GLN G 3 16.77 -40.66 15.97
N LEU G 4 16.61 -40.94 14.68
CA LEU G 4 15.94 -42.16 14.26
C LEU G 4 16.95 -43.30 14.28
N VAL G 5 16.44 -44.52 14.43
CA VAL G 5 17.26 -45.71 14.63
C VAL G 5 17.30 -46.55 13.36
N GLN G 6 18.52 -46.87 12.92
CA GLN G 6 18.80 -47.73 11.79
C GLN G 6 19.91 -48.68 12.23
N SER G 7 19.85 -49.93 11.79
CA SER G 7 20.89 -50.88 12.17
C SER G 7 20.93 -52.03 11.17
N ALA G 8 21.97 -52.86 11.34
CA ALA G 8 22.20 -54.09 10.59
C ALA G 8 22.40 -53.86 9.10
N PRO G 9 23.58 -53.40 8.67
CA PRO G 9 23.85 -53.24 7.23
C PRO G 9 23.62 -54.56 6.48
N GLU G 10 23.06 -54.46 5.28
CA GLU G 10 22.71 -55.62 4.47
C GLU G 10 23.62 -55.68 3.24
N VAL G 11 24.19 -56.86 3.00
CA VAL G 11 25.03 -57.15 1.84
C VAL G 11 24.39 -58.32 1.09
N LYS G 12 24.12 -58.13 -0.20
CA LYS G 12 23.49 -59.14 -1.03
C LYS G 12 24.29 -59.35 -2.32
N ARG G 13 23.65 -59.26 -3.50
CA ARG G 13 24.29 -59.55 -4.77
C ARG G 13 23.70 -58.61 -5.82
N PRO G 14 24.47 -58.23 -6.84
CA PRO G 14 23.88 -57.53 -7.98
C PRO G 14 22.77 -58.34 -8.63
N GLY G 15 21.71 -57.64 -9.05
CA GLY G 15 20.57 -58.29 -9.66
C GLY G 15 19.65 -58.99 -8.68
N ALA G 16 19.53 -58.48 -7.45
CA ALA G 16 18.68 -59.09 -6.45
C ALA G 16 18.08 -57.99 -5.57
N SER G 17 16.89 -58.27 -5.03
CA SER G 17 16.17 -57.33 -4.19
C SER G 17 16.79 -57.21 -2.80
N VAL G 18 16.59 -56.03 -2.19
CA VAL G 18 17.04 -55.73 -0.84
C VAL G 18 15.88 -55.08 -0.09
N ARG G 19 15.98 -55.06 1.23
CA ARG G 19 14.98 -54.45 2.10
C ARG G 19 15.70 -53.62 3.15
N LEU G 20 15.18 -52.41 3.39
CA LEU G 20 15.75 -51.47 4.35
C LEU G 20 14.72 -51.10 5.41
N SER G 21 15.20 -50.73 6.61
CA SER G 21 14.33 -50.36 7.71
C SER G 21 14.90 -49.20 8.52
N CYS G 22 13.99 -48.51 9.22
CA CYS G 22 14.27 -47.36 10.08
C CYS G 22 13.15 -47.29 11.10
N LYS G 23 13.50 -47.09 12.38
CA LYS G 23 12.52 -47.05 13.46
C LYS G 23 12.38 -45.65 14.05
N ALA G 24 11.15 -45.30 14.40
CA ALA G 24 10.85 -44.01 15.01
C ALA G 24 11.40 -43.92 16.43
N SER G 25 11.74 -42.70 16.82
CA SER G 25 12.19 -42.38 18.17
C SER G 25 11.01 -41.76 18.94
N GLY G 26 11.20 -40.68 19.69
CA GLY G 26 10.19 -40.08 20.55
C GLY G 26 9.07 -39.33 19.86
N TYR G 27 8.19 -40.05 19.16
CA TYR G 27 7.11 -39.45 18.39
C TYR G 27 5.86 -40.29 18.55
N THR G 28 4.78 -39.85 17.91
CA THR G 28 3.53 -40.60 17.86
C THR G 28 3.39 -41.36 16.56
N PHE G 29 4.36 -41.25 15.65
CA PHE G 29 4.43 -41.88 14.34
C PHE G 29 3.44 -41.34 13.31
N ASN G 30 2.24 -40.94 13.73
CA ASN G 30 1.19 -40.56 12.78
C ASN G 30 1.15 -39.05 12.53
N THR G 31 2.22 -38.33 12.87
CA THR G 31 2.33 -36.90 12.64
C THR G 31 3.52 -36.55 11.76
N TYR G 32 4.00 -37.49 10.95
CA TYR G 32 5.11 -37.22 10.04
C TYR G 32 5.25 -38.39 9.07
N GLY G 33 6.09 -38.16 8.04
CA GLY G 33 6.54 -39.21 7.15
C GLY G 33 8.03 -39.45 7.23
N ILE G 34 8.48 -40.49 6.53
CA ILE G 34 9.88 -40.91 6.47
C ILE G 34 10.39 -40.80 5.04
N ILE G 35 11.49 -40.10 4.87
CA ILE G 35 12.11 -39.83 3.58
C ILE G 35 13.53 -40.37 3.57
N TRP G 36 13.99 -40.94 2.44
CA TRP G 36 15.32 -41.51 2.40
C TRP G 36 16.19 -40.67 1.48
N VAL G 37 17.49 -40.59 1.80
CA VAL G 37 18.44 -39.85 0.98
C VAL G 37 19.65 -40.73 0.71
N ARG G 38 19.98 -40.94 -0.56
CA ARG G 38 21.10 -41.77 -0.94
C ARG G 38 22.39 -40.96 -0.97
N GLN G 39 23.44 -41.50 -0.36
CA GLN G 39 24.78 -40.93 -0.35
C GLN G 39 25.68 -41.82 -1.19
N ALA G 40 26.32 -41.25 -2.21
CA ALA G 40 27.17 -42.01 -3.10
C ALA G 40 28.28 -41.10 -3.62
N PRO G 41 29.42 -41.67 -4.03
CA PRO G 41 30.58 -40.83 -4.42
C PRO G 41 30.31 -39.73 -5.44
N GLY G 42 29.39 -39.91 -6.39
CA GLY G 42 29.10 -38.91 -7.41
C GLY G 42 27.74 -38.27 -7.34
N GLN G 43 26.94 -38.54 -6.31
CA GLN G 43 25.59 -38.02 -6.17
C GLN G 43 25.44 -37.00 -5.07
N GLY G 44 26.24 -37.09 -4.01
CA GLY G 44 26.09 -36.18 -2.88
C GLY G 44 24.94 -36.62 -2.00
N LEU G 45 23.77 -36.02 -2.17
CA LEU G 45 22.55 -36.44 -1.49
C LEU G 45 21.45 -36.48 -2.53
N GLU G 46 20.87 -37.66 -2.74
CA GLU G 46 19.83 -37.86 -3.74
C GLU G 46 18.53 -38.25 -3.05
N TRP G 47 17.51 -37.40 -3.14
CA TRP G 47 16.25 -37.64 -2.44
C TRP G 47 15.68 -38.91 -3.04
N MET G 48 15.63 -40.00 -2.27
CA MET G 48 15.00 -41.22 -2.73
C MET G 48 13.85 -41.57 -1.81
N GLY G 49 12.67 -41.72 -2.38
CA GLY G 49 11.60 -42.20 -1.54
C GLY G 49 10.91 -41.09 -0.80
N TRP G 50 9.63 -41.30 -0.55
CA TRP G 50 8.86 -40.46 0.34
C TRP G 50 7.73 -41.35 0.82
N ILE G 51 7.30 -41.15 2.06
CA ILE G 51 6.09 -41.85 2.50
C ILE G 51 5.48 -40.93 3.53
N SER G 52 4.17 -41.05 3.71
CA SER G 52 3.46 -40.33 4.75
C SER G 52 2.72 -41.31 5.64
N ALA G 53 3.01 -41.28 6.94
CA ALA G 53 2.31 -42.19 7.85
C ALA G 53 0.99 -41.52 8.26
N TYR G 54 0.10 -41.37 7.28
CA TYR G 54 -1.20 -40.78 7.56
C TYR G 54 -2.18 -41.20 6.47
N THR G 55 -1.77 -40.93 5.22
CA THR G 55 -2.56 -41.23 4.03
C THR G 55 -2.12 -42.47 3.27
N GLY G 56 -0.86 -42.87 3.39
CA GLY G 56 -0.40 -43.99 2.61
C GLY G 56 -0.01 -43.63 1.19
N ASN G 57 -0.05 -42.34 0.83
CA ASN G 57 0.25 -41.87 -0.51
C ASN G 57 1.76 -41.67 -0.67
N THR G 58 2.21 -41.72 -1.92
CA THR G 58 3.64 -41.54 -2.19
C THR G 58 3.90 -40.94 -3.57
N ASN G 59 5.01 -40.18 -3.65
CA ASN G 59 5.51 -39.54 -4.87
C ASN G 59 6.77 -40.19 -5.45
N TYR G 60 7.17 -41.36 -4.92
CA TYR G 60 8.31 -42.18 -5.31
C TYR G 60 9.52 -41.30 -5.67
N ALA G 61 10.00 -41.35 -6.91
CA ALA G 61 10.94 -40.42 -7.51
C ALA G 61 10.66 -40.58 -8.99
N GLN G 62 10.80 -39.50 -9.77
CA GLN G 62 10.36 -39.59 -11.15
C GLN G 62 11.19 -40.57 -11.97
N LYS G 63 12.52 -40.56 -11.79
CA LYS G 63 13.39 -41.38 -12.60
C LYS G 63 13.51 -42.83 -12.16
N VAL G 64 12.96 -43.21 -11.00
CA VAL G 64 13.10 -44.56 -10.45
C VAL G 64 11.75 -45.27 -10.27
N GLN G 65 10.66 -44.71 -10.82
CA GLN G 65 9.34 -45.31 -10.61
C GLN G 65 9.32 -46.75 -11.12
N GLY G 66 8.74 -47.64 -10.33
CA GLY G 66 8.69 -49.05 -10.65
C GLY G 66 9.76 -49.91 -10.01
N ARG G 67 10.77 -49.32 -9.38
CA ARG G 67 11.85 -50.08 -8.74
C ARG G 67 11.78 -50.04 -7.21
N VAL G 68 10.90 -49.24 -6.63
CA VAL G 68 10.81 -49.07 -5.18
C VAL G 68 9.37 -49.22 -4.74
N THR G 69 9.13 -50.00 -3.68
CA THR G 69 7.82 -50.14 -3.07
C THR G 69 7.95 -49.96 -1.57
N MET G 70 7.02 -49.21 -0.98
CA MET G 70 6.96 -48.89 0.44
C MET G 70 5.54 -48.99 0.99
N THR G 71 5.45 -49.45 2.23
CA THR G 71 4.21 -49.51 2.99
C THR G 71 4.56 -49.35 4.46
N THR G 72 3.66 -48.72 5.21
CA THR G 72 3.86 -48.55 6.64
C THR G 72 3.26 -49.70 7.43
N ASP G 73 3.77 -49.88 8.65
CA ASP G 73 3.21 -50.81 9.64
C ASP G 73 3.37 -50.21 11.04
N ILE G 74 2.25 -49.77 11.63
CA ILE G 74 2.29 -49.05 12.90
C ILE G 74 2.81 -49.96 14.02
N THR G 75 2.41 -51.24 14.01
CA THR G 75 2.70 -52.18 15.10
C THR G 75 4.18 -52.22 15.49
N THR G 76 5.09 -52.22 14.52
CA THR G 76 6.52 -52.29 14.80
C THR G 76 7.23 -50.97 14.57
N SER G 77 6.53 -49.95 14.08
CA SER G 77 7.10 -48.65 13.74
C SER G 77 8.36 -48.73 12.88
N THR G 78 8.17 -49.10 11.61
CA THR G 78 9.28 -49.08 10.67
C THR G 78 8.78 -48.58 9.30
N ALA G 79 9.70 -47.96 8.56
CA ALA G 79 9.43 -47.56 7.18
C ALA G 79 9.19 -48.78 6.28
N TYR G 80 9.94 -49.85 6.51
CA TYR G 80 9.78 -51.12 5.79
C TYR G 80 9.98 -50.96 4.27
N LEU G 81 11.04 -50.24 3.88
CA LEU G 81 11.36 -50.06 2.47
C LEU G 81 11.73 -51.38 1.77
N GLU G 82 11.29 -51.51 0.51
CA GLU G 82 11.68 -52.60 -0.40
C GLU G 82 12.25 -52.01 -1.68
N LEU G 83 13.33 -52.60 -2.18
CA LEU G 83 14.02 -52.12 -3.39
C LEU G 83 14.31 -53.35 -4.24
N ARG G 84 13.90 -53.30 -5.52
CA ARG G 84 14.02 -54.47 -6.39
C ARG G 84 14.37 -54.02 -7.81
N GLY G 85 15.00 -54.94 -8.53
CA GLY G 85 15.41 -54.69 -9.91
C GLY G 85 16.64 -53.80 -9.97
N LEU G 86 17.48 -53.86 -8.94
CA LEU G 86 18.66 -53.03 -8.80
C LEU G 86 19.82 -53.55 -9.65
N ARG G 87 20.74 -52.63 -9.94
CA ARG G 87 22.00 -52.90 -10.63
C ARG G 87 23.12 -52.86 -9.59
N SER G 88 24.22 -52.11 -9.83
CA SER G 88 25.31 -51.98 -8.86
C SER G 88 25.62 -50.52 -8.55
N ASP G 89 25.09 -49.58 -9.34
CA ASP G 89 25.33 -48.16 -9.12
C ASP G 89 24.49 -47.62 -7.98
N ASP G 90 23.57 -48.42 -7.44
CA ASP G 90 22.63 -48.02 -6.41
C ASP G 90 23.19 -48.24 -5.00
N THR G 91 24.45 -48.62 -4.88
CA THR G 91 25.09 -48.72 -3.58
C THR G 91 25.20 -47.33 -2.97
N ALA G 92 24.69 -47.19 -1.75
CA ALA G 92 24.64 -45.90 -1.08
C ALA G 92 24.33 -46.13 0.39
N VAL G 93 24.45 -45.07 1.18
CA VAL G 93 24.16 -45.15 2.61
C VAL G 93 22.67 -45.31 2.87
N TYR G 94 21.83 -44.56 2.16
CA TYR G 94 20.38 -44.57 2.36
C TYR G 94 20.01 -44.11 3.78
N TYR G 95 20.23 -42.82 4.02
CA TYR G 95 19.92 -42.22 5.30
C TYR G 95 18.41 -42.04 5.44
N CYS G 96 17.93 -42.19 6.68
CA CYS G 96 16.54 -42.01 7.07
C CYS G 96 16.32 -40.62 7.67
N ALA G 97 15.22 -39.96 7.29
CA ALA G 97 14.91 -38.64 7.85
C ALA G 97 13.40 -38.43 7.96
N ARG G 98 13.03 -37.45 8.78
CA ARG G 98 11.65 -37.01 8.99
C ARG G 98 11.23 -35.93 8.00
N GLY G 99 10.04 -36.09 7.40
CA GLY G 99 9.54 -35.13 6.43
C GLY G 99 8.43 -34.18 6.88
N LEU G 100 7.31 -34.18 6.15
CA LEU G 100 6.21 -33.24 6.34
C LEU G 100 5.41 -33.54 7.61
N LEU G 101 4.69 -32.52 8.10
CA LEU G 101 3.89 -32.67 9.32
C LEU G 101 2.72 -33.62 9.10
N GLN G 102 2.04 -33.49 7.96
CA GLN G 102 0.99 -34.42 7.55
C GLN G 102 -0.11 -34.62 8.61
N GLY G 103 -0.89 -33.56 8.85
CA GLY G 103 -1.95 -33.67 9.83
C GLY G 103 -2.38 -32.39 10.52
N ALA G 104 -1.74 -31.27 10.19
CA ALA G 104 -2.14 -29.99 10.74
C ALA G 104 -1.71 -28.92 9.74
N VAL G 105 -2.29 -27.73 9.88
CA VAL G 105 -1.93 -26.65 8.97
C VAL G 105 -0.51 -26.22 9.28
N ILE G 106 0.30 -26.09 8.24
CA ILE G 106 1.72 -25.75 8.39
C ILE G 106 1.88 -24.24 8.32
N LEU G 107 2.18 -23.64 9.47
CA LEU G 107 2.45 -22.21 9.59
C LEU G 107 3.90 -21.96 9.99
N ASP G 108 4.74 -23.00 9.96
CA ASP G 108 6.11 -22.96 10.43
C ASP G 108 6.94 -23.71 9.39
N SER G 109 7.93 -23.03 8.82
CA SER G 109 8.73 -23.62 7.75
C SER G 109 9.48 -24.88 8.18
N TYR G 110 9.55 -25.15 9.49
CA TYR G 110 10.16 -26.37 10.02
C TYR G 110 9.50 -27.63 9.46
N HIS G 111 8.24 -27.56 9.03
CA HIS G 111 7.54 -28.75 8.60
C HIS G 111 7.74 -29.08 7.12
N TYR G 112 8.58 -28.34 6.42
CA TYR G 112 9.03 -28.69 5.07
C TYR G 112 10.46 -29.19 5.07
N ALA G 113 11.30 -28.60 5.91
CA ALA G 113 12.68 -29.02 6.06
C ALA G 113 12.76 -30.38 6.76
N LEU G 114 13.78 -31.14 6.40
CA LEU G 114 14.04 -32.46 6.97
C LEU G 114 14.91 -32.32 8.21
N ASP G 115 14.66 -33.18 9.19
CA ASP G 115 15.46 -33.17 10.41
C ASP G 115 15.48 -34.56 11.03
N PHE G 116 16.21 -34.70 12.14
CA PHE G 116 16.30 -35.93 12.92
C PHE G 116 16.70 -37.12 12.06
N TRP G 117 17.80 -36.97 11.32
CA TRP G 117 18.22 -38.02 10.42
C TRP G 117 18.60 -39.27 11.21
N GLY G 118 18.55 -40.42 10.55
CA GLY G 118 18.83 -41.70 11.17
C GLY G 118 20.31 -42.03 11.22
N GLN G 119 20.60 -43.31 11.48
CA GLN G 119 21.97 -43.74 11.71
C GLN G 119 22.73 -44.11 10.43
N GLY G 120 22.08 -44.14 9.28
CA GLY G 120 22.81 -44.38 8.05
C GLY G 120 23.27 -45.80 7.77
N THR G 121 22.48 -46.81 8.12
CA THR G 121 22.88 -48.18 7.84
C THR G 121 23.09 -48.37 6.34
N THR G 122 24.27 -48.85 5.96
CA THR G 122 24.62 -48.94 4.55
C THR G 122 24.14 -50.25 3.95
N VAL G 123 24.05 -50.24 2.62
CA VAL G 123 23.74 -51.42 1.80
C VAL G 123 24.83 -51.48 0.73
N THR G 124 25.48 -52.63 0.61
CA THR G 124 26.54 -52.83 -0.38
C THR G 124 26.13 -53.97 -1.31
N VAL G 125 26.20 -53.71 -2.61
CA VAL G 125 25.86 -54.69 -3.64
C VAL G 125 27.02 -54.69 -4.64
N SER G 126 28.12 -55.36 -4.25
CA SER G 126 29.34 -55.38 -5.05
C SER G 126 29.77 -56.78 -5.48
N SER G 127 29.19 -57.84 -4.90
CA SER G 127 29.55 -59.23 -5.20
C SER G 127 29.60 -59.54 -6.69
N ILE H 2 14.33 -29.48 -10.95
CA ILE H 2 14.78 -28.46 -10.02
C ILE H 2 16.28 -28.31 -10.20
N VAL H 3 16.71 -27.06 -10.34
CA VAL H 3 18.10 -26.70 -10.62
C VAL H 3 18.64 -25.91 -9.43
N LEU H 4 19.69 -26.44 -8.78
CA LEU H 4 20.35 -25.78 -7.66
C LEU H 4 21.84 -25.74 -7.98
N THR H 5 22.42 -24.54 -8.02
CA THR H 5 23.84 -24.34 -8.33
C THR H 5 24.56 -23.68 -7.16
N GLN H 6 25.70 -24.25 -6.77
CA GLN H 6 26.56 -23.70 -5.72
C GLN H 6 27.72 -22.98 -6.39
N SER H 7 27.69 -21.65 -6.36
CA SER H 7 28.60 -20.83 -7.16
C SER H 7 30.09 -20.98 -6.83
N PRO H 8 30.54 -20.82 -5.58
CA PRO H 8 31.99 -20.71 -5.35
C PRO H 8 32.79 -21.97 -5.60
N GLY H 9 32.18 -23.14 -5.63
CA GLY H 9 32.95 -24.36 -5.87
C GLY H 9 33.76 -24.84 -4.68
N THR H 10 34.77 -24.07 -4.28
CA THR H 10 35.61 -24.39 -3.13
C THR H 10 35.83 -23.13 -2.30
N LEU H 11 35.69 -23.26 -0.98
CA LEU H 11 35.99 -22.21 -0.02
C LEU H 11 37.13 -22.68 0.88
N SER H 12 38.24 -21.94 0.90
CA SER H 12 39.41 -22.28 1.71
C SER H 12 39.78 -21.06 2.56
N LEU H 13 39.38 -21.09 3.83
CA LEU H 13 39.55 -19.97 4.76
C LEU H 13 39.96 -20.53 6.12
N SER H 14 40.81 -19.77 6.84
CA SER H 14 41.23 -20.16 8.18
C SER H 14 40.16 -19.87 9.23
N PRO H 15 40.14 -20.62 10.35
CA PRO H 15 39.27 -20.26 11.47
C PRO H 15 39.47 -18.84 11.99
N GLY H 16 38.36 -18.20 12.35
CA GLY H 16 38.32 -16.83 12.82
C GLY H 16 37.78 -15.83 11.81
N GLU H 17 37.71 -16.21 10.54
CA GLU H 17 37.18 -15.41 9.45
C GLU H 17 35.70 -15.76 9.23
N ARG H 18 35.08 -15.14 8.21
CA ARG H 18 33.69 -15.37 7.85
C ARG H 18 33.61 -15.72 6.37
N ALA H 19 32.61 -16.55 6.01
CA ALA H 19 32.44 -17.00 4.64
C ALA H 19 30.96 -17.19 4.32
N THR H 20 30.65 -17.15 3.02
CA THR H 20 29.29 -17.32 2.52
C THR H 20 29.23 -18.37 1.42
N LEU H 21 28.08 -19.05 1.34
CA LEU H 21 27.73 -20.00 0.29
C LEU H 21 26.50 -19.51 -0.45
N SER H 22 26.61 -19.30 -1.76
CA SER H 22 25.51 -18.81 -2.59
C SER H 22 24.89 -19.94 -3.38
N CYS H 23 23.60 -20.21 -3.14
CA CYS H 23 22.83 -21.23 -3.83
C CYS H 23 21.86 -20.52 -4.76
N ARG H 24 22.02 -20.73 -6.06
CA ARG H 24 21.16 -20.13 -7.08
C ARG H 24 20.17 -21.14 -7.60
N ALA H 25 18.90 -20.74 -7.68
CA ALA H 25 17.82 -21.55 -8.23
C ALA H 25 17.44 -21.01 -9.61
N SER H 26 17.02 -21.91 -10.49
CA SER H 26 16.55 -21.47 -11.80
C SER H 26 15.12 -20.93 -11.75
N GLN H 27 14.30 -21.45 -10.84
CA GLN H 27 12.91 -21.02 -10.68
C GLN H 27 12.79 -20.20 -9.40
N SER H 28 12.15 -19.03 -9.51
CA SER H 28 11.88 -18.23 -8.33
C SER H 28 10.83 -18.93 -7.47
N VAL H 29 11.13 -19.09 -6.18
CA VAL H 29 10.27 -19.80 -5.25
C VAL H 29 10.07 -18.99 -3.99
N THR H 30 9.07 -19.39 -3.22
CA THR H 30 8.86 -18.83 -1.88
C THR H 30 9.97 -19.26 -0.93
N ASN H 31 10.29 -18.38 0.02
CA ASN H 31 11.34 -18.63 0.99
C ASN H 31 11.07 -19.86 1.86
N ARG H 32 9.81 -20.29 1.97
CA ARG H 32 9.43 -21.35 2.88
C ARG H 32 10.06 -22.70 2.55
N PHE H 33 10.56 -22.88 1.33
CA PHE H 33 11.01 -24.19 0.84
C PHE H 33 12.52 -24.38 0.74
N ILE H 34 13.34 -23.50 1.29
CA ILE H 34 14.80 -23.62 1.24
C ILE H 34 15.32 -24.00 2.61
N ALA H 35 16.22 -24.98 2.63
CA ALA H 35 16.84 -25.44 3.87
C ALA H 35 18.31 -25.68 3.62
N TRP H 36 19.11 -25.50 4.67
CA TRP H 36 20.56 -25.69 4.60
C TRP H 36 20.96 -26.81 5.55
N TYR H 37 21.85 -27.68 5.07
CA TYR H 37 22.34 -28.85 5.80
C TYR H 37 23.86 -28.94 5.84
N GLN H 38 24.35 -29.54 6.92
CA GLN H 38 25.75 -29.88 7.13
C GLN H 38 25.94 -31.39 7.10
N HIS H 39 26.99 -31.85 6.40
CA HIS H 39 27.34 -33.27 6.33
C HIS H 39 28.80 -33.46 6.74
N LYS H 40 28.99 -33.85 7.99
CA LYS H 40 30.33 -34.19 8.46
C LYS H 40 30.58 -35.65 8.09
N PRO H 41 31.66 -35.98 7.35
CA PRO H 41 31.84 -37.38 6.96
C PRO H 41 32.01 -38.27 8.18
N GLY H 42 31.34 -39.42 8.14
CA GLY H 42 31.33 -40.36 9.24
C GLY H 42 30.08 -40.31 10.09
N GLN H 43 29.30 -39.23 9.97
CA GLN H 43 28.06 -39.05 10.70
C GLN H 43 26.93 -38.76 9.71
N SER H 44 25.73 -38.57 10.25
CA SER H 44 24.53 -38.26 9.49
C SER H 44 24.37 -36.75 9.31
N PRO H 45 23.70 -36.32 8.23
CA PRO H 45 23.38 -34.88 8.10
C PRO H 45 22.54 -34.37 9.25
N ARG H 46 22.76 -33.10 9.59
CA ARG H 46 22.01 -32.42 10.62
C ARG H 46 21.45 -31.14 10.02
N LEU H 47 20.24 -30.79 10.41
CA LEU H 47 19.61 -29.57 9.91
C LEU H 47 20.29 -28.35 10.50
N LEU H 48 20.58 -27.37 9.64
CA LEU H 48 21.14 -26.10 10.08
C LEU H 48 20.13 -24.97 9.97
N ILE H 49 19.47 -24.82 8.81
CA ILE H 49 18.54 -23.72 8.59
C ILE H 49 17.32 -24.27 7.88
N TYR H 50 16.14 -23.76 8.24
CA TYR H 50 14.90 -24.06 7.56
C TYR H 50 14.15 -22.76 7.31
N GLY H 51 13.33 -22.75 6.26
CA GLY H 51 12.58 -21.57 5.91
C GLY H 51 13.43 -20.44 5.38
N ALA H 52 14.62 -20.75 4.88
CA ALA H 52 15.61 -19.80 4.37
C ALA H 52 16.15 -18.79 5.40
N SER H 53 15.74 -18.86 6.66
CA SER H 53 16.27 -17.92 7.66
C SER H 53 16.17 -18.42 9.11
N SER H 54 15.20 -19.27 9.41
CA SER H 54 14.99 -19.68 10.80
C SER H 54 16.12 -20.58 11.29
N ARG H 55 16.43 -20.45 12.57
CA ARG H 55 17.50 -21.22 13.19
C ARG H 55 17.03 -22.62 13.56
N ALA H 56 17.83 -23.63 13.20
CA ALA H 56 17.52 -25.00 13.57
C ALA H 56 17.57 -25.15 15.09
N THR H 57 16.79 -26.09 15.60
CA THR H 57 16.80 -26.36 17.03
C THR H 57 18.16 -26.88 17.47
N GLY H 58 18.71 -26.29 18.53
CA GLY H 58 19.95 -26.78 19.11
C GLY H 58 21.24 -26.42 18.43
N ILE H 59 21.29 -25.35 17.63
CA ILE H 59 22.49 -24.97 16.90
C ILE H 59 23.02 -23.64 17.45
N PRO H 60 24.34 -23.41 17.52
CA PRO H 60 24.83 -22.10 17.96
C PRO H 60 24.56 -20.99 16.95
N ASP H 61 24.65 -19.75 17.47
CA ASP H 61 24.40 -18.52 16.72
C ASP H 61 25.43 -18.30 15.61
N ARG H 62 26.52 -19.07 15.59
CA ARG H 62 27.55 -18.92 14.55
C ARG H 62 26.99 -19.15 13.14
N PHE H 63 25.96 -19.97 13.00
CA PHE H 63 25.40 -20.33 11.71
C PHE H 63 24.18 -19.45 11.43
N SER H 64 24.17 -18.76 10.29
CA SER H 64 23.03 -17.94 9.93
C SER H 64 22.85 -17.97 8.41
N GLY H 65 21.89 -17.19 7.92
CA GLY H 65 21.61 -17.19 6.50
C GLY H 65 20.35 -16.39 6.20
N ARG H 66 20.16 -16.17 4.90
CA ARG H 66 19.04 -15.37 4.40
C ARG H 66 18.98 -15.61 2.90
N GLY H 67 17.89 -15.15 2.28
CA GLY H 67 17.83 -15.20 0.83
C GLY H 67 16.43 -14.95 0.33
N SER H 68 16.33 -14.86 -1.00
CA SER H 68 15.02 -14.64 -1.60
C SER H 68 15.08 -14.98 -3.08
N GLY H 69 13.91 -15.16 -3.66
CA GLY H 69 13.78 -15.30 -5.10
C GLY H 69 14.55 -16.51 -5.61
N THR H 70 15.54 -16.23 -6.45
CA THR H 70 16.40 -17.25 -7.05
C THR H 70 17.80 -17.27 -6.45
N ASP H 71 18.08 -16.46 -5.42
CA ASP H 71 19.42 -16.33 -4.87
C ASP H 71 19.35 -16.37 -3.34
N PHE H 72 19.95 -17.42 -2.74
CA PHE H 72 19.94 -17.59 -1.29
C PHE H 72 21.37 -17.74 -0.80
N THR H 73 21.67 -17.16 0.36
CA THR H 73 23.01 -17.17 0.93
C THR H 73 23.00 -17.76 2.33
N LEU H 74 23.93 -18.68 2.56
CA LEU H 74 24.24 -19.26 3.86
C LEU H 74 25.49 -18.56 4.38
N THR H 75 25.45 -18.02 5.60
CA THR H 75 26.57 -17.28 6.17
C THR H 75 27.11 -17.98 7.39
N ILE H 76 28.41 -18.28 7.35
CA ILE H 76 29.11 -19.01 8.41
C ILE H 76 30.14 -18.07 9.01
N SER H 77 30.01 -17.84 10.31
CA SER H 77 30.96 -17.03 11.05
C SER H 77 31.99 -17.92 11.73
N ARG H 78 33.22 -17.42 11.81
CA ARG H 78 34.36 -18.02 12.48
C ARG H 78 34.95 -19.24 11.76
N LEU H 79 34.12 -20.15 11.25
CA LEU H 79 34.60 -21.34 10.54
C LEU H 79 35.51 -22.19 11.43
N GLU H 80 34.90 -22.79 12.45
CA GLU H 80 35.66 -23.61 13.38
C GLU H 80 36.06 -24.92 12.71
N PRO H 81 37.08 -25.61 13.25
CA PRO H 81 37.49 -26.90 12.66
C PRO H 81 36.36 -27.89 12.41
N GLU H 82 35.32 -27.87 13.24
CA GLU H 82 34.18 -28.77 13.04
C GLU H 82 33.37 -28.39 11.80
N ASP H 83 33.53 -27.19 11.27
CA ASP H 83 32.75 -26.69 10.14
C ASP H 83 33.34 -27.08 8.78
N PHE H 84 34.56 -27.62 8.75
CA PHE H 84 35.24 -27.91 7.48
C PHE H 84 34.83 -29.31 7.00
N ALA H 85 33.59 -29.35 6.50
CA ALA H 85 32.94 -30.55 6.00
C ALA H 85 32.38 -30.25 4.61
N VAL H 86 31.08 -30.47 4.38
CA VAL H 86 30.42 -30.12 3.12
C VAL H 86 29.00 -29.70 3.48
N TYR H 87 28.50 -28.69 2.77
CA TYR H 87 27.16 -28.17 2.96
C TYR H 87 26.27 -28.45 1.76
N TYR H 88 24.99 -28.75 2.04
CA TYR H 88 24.01 -28.98 1.00
C TYR H 88 22.86 -27.97 1.05
N CYS H 89 22.41 -27.57 -0.14
CA CYS H 89 21.28 -26.67 -0.35
C CYS H 89 20.08 -27.53 -0.71
N GLN H 90 18.99 -27.41 0.06
CA GLN H 90 17.78 -28.20 -0.12
C GLN H 90 16.65 -27.33 -0.65
N GLN H 91 15.89 -27.89 -1.60
CA GLN H 91 14.71 -27.25 -2.18
C GLN H 91 13.51 -28.19 -2.26
N TYR H 92 12.36 -27.64 -1.86
CA TYR H 92 11.04 -28.24 -1.95
C TYR H 92 10.23 -27.42 -2.94
N ASP H 93 9.40 -28.08 -3.76
CA ASP H 93 8.52 -27.37 -4.71
C ASP H 93 7.06 -27.83 -4.62
N THR H 94 6.35 -27.34 -3.61
CA THR H 94 4.91 -27.55 -3.43
C THR H 94 4.55 -29.02 -3.27
N SER H 95 4.77 -29.80 -4.33
CA SER H 95 4.48 -31.21 -4.28
C SER H 95 5.49 -31.89 -3.37
N PRO H 96 5.21 -33.11 -2.89
CA PRO H 96 6.21 -33.73 -1.99
C PRO H 96 7.43 -34.23 -2.74
N ARG H 97 8.20 -33.26 -3.25
CA ARG H 97 9.41 -33.49 -4.02
C ARG H 97 10.50 -32.62 -3.41
N TRP H 98 11.60 -33.27 -3.04
CA TRP H 98 12.77 -32.65 -2.41
C TRP H 98 13.98 -32.90 -3.28
N THR H 99 14.91 -31.93 -3.28
CA THR H 99 16.20 -32.11 -3.91
C THR H 99 17.29 -31.47 -3.08
N PHE H 100 18.52 -31.89 -3.35
CA PHE H 100 19.74 -31.37 -2.75
C PHE H 100 20.70 -30.94 -3.84
N GLY H 101 21.54 -29.96 -3.53
CA GLY H 101 22.61 -29.56 -4.41
C GLY H 101 23.84 -30.42 -4.19
N GLN H 102 24.97 -29.96 -4.74
CA GLN H 102 26.23 -30.68 -4.67
C GLN H 102 27.14 -30.16 -3.57
N GLY H 103 26.99 -28.91 -3.19
CA GLY H 103 27.82 -28.33 -2.16
C GLY H 103 29.17 -27.88 -2.69
N THR H 104 30.02 -27.44 -1.75
CA THR H 104 31.36 -26.98 -2.05
C THR H 104 32.36 -27.59 -1.07
N LYS H 105 33.60 -27.71 -1.53
CA LYS H 105 34.69 -28.17 -0.69
C LYS H 105 35.06 -27.11 0.33
N LEU H 106 35.29 -27.54 1.57
CA LEU H 106 35.73 -26.69 2.66
C LEU H 106 37.11 -27.15 3.09
N GLU H 107 38.06 -26.22 3.08
CA GLU H 107 39.47 -26.50 3.33
C GLU H 107 40.00 -25.44 4.30
N ILE H 108 41.07 -25.77 5.01
CA ILE H 108 41.64 -24.79 5.95
C ILE H 108 42.23 -23.66 5.10
C1 NAG I . -0.04 7.56 -34.98
C2 NAG I . -0.17 9.08 -34.80
C3 NAG I . -0.11 9.75 -36.16
C4 NAG I . 1.18 9.35 -36.88
C5 NAG I . 1.25 7.83 -37.00
C6 NAG I . 2.52 7.34 -37.63
C7 NAG I . -1.61 10.63 -33.54
C8 NAG I . -2.95 10.82 -32.89
N2 NAG I . -1.40 9.44 -34.12
O3 NAG I . -0.14 11.17 -36.02
O4 NAG I . 1.21 9.93 -38.18
O5 NAG I . 1.17 7.25 -35.69
O6 NAG I . 2.41 7.28 -39.04
O7 NAG I . -0.75 11.51 -33.55
C1 NAG J . -1.92 -2.42 -29.79
C2 NAG J . -1.59 -1.92 -31.19
C3 NAG J . -2.80 -2.10 -32.09
C4 NAG J . -3.21 -3.55 -32.11
C5 NAG J . -3.50 -4.01 -30.68
C6 NAG J . -3.83 -5.49 -30.58
C7 NAG J . 0.07 -0.12 -31.48
C8 NAG J . 0.31 1.36 -31.38
N2 NAG J . -1.17 -0.52 -31.16
O3 NAG J . -2.48 -1.67 -33.41
O4 NAG J . -4.38 -3.72 -32.89
O5 NAG J . -2.34 -3.80 -29.85
O6 NAG J . -4.13 -5.87 -29.25
O7 NAG J . 0.95 -0.90 -31.81
C1 NAG K . 3.64 -27.26 -13.44
C2 NAG K . 5.14 -26.94 -13.39
C3 NAG K . 5.78 -27.26 -14.73
C4 NAG K . 5.53 -28.73 -15.07
C5 NAG K . 4.02 -28.99 -15.08
C6 NAG K . 3.69 -30.44 -15.33
C7 NAG K . 5.82 -25.14 -11.85
C8 NAG K . 5.99 -23.66 -11.68
N2 NAG K . 5.37 -25.55 -13.04
O3 NAG K . 7.17 -27.01 -14.66
O4 NAG K . 6.07 -29.03 -16.35
O5 NAG K . 3.46 -28.64 -13.81
O6 NAG K . 2.29 -30.67 -15.23
O7 NAG K . 6.09 -25.94 -10.96
C1 NAG L . -1.05 -27.85 -30.08
C2 NAG L . -0.10 -26.67 -30.30
C3 NAG L . -0.50 -25.94 -31.59
C4 NAG L . -0.47 -26.92 -32.76
C5 NAG L . -1.40 -28.09 -32.45
C6 NAG L . -1.37 -29.16 -33.52
C7 NAG L . 0.69 -25.87 -28.13
C8 NAG L . 0.53 -24.84 -27.05
N2 NAG L . -0.13 -25.75 -29.17
O3 NAG L . 0.40 -24.87 -31.81
O4 NAG L . -0.89 -26.26 -33.94
O5 NAG L . -1.01 -28.72 -31.22
O6 NAG L . -2.36 -30.15 -33.31
O7 NAG L . 1.52 -26.78 -28.04
C1 NAG M . 28.32 18.87 -20.92
C2 NAG M . 29.35 19.96 -20.71
C3 NAG M . 30.75 19.39 -20.95
C4 NAG M . 30.97 18.18 -20.05
C5 NAG M . 29.86 17.16 -20.31
C6 NAG M . 29.96 15.96 -19.41
C7 NAG M . 29.50 22.33 -21.35
C8 NAG M . 29.17 23.34 -22.39
N2 NAG M . 29.11 21.08 -21.62
O3 NAG M . 31.72 20.39 -20.65
O4 NAG M . 32.24 17.59 -20.33
O5 NAG M . 28.59 17.78 -20.05
O6 NAG M . 31.11 15.18 -19.70
O7 NAG M . 30.07 22.63 -20.31
C1 NAG N . -33.42 -27.73 -30.12
C2 NAG N . -34.12 -28.35 -31.34
C3 NAG N . -34.33 -27.28 -32.40
C4 NAG N . -35.14 -26.14 -31.80
C5 NAG N . -34.43 -25.58 -30.59
C6 NAG N . -35.21 -24.50 -29.88
C7 NAG N . -33.88 -30.59 -32.32
C8 NAG N . -32.93 -31.62 -32.83
N2 NAG N . -33.34 -29.45 -31.87
O3 NAG N . -35.01 -27.84 -33.51
O4 NAG N . -35.31 -25.10 -32.77
O5 NAG N . -34.22 -26.63 -29.63
O6 NAG N . -34.67 -24.23 -28.59
O7 NAG N . -35.10 -30.77 -32.31
C1 NAG O . -29.55 18.65 16.54
C2 NAG O . -28.45 18.86 17.56
C3 NAG O . -29.01 19.58 18.78
C4 NAG O . -29.65 20.89 18.34
C5 NAG O . -30.72 20.61 17.28
C6 NAG O . -31.34 21.87 16.72
C7 NAG O . -26.63 17.52 18.53
C8 NAG O . -26.15 16.13 18.84
N2 NAG O . -27.82 17.60 17.95
O3 NAG O . -27.98 19.84 19.72
O4 NAG O . -30.25 21.54 19.46
O5 NAG O . -30.13 19.91 16.17
O6 NAG O . -30.36 22.75 16.19
O7 NAG O . -25.95 18.51 18.79
C1 NAG P . -30.45 10.16 8.10
C2 NAG P . -31.87 10.61 8.42
C3 NAG P . -32.41 9.82 9.60
C4 NAG P . -32.35 8.33 9.27
C5 NAG P . -30.91 7.95 8.95
C6 NAG P . -30.76 6.50 8.55
C7 NAG P . -32.19 12.97 7.76
C8 NAG P . -32.21 14.39 8.23
N2 NAG P . -31.92 12.04 8.70
O3 NAG P . -33.77 10.20 9.85
O4 NAG P . -32.81 7.57 10.38
O5 NAG P . -30.43 8.74 7.85
O6 NAG P . -29.39 6.14 8.41
O7 NAG P . -32.41 12.66 6.59
C1 NAG Q . -28.10 -2.15 -18.52
C2 NAG Q . -27.58 -2.17 -19.96
C3 NAG Q . -26.91 -0.84 -20.27
C4 NAG Q . -27.90 0.29 -20.05
C5 NAG Q . -28.41 0.23 -18.61
C6 NAG Q . -29.46 1.27 -18.31
C7 NAG Q . -27.01 -4.45 -20.69
C8 NAG Q . -25.92 -5.46 -20.84
N2 NAG Q . -26.65 -3.27 -20.18
O3 NAG Q . -26.46 -0.83 -21.62
O4 NAG Q . -27.27 1.55 -20.27
O5 NAG Q . -29.01 -1.04 -18.35
O6 NAG Q . -28.88 2.50 -17.90
O7 NAG Q . -28.17 -4.68 -21.04
C1 NAG R . -44.77 -3.13 -7.65
C2 NAG R . -44.59 -1.66 -8.01
C3 NAG R . -45.03 -0.78 -6.85
C4 NAG R . -46.48 -1.10 -6.50
C5 NAG R . -46.62 -2.58 -6.17
C6 NAG R . -48.04 -3.00 -5.90
C7 NAG R . -42.84 -0.63 -9.41
C8 NAG R . -41.36 -0.47 -9.60
N2 NAG R . -43.20 -1.38 -8.36
O3 NAG R . -44.89 0.59 -7.20
O4 NAG R . -46.90 -0.33 -5.38
O5 NAG R . -46.16 -3.37 -7.29
O6 NAG R . -48.72 -2.02 -5.13
O7 NAG R . -43.66 -0.11 -10.16
C1 NAG S . -15.15 44.06 -1.71
C2 NAG S . -14.02 45.05 -2.19
C3 NAG S . -13.99 45.32 -3.69
C4 NAG S . -14.25 44.06 -4.48
C5 NAG S . -15.71 43.71 -4.29
C6 NAG S . -16.11 42.41 -4.96
C7 NAG S . -13.64 46.60 -0.25
C8 NAG S . -12.90 45.49 0.45
N2 NAG S . -14.14 46.32 -1.47
O3 NAG S . -12.72 45.86 -4.05
O4 NAG S . -14.00 44.28 -5.87
O5 NAG S . -16.01 43.58 -2.90
O6 NAG S . -14.98 41.59 -5.26
O7 NAG S . -13.79 47.69 0.27
C1 NAG T . -43.96 -30.21 12.60
C2 NAG T . -44.05 -31.63 13.13
C3 NAG T . -43.83 -31.62 14.63
C4 NAG T . -42.47 -31.00 14.93
C5 NAG T . -42.42 -29.59 14.34
C6 NAG T . -41.07 -28.93 14.52
C7 NAG T . -45.53 -33.54 12.69
C8 NAG T . -46.91 -33.98 12.33
N2 NAG T . -45.35 -32.22 12.80
O3 NAG T . -43.88 -32.96 15.13
O4 NAG T . -42.28 -30.93 16.34
O5 NAG T . -42.66 -29.66 12.92
O6 NAG T . -40.60 -29.07 15.86
O7 NAG T . -44.61 -34.34 12.86
C1 NAG U . 21.27 -11.94 17.73
C2 NAG U . 22.29 -11.02 17.08
C3 NAG U . 23.66 -11.26 17.70
C4 NAG U . 23.57 -11.04 19.21
C5 NAG U . 22.51 -11.95 19.80
C6 NAG U . 22.29 -11.73 21.27
C7 NAG U . 22.89 -10.34 14.79
C8 NAG U . 22.87 -10.72 13.34
N2 NAG U . 22.34 -11.22 15.64
O3 NAG U . 24.62 -10.37 17.14
O4 NAG U . 24.83 -11.33 19.81
O5 NAG U . 21.25 -11.70 19.15
O6 NAG U . 23.17 -12.52 22.06
O7 NAG U . 23.40 -9.30 15.18
C1 NAG V . 10.48 -14.72 18.12
C2 NAG V . 10.27 -15.56 19.39
C3 NAG V . 10.93 -16.91 19.23
C4 NAG V . 10.34 -17.62 18.01
C5 NAG V . 10.54 -16.74 16.77
C6 NAG V . 9.89 -17.32 15.53
C7 NAG V . 10.37 -15.08 21.80
C8 NAG V . 11.04 -14.28 22.88
N2 NAG V . 10.81 -14.87 20.55
O3 NAG V . 10.71 -17.70 20.39
O4 NAG V . 10.96 -18.87 17.82
O5 NAG V . 9.95 -15.45 16.98
O6 NAG V . 9.65 -16.31 14.57
O7 NAG V . 9.47 -15.89 22.04
C1 NAG W . -20.31 -12.37 19.64
C2 NAG W . -21.68 -11.75 19.86
C3 NAG W . -21.52 -10.31 20.35
C4 NAG W . -20.70 -10.31 21.63
C5 NAG W . -19.35 -10.99 21.37
C6 NAG W . -18.51 -11.12 22.62
C7 NAG W . -23.34 -12.76 18.36
C8 NAG W . -24.08 -12.64 17.06
N2 NAG W . -22.47 -11.79 18.64
O3 NAG W . -22.79 -9.74 20.58
O4 NAG W . -20.48 -8.98 22.07
O5 NAG W . -19.55 -12.31 20.87
O6 NAG W . -19.22 -11.74 23.67
O7 NAG W . -23.52 -13.72 19.12
C1 NAG X . -9.26 -30.23 25.35
C2 NAG X . -8.26 -29.14 25.74
C3 NAG X . -6.85 -29.68 25.58
C4 NAG X . -6.68 -30.92 26.44
C5 NAG X . -7.72 -31.97 26.03
C6 NAG X . -7.69 -33.20 26.89
C7 NAG X . -9.24 -26.94 25.28
C8 NAG X . -9.31 -25.79 24.32
N2 NAG X . -8.44 -27.96 24.93
O3 NAG X . -5.91 -28.68 25.98
O4 NAG X . -5.38 -31.47 26.26
O5 NAG X . -9.04 -31.40 26.16
O6 NAG X . -6.37 -33.71 27.02
O7 NAG X . -9.88 -26.95 26.32
C1 NAG Y . 18.31 19.97 31.19
C2 NAG Y . 18.79 21.31 31.74
C3 NAG Y . 18.13 21.58 33.09
C4 NAG Y . 16.62 21.54 32.93
C5 NAG Y . 16.21 20.18 32.36
C6 NAG Y . 14.73 20.08 32.09
C7 NAG Y . 21.05 21.71 30.86
C8 NAG Y . 22.51 21.68 31.18
N2 NAG Y . 20.23 21.36 31.87
O3 NAG Y . 18.54 22.85 33.57
O4 NAG Y . 15.98 21.73 34.19
O5 NAG Y . 16.88 19.97 31.11
O6 NAG Y . 13.96 20.62 33.16
O7 NAG Y . 20.62 22.02 29.76
C1 NAG Z . -8.10 -50.27 -1.48
C2 NAG Z . -7.98 -51.78 -1.60
C3 NAG Z . -6.82 -52.13 -2.52
C4 NAG Z . -7.04 -51.47 -3.87
C5 NAG Z . -7.21 -49.97 -3.68
C6 NAG Z . -7.52 -49.24 -4.97
C7 NAG Z . -8.83 -52.90 0.41
C8 NAG Z . -8.47 -53.51 1.74
N2 NAG Z . -7.82 -52.42 -0.30
O3 NAG Z . -6.73 -53.54 -2.67
O4 NAG Z . -5.93 -51.73 -4.73
O5 NAG Z . -8.28 -49.70 -2.78
O6 NAG Z . -6.82 -49.80 -6.07
O7 NAG Z . -10.00 -52.85 0.02
#